data_1Q6W
#
_entry.id   1Q6W
#
_cell.length_a   127.744
_cell.length_b   136.503
_cell.length_c   127.426
_cell.angle_alpha   90.0
_cell.angle_beta   90.0
_cell.angle_gamma   90.0
#
_symmetry.space_group_name_H-M   'P 21 21 2'
#
_entity_poly.entity_id   1
_entity_poly.type   'polypeptide(L)'
_entity_poly.pdbx_seq_one_letter_code
;MDFPRIIMARNPIYFESIQIGEKIEGLPRTVTETDIWTFAYLTADFFPLHTDVEFAKKTIFGKPIAQG(MSE)LVLSIAL
G(MSE)VDQVILSNYDVSSVIAFFGIKDVRFLRPVFIGDTIAASAEVVEKQDFDEKSGVVTYKLEVKNQRGELVLTALYS
ALIRKTPSK
;
_entity_poly.pdbx_strand_id   A,B,C,D,E,F,G,H,I,J,K,L
#
# COMPACT_ATOMS: atom_id res chain seq x y z
N ALA A 9 -45.73 1.97 17.47
CA ALA A 9 -45.66 1.61 18.93
C ALA A 9 -46.47 2.57 19.82
N ARG A 10 -47.32 2.04 20.68
CA ARG A 10 -48.15 2.87 21.57
C ARG A 10 -47.41 3.24 22.87
N ASN A 11 -47.83 2.63 23.98
CA ASN A 11 -47.23 2.87 25.29
C ASN A 11 -46.57 1.60 25.79
N PRO A 12 -45.58 1.72 26.70
CA PRO A 12 -44.91 0.52 27.21
C PRO A 12 -45.80 -0.37 28.06
N ILE A 13 -45.48 -1.67 28.06
CA ILE A 13 -46.22 -2.63 28.85
C ILE A 13 -45.32 -3.15 29.95
N TYR A 14 -45.78 -3.06 31.19
CA TYR A 14 -44.99 -3.55 32.30
C TYR A 14 -45.49 -4.92 32.77
N PHE A 15 -44.71 -5.57 33.62
CA PHE A 15 -45.04 -6.89 34.12
C PHE A 15 -46.50 -7.01 34.59
N GLU A 16 -46.95 -6.05 35.38
CA GLU A 16 -48.30 -6.05 35.92
C GLU A 16 -49.41 -5.92 34.87
N SER A 17 -49.07 -5.35 33.72
CA SER A 17 -50.03 -5.17 32.63
C SER A 17 -50.32 -6.48 31.91
N ILE A 18 -49.33 -7.38 31.89
CA ILE A 18 -49.47 -8.67 31.22
C ILE A 18 -50.30 -9.63 32.06
N GLN A 19 -51.39 -10.13 31.48
CA GLN A 19 -52.24 -11.06 32.21
C GLN A 19 -52.38 -12.40 31.51
N ILE A 20 -52.27 -13.47 32.29
CA ILE A 20 -52.36 -14.80 31.75
C ILE A 20 -53.61 -14.98 30.90
N GLY A 21 -53.45 -15.54 29.70
CA GLY A 21 -54.57 -15.77 28.81
C GLY A 21 -54.54 -14.90 27.56
N GLU A 22 -53.80 -13.80 27.62
CA GLU A 22 -53.70 -12.92 26.45
C GLU A 22 -52.99 -13.69 25.34
N LYS A 23 -53.52 -13.57 24.13
CA LYS A 23 -52.93 -14.26 23.00
C LYS A 23 -52.57 -13.30 21.86
N ILE A 24 -51.45 -13.58 21.21
CA ILE A 24 -50.98 -12.77 20.09
C ILE A 24 -51.06 -13.59 18.82
N GLU A 25 -51.66 -13.03 17.77
CA GLU A 25 -51.83 -13.71 16.50
C GLU A 25 -50.88 -13.13 15.47
N GLY A 26 -49.91 -13.93 15.03
CA GLY A 26 -48.96 -13.45 14.05
C GLY A 26 -49.52 -13.49 12.62
N LEU A 27 -48.89 -12.72 11.73
CA LEU A 27 -49.33 -12.66 10.35
C LEU A 27 -48.75 -13.85 9.57
N PRO A 28 -49.59 -14.64 8.91
CA PRO A 28 -49.15 -15.81 8.14
C PRO A 28 -48.26 -15.52 6.94
N ARG A 29 -47.33 -16.44 6.66
CA ARG A 29 -46.46 -16.34 5.50
C ARG A 29 -46.08 -17.73 4.97
N THR A 30 -45.93 -17.82 3.64
CA THR A 30 -45.59 -19.06 3.00
C THR A 30 -44.09 -19.34 3.07
N VAL A 31 -43.71 -20.45 3.69
CA VAL A 31 -42.30 -20.79 3.78
C VAL A 31 -41.85 -21.12 2.35
N THR A 32 -40.72 -20.60 1.95
CA THR A 32 -40.24 -20.77 0.60
C THR A 32 -38.81 -21.31 0.49
N GLU A 33 -38.41 -21.66 -0.73
CA GLU A 33 -37.07 -22.16 -1.00
C GLU A 33 -36.05 -21.11 -0.56
N THR A 34 -36.29 -19.86 -0.96
CA THR A 34 -35.44 -18.75 -0.57
C THR A 34 -35.26 -18.70 0.96
N ASP A 35 -36.35 -18.96 1.67
CA ASP A 35 -36.35 -19.00 3.13
C ASP A 35 -35.38 -20.08 3.61
N ILE A 36 -35.55 -21.30 3.07
CA ILE A 36 -34.72 -22.44 3.45
C ILE A 36 -33.26 -22.15 3.16
N TRP A 37 -32.97 -21.72 1.93
CA TRP A 37 -31.59 -21.42 1.56
C TRP A 37 -30.96 -20.30 2.38
N THR A 38 -31.72 -19.25 2.67
CA THR A 38 -31.17 -18.18 3.46
C THR A 38 -30.75 -18.71 4.82
N PHE A 39 -31.60 -19.52 5.43
CA PHE A 39 -31.28 -20.05 6.74
C PHE A 39 -30.04 -20.93 6.64
N ALA A 40 -29.96 -21.73 5.59
CA ALA A 40 -28.80 -22.60 5.39
C ALA A 40 -27.54 -21.75 5.21
N TYR A 41 -27.62 -20.67 4.44
CA TYR A 41 -26.47 -19.80 4.25
C TYR A 41 -26.01 -19.22 5.58
N LEU A 42 -26.94 -18.60 6.29
CA LEU A 42 -26.66 -17.96 7.57
C LEU A 42 -26.02 -18.88 8.61
N THR A 43 -26.48 -20.13 8.67
CA THR A 43 -25.96 -21.08 9.63
C THR A 43 -24.87 -21.98 9.05
N ALA A 44 -24.53 -21.75 7.77
CA ALA A 44 -23.52 -22.55 7.08
C ALA A 44 -23.77 -24.03 7.32
N ASP A 45 -25.06 -24.39 7.42
CA ASP A 45 -25.51 -25.75 7.66
C ASP A 45 -26.37 -26.28 6.53
N PHE A 46 -25.78 -27.08 5.65
CA PHE A 46 -26.50 -27.64 4.53
C PHE A 46 -26.88 -29.11 4.72
N PHE A 47 -27.70 -29.37 5.73
CA PHE A 47 -28.17 -30.73 5.99
C PHE A 47 -28.98 -31.15 4.76
N PRO A 48 -28.58 -32.24 4.10
CA PRO A 48 -29.22 -32.76 2.89
C PRO A 48 -30.75 -32.90 2.88
N LEU A 49 -31.38 -33.09 4.04
CA LEU A 49 -32.84 -33.21 4.06
C LEU A 49 -33.48 -31.87 3.63
N HIS A 50 -32.74 -30.79 3.83
CA HIS A 50 -33.23 -29.47 3.49
C HIS A 50 -32.69 -28.95 2.16
N THR A 51 -31.47 -29.33 1.79
CA THR A 51 -30.90 -28.79 0.58
C THR A 51 -30.35 -29.75 -0.46
N ASP A 52 -30.73 -31.01 -0.38
CA ASP A 52 -30.30 -32.01 -1.37
C ASP A 52 -31.53 -32.73 -1.90
N VAL A 53 -32.02 -32.31 -3.06
CA VAL A 53 -33.20 -32.90 -3.66
C VAL A 53 -33.10 -34.43 -3.77
N GLU A 54 -31.96 -34.93 -4.19
CA GLU A 54 -31.77 -36.36 -4.35
C GLU A 54 -31.86 -37.12 -3.02
N PHE A 55 -31.23 -36.57 -1.99
CA PHE A 55 -31.23 -37.19 -0.67
C PHE A 55 -32.64 -37.24 -0.08
N ALA A 56 -33.35 -36.12 -0.15
CA ALA A 56 -34.71 -36.05 0.40
C ALA A 56 -35.64 -37.15 -0.13
N LYS A 57 -35.51 -37.50 -1.42
CA LYS A 57 -36.34 -38.55 -2.03
C LYS A 57 -36.30 -39.87 -1.26
N LYS A 58 -35.12 -40.23 -0.73
CA LYS A 58 -34.96 -41.48 -0.01
C LYS A 58 -35.36 -41.41 1.47
N THR A 59 -35.91 -40.28 1.90
CA THR A 59 -36.28 -40.13 3.30
C THR A 59 -37.76 -40.37 3.53
N ILE A 60 -38.14 -40.42 4.79
CA ILE A 60 -39.53 -40.65 5.14
C ILE A 60 -40.43 -39.49 4.69
N PHE A 61 -39.82 -38.38 4.28
CA PHE A 61 -40.59 -37.21 3.86
C PHE A 61 -40.76 -37.13 2.35
N GLY A 62 -39.84 -37.77 1.61
CA GLY A 62 -39.94 -37.77 0.16
C GLY A 62 -39.53 -36.48 -0.52
N LYS A 63 -39.97 -35.35 0.03
CA LYS A 63 -39.63 -34.03 -0.51
C LYS A 63 -38.74 -33.35 0.53
N PRO A 64 -38.13 -32.23 0.16
CA PRO A 64 -37.28 -31.56 1.14
C PRO A 64 -38.19 -30.76 2.06
N ILE A 65 -37.74 -30.50 3.30
CA ILE A 65 -38.55 -29.75 4.27
C ILE A 65 -37.77 -28.62 4.95
N ALA A 66 -38.50 -27.68 5.54
CA ALA A 66 -37.88 -26.56 6.21
C ALA A 66 -37.16 -26.98 7.47
N GLN A 67 -36.17 -26.21 7.88
CA GLN A 67 -35.44 -26.52 9.09
C GLN A 67 -36.32 -26.18 10.27
N GLY A 68 -36.30 -27.00 11.32
CA GLY A 68 -37.11 -26.70 12.49
C GLY A 68 -36.71 -25.38 13.11
N MSE A 69 -35.41 -25.09 13.18
CA MSE A 69 -34.95 -23.81 13.73
C MSE A 69 -35.48 -22.64 12.89
O MSE A 69 -35.71 -21.56 13.43
CB MSE A 69 -33.43 -23.76 13.77
CG MSE A 69 -32.82 -24.52 14.93
SE MSE A 69 -33.51 -23.92 16.63
CE MSE A 69 -32.60 -22.23 16.77
N LEU A 70 -35.67 -22.87 11.58
CA LEU A 70 -36.18 -21.84 10.71
C LEU A 70 -37.64 -21.54 11.07
N VAL A 71 -38.43 -22.59 11.19
CA VAL A 71 -39.84 -22.42 11.51
C VAL A 71 -40.00 -21.72 12.87
N LEU A 72 -39.15 -22.10 13.82
CA LEU A 72 -39.21 -21.51 15.14
C LEU A 72 -38.87 -20.02 15.06
N SER A 73 -37.80 -19.69 14.35
CA SER A 73 -37.37 -18.31 14.18
C SER A 73 -38.43 -17.46 13.49
N ILE A 74 -38.98 -17.95 12.37
CA ILE A 74 -40.01 -17.20 11.70
C ILE A 74 -41.22 -17.01 12.60
N ALA A 75 -41.57 -18.04 13.37
CA ALA A 75 -42.70 -17.99 14.29
C ALA A 75 -42.51 -16.89 15.34
N LEU A 76 -41.44 -16.99 16.13
CA LEU A 76 -41.17 -15.99 17.14
C LEU A 76 -41.16 -14.60 16.50
N GLY A 77 -40.64 -14.55 15.28
CA GLY A 77 -40.55 -13.30 14.57
C GLY A 77 -41.88 -12.68 14.24
N MSE A 78 -42.80 -13.44 13.67
CA MSE A 78 -44.07 -12.84 13.32
C MSE A 78 -44.90 -12.47 14.54
O MSE A 78 -45.79 -11.62 14.46
CB MSE A 78 -44.85 -13.72 12.34
CG MSE A 78 -45.08 -15.16 12.76
SE MSE A 78 -45.92 -16.21 11.34
CE MSE A 78 -44.57 -17.57 11.11
N VAL A 79 -44.59 -13.08 15.69
CA VAL A 79 -45.30 -12.77 16.92
C VAL A 79 -44.77 -11.47 17.49
N ASP A 80 -43.44 -11.33 17.46
CA ASP A 80 -42.81 -10.12 17.97
C ASP A 80 -43.18 -8.92 17.12
N GLN A 81 -43.38 -9.14 15.83
CA GLN A 81 -43.75 -8.07 14.92
C GLN A 81 -45.04 -7.38 15.39
N VAL A 82 -45.97 -8.15 15.95
CA VAL A 82 -47.22 -7.58 16.44
C VAL A 82 -46.99 -6.74 17.71
N ILE A 83 -46.16 -7.24 18.61
CA ILE A 83 -45.86 -6.51 19.84
C ILE A 83 -45.15 -5.22 19.48
N LEU A 84 -44.14 -5.34 18.63
CA LEU A 84 -43.34 -4.21 18.16
C LEU A 84 -44.14 -3.05 17.59
N SER A 85 -45.26 -3.35 16.94
CA SER A 85 -46.05 -2.28 16.36
C SER A 85 -47.22 -1.84 17.21
N ASN A 86 -47.29 -2.32 18.44
CA ASN A 86 -48.38 -1.93 19.33
C ASN A 86 -47.93 -1.47 20.71
N TYR A 87 -46.67 -1.71 21.06
CA TYR A 87 -46.17 -1.31 22.37
C TYR A 87 -44.77 -0.77 22.35
N ASP A 88 -44.43 -0.04 23.40
CA ASP A 88 -43.08 0.49 23.54
C ASP A 88 -42.40 -0.64 24.27
N VAL A 89 -41.53 -1.35 23.56
CA VAL A 89 -40.86 -2.51 24.14
C VAL A 89 -39.63 -2.19 25.01
N SER A 90 -39.49 -0.95 25.47
CA SER A 90 -38.35 -0.62 26.32
C SER A 90 -38.41 -1.38 27.63
N SER A 91 -39.61 -1.86 27.98
CA SER A 91 -39.80 -2.62 29.22
C SER A 91 -39.43 -4.10 29.05
N VAL A 92 -39.25 -4.53 27.80
CA VAL A 92 -38.86 -5.91 27.52
C VAL A 92 -37.34 -5.93 27.66
N ILE A 93 -36.88 -6.37 28.84
CA ILE A 93 -35.46 -6.41 29.16
C ILE A 93 -34.62 -7.48 28.45
N ALA A 94 -35.06 -8.73 28.51
CA ALA A 94 -34.30 -9.81 27.89
C ALA A 94 -35.10 -11.06 27.57
N PHE A 95 -34.54 -11.84 26.67
CA PHE A 95 -35.11 -13.11 26.25
C PHE A 95 -34.54 -14.06 27.29
N PHE A 96 -35.37 -14.51 28.22
CA PHE A 96 -34.92 -15.40 29.27
C PHE A 96 -34.50 -16.79 28.79
N GLY A 97 -35.44 -17.51 28.18
CA GLY A 97 -35.11 -18.83 27.69
C GLY A 97 -36.24 -19.49 26.93
N ILE A 98 -35.99 -20.69 26.43
CA ILE A 98 -36.98 -21.45 25.68
C ILE A 98 -36.96 -22.78 26.37
N LYS A 99 -38.00 -23.05 27.16
CA LYS A 99 -38.11 -24.27 27.94
C LYS A 99 -38.51 -25.51 27.18
N ASP A 100 -39.25 -25.37 26.10
CA ASP A 100 -39.63 -26.56 25.38
C ASP A 100 -39.99 -26.28 23.96
N VAL A 101 -39.55 -27.16 23.07
CA VAL A 101 -39.86 -26.99 21.68
C VAL A 101 -40.09 -28.38 21.14
N ARG A 102 -41.26 -28.57 20.54
CA ARG A 102 -41.59 -29.85 19.95
C ARG A 102 -41.88 -29.70 18.45
N PHE A 103 -41.14 -30.43 17.63
CA PHE A 103 -41.34 -30.39 16.19
C PHE A 103 -42.35 -31.50 15.87
N LEU A 104 -43.60 -31.13 15.71
CA LEU A 104 -44.65 -32.10 15.47
C LEU A 104 -44.83 -32.60 14.05
N ARG A 105 -44.99 -31.68 13.12
CA ARG A 105 -45.21 -32.02 11.72
C ARG A 105 -44.20 -31.27 10.86
N PRO A 106 -43.86 -31.83 9.70
CA PRO A 106 -42.90 -31.16 8.82
C PRO A 106 -43.55 -30.03 8.02
N VAL A 107 -42.77 -29.02 7.69
CA VAL A 107 -43.25 -27.90 6.90
C VAL A 107 -42.60 -28.02 5.51
N PHE A 108 -43.42 -28.17 4.48
CA PHE A 108 -42.91 -28.29 3.13
C PHE A 108 -42.76 -26.94 2.41
N ILE A 109 -41.96 -26.91 1.35
CA ILE A 109 -41.69 -25.69 0.60
C ILE A 109 -42.86 -24.81 0.20
N GLY A 110 -44.06 -25.33 0.16
CA GLY A 110 -45.15 -24.43 -0.22
C GLY A 110 -46.17 -24.15 0.88
N ASP A 111 -45.88 -24.63 2.07
CA ASP A 111 -46.78 -24.47 3.19
C ASP A 111 -46.80 -23.04 3.71
N THR A 112 -47.94 -22.66 4.27
CA THR A 112 -48.12 -21.33 4.84
C THR A 112 -48.30 -21.51 6.33
N ILE A 113 -47.32 -21.07 7.11
CA ILE A 113 -47.41 -21.22 8.55
C ILE A 113 -47.89 -19.98 9.28
N ALA A 114 -48.58 -20.19 10.40
CA ALA A 114 -49.11 -19.11 11.21
C ALA A 114 -48.83 -19.43 12.67
N ALA A 115 -48.31 -18.46 13.40
CA ALA A 115 -47.97 -18.67 14.79
C ALA A 115 -48.80 -17.84 15.72
N SER A 116 -48.99 -18.34 16.93
CA SER A 116 -49.72 -17.62 17.95
C SER A 116 -49.00 -17.83 19.26
N ALA A 117 -49.04 -16.82 20.12
CA ALA A 117 -48.42 -16.92 21.43
C ALA A 117 -49.47 -16.58 22.51
N GLU A 118 -49.46 -17.33 23.60
CA GLU A 118 -50.40 -17.09 24.67
C GLU A 118 -49.69 -17.02 26.01
N VAL A 119 -50.03 -16.03 26.84
CA VAL A 119 -49.40 -15.93 28.14
C VAL A 119 -49.93 -17.03 29.02
N VAL A 120 -49.02 -17.86 29.54
CA VAL A 120 -49.43 -18.97 30.38
C VAL A 120 -48.88 -18.93 31.79
N GLU A 121 -47.91 -18.07 32.05
CA GLU A 121 -47.32 -18.00 33.37
C GLU A 121 -46.62 -16.67 33.68
N LYS A 122 -46.62 -16.31 34.96
CA LYS A 122 -45.97 -15.09 35.42
C LYS A 122 -45.33 -15.41 36.75
N GLN A 123 -44.10 -14.96 36.91
CA GLN A 123 -43.35 -15.21 38.11
C GLN A 123 -42.66 -13.91 38.51
N ASP A 124 -42.63 -13.61 39.81
CA ASP A 124 -41.92 -12.41 40.23
C ASP A 124 -40.43 -12.79 40.11
N PHE A 125 -39.58 -11.80 39.85
CA PHE A 125 -38.16 -12.08 39.71
C PHE A 125 -37.35 -11.29 40.73
N ASP A 126 -37.59 -9.98 40.75
CA ASP A 126 -36.92 -9.07 41.67
C ASP A 126 -37.85 -7.88 41.84
N GLU A 127 -37.38 -6.85 42.54
CA GLU A 127 -38.19 -5.67 42.78
C GLU A 127 -38.44 -4.82 41.55
N LYS A 128 -37.68 -5.08 40.48
CA LYS A 128 -37.83 -4.30 39.25
C LYS A 128 -38.36 -5.06 38.03
N SER A 129 -38.57 -6.37 38.17
CA SER A 129 -39.07 -7.13 37.04
C SER A 129 -39.57 -8.52 37.38
N GLY A 130 -40.29 -9.10 36.43
CA GLY A 130 -40.82 -10.44 36.58
C GLY A 130 -40.71 -11.17 35.26
N VAL A 131 -40.78 -12.50 35.28
CA VAL A 131 -40.69 -13.24 34.04
C VAL A 131 -42.06 -13.72 33.58
N VAL A 132 -42.33 -13.55 32.28
CA VAL A 132 -43.58 -13.96 31.69
C VAL A 132 -43.29 -15.13 30.79
N THR A 133 -44.12 -16.16 30.88
CA THR A 133 -43.95 -17.33 30.03
C THR A 133 -45.05 -17.44 28.99
N TYR A 134 -44.65 -17.69 27.74
CA TYR A 134 -45.61 -17.79 26.66
C TYR A 134 -45.66 -19.17 26.05
N LYS A 135 -46.82 -19.56 25.56
CA LYS A 135 -46.97 -20.83 24.90
C LYS A 135 -47.04 -20.50 23.41
N LEU A 136 -46.12 -21.05 22.63
CA LEU A 136 -46.10 -20.79 21.21
C LEU A 136 -46.72 -21.93 20.43
N GLU A 137 -47.55 -21.59 19.45
CA GLU A 137 -48.19 -22.59 18.61
C GLU A 137 -48.09 -22.17 17.16
N VAL A 138 -47.62 -23.09 16.32
CA VAL A 138 -47.48 -22.82 14.90
C VAL A 138 -48.34 -23.82 14.11
N LYS A 139 -49.23 -23.31 13.27
CA LYS A 139 -50.12 -24.15 12.47
C LYS A 139 -49.96 -23.88 10.98
N ASN A 140 -50.19 -24.90 10.13
CA ASN A 140 -50.07 -24.71 8.69
C ASN A 140 -51.41 -24.33 8.07
N GLN A 141 -51.44 -24.18 6.75
CA GLN A 141 -52.64 -23.77 6.05
C GLN A 141 -53.86 -24.64 6.30
N ARG A 142 -53.68 -25.90 6.64
CA ARG A 142 -54.85 -26.73 6.89
C ARG A 142 -55.09 -27.01 8.37
N GLY A 143 -54.75 -26.04 9.22
CA GLY A 143 -54.97 -26.15 10.64
C GLY A 143 -54.09 -27.06 11.47
N GLU A 144 -53.31 -27.92 10.83
CA GLU A 144 -52.44 -28.84 11.55
C GLU A 144 -51.39 -28.11 12.41
N LEU A 145 -51.10 -28.67 13.57
CA LEU A 145 -50.12 -28.09 14.48
C LEU A 145 -48.74 -28.63 14.07
N VAL A 146 -47.87 -27.77 13.56
CA VAL A 146 -46.56 -28.21 13.13
C VAL A 146 -45.47 -28.04 14.19
N LEU A 147 -45.60 -27.05 15.06
CA LEU A 147 -44.59 -26.83 16.07
C LEU A 147 -45.20 -26.22 17.31
N THR A 148 -44.63 -26.55 18.46
CA THR A 148 -45.12 -26.02 19.72
C THR A 148 -43.91 -25.70 20.59
N ALA A 149 -44.03 -24.66 21.41
CA ALA A 149 -42.92 -24.28 22.27
C ALA A 149 -43.32 -23.42 23.46
N LEU A 150 -42.42 -23.38 24.43
CA LEU A 150 -42.61 -22.61 25.65
C LEU A 150 -41.39 -21.69 25.78
N TYR A 151 -41.62 -20.38 25.81
CA TYR A 151 -40.50 -19.45 25.95
C TYR A 151 -40.85 -18.38 26.96
N SER A 152 -39.84 -17.72 27.51
CA SER A 152 -40.10 -16.70 28.51
C SER A 152 -39.25 -15.45 28.36
N ALA A 153 -39.82 -14.31 28.71
CA ALA A 153 -39.11 -13.04 28.63
C ALA A 153 -39.11 -12.35 29.98
N LEU A 154 -38.05 -11.58 30.25
CA LEU A 154 -37.95 -10.86 31.50
C LEU A 154 -38.45 -9.43 31.22
N ILE A 155 -39.57 -9.05 31.84
CA ILE A 155 -40.09 -7.71 31.60
C ILE A 155 -40.17 -6.85 32.85
N ARG A 156 -39.87 -5.57 32.66
CA ARG A 156 -39.86 -4.56 33.71
C ARG A 156 -41.19 -4.32 34.41
N LYS A 157 -41.13 -4.06 35.71
CA LYS A 157 -42.33 -3.79 36.50
C LYS A 157 -42.59 -2.29 36.51
N THR A 158 -43.85 -1.90 36.69
CA THR A 158 -44.22 -0.50 36.71
C THR A 158 -43.45 0.29 37.76
N PRO A 159 -43.09 1.54 37.43
CA PRO A 159 -42.36 2.46 38.30
C PRO A 159 -43.29 3.10 39.35
N ALA B 9 -19.00 -37.27 5.32
CA ALA B 9 -19.24 -37.75 3.97
C ALA B 9 -18.56 -39.11 3.68
N ARG B 10 -18.58 -40.02 4.66
CA ARG B 10 -17.99 -41.37 4.51
C ARG B 10 -18.93 -42.51 4.95
N ASN B 11 -19.00 -42.77 6.25
CA ASN B 11 -19.88 -43.85 6.71
C ASN B 11 -20.96 -43.43 7.67
N PRO B 12 -22.15 -44.03 7.52
CA PRO B 12 -23.26 -43.66 8.41
C PRO B 12 -23.06 -44.09 9.87
N ILE B 13 -23.65 -43.32 10.77
CA ILE B 13 -23.58 -43.60 12.19
C ILE B 13 -24.96 -43.99 12.66
N TYR B 14 -25.06 -45.17 13.29
CA TYR B 14 -26.34 -45.62 13.79
C TYR B 14 -26.44 -45.39 15.29
N PHE B 15 -27.66 -45.51 15.83
CA PHE B 15 -27.91 -45.30 17.24
C PHE B 15 -26.88 -45.96 18.15
N GLU B 16 -26.59 -47.23 17.89
CA GLU B 16 -25.63 -48.00 18.69
C GLU B 16 -24.20 -47.49 18.64
N SER B 17 -23.86 -46.79 17.56
CA SER B 17 -22.51 -46.25 17.41
C SER B 17 -22.28 -45.04 18.31
N ILE B 18 -23.37 -44.30 18.58
CA ILE B 18 -23.27 -43.09 19.40
C ILE B 18 -23.14 -43.48 20.87
N GLN B 19 -22.09 -42.99 21.51
CA GLN B 19 -21.89 -43.28 22.93
C GLN B 19 -21.80 -42.01 23.78
N ILE B 20 -22.50 -42.03 24.91
CA ILE B 20 -22.53 -40.88 25.80
C ILE B 20 -21.13 -40.42 26.15
N GLY B 21 -20.90 -39.11 26.07
CA GLY B 21 -19.61 -38.54 26.37
C GLY B 21 -18.89 -37.99 25.14
N GLU B 22 -19.25 -38.48 23.95
CA GLU B 22 -18.62 -37.97 22.73
C GLU B 22 -18.96 -36.48 22.60
N LYS B 23 -17.96 -35.68 22.22
CA LYS B 23 -18.16 -34.25 22.07
C LYS B 23 -17.75 -33.77 20.68
N ILE B 24 -18.53 -32.83 20.14
CA ILE B 24 -18.25 -32.27 18.82
C ILE B 24 -17.84 -30.81 18.99
N GLU B 25 -16.72 -30.44 18.38
CA GLU B 25 -16.20 -29.08 18.49
C GLU B 25 -16.45 -28.31 17.19
N GLY B 26 -17.29 -27.28 17.27
CA GLY B 26 -17.57 -26.49 16.07
C GLY B 26 -16.49 -25.48 15.76
N LEU B 27 -16.43 -25.04 14.51
CA LEU B 27 -15.45 -24.05 14.06
C LEU B 27 -15.94 -22.63 14.43
N PRO B 28 -15.12 -21.88 15.19
CA PRO B 28 -15.47 -20.52 15.62
C PRO B 28 -15.67 -19.49 14.52
N ARG B 29 -16.56 -18.53 14.76
CA ARG B 29 -16.82 -17.45 13.81
C ARG B 29 -17.29 -16.20 14.53
N THR B 30 -16.87 -15.05 14.01
CA THR B 30 -17.20 -13.78 14.61
C THR B 30 -18.60 -13.32 14.22
N VAL B 31 -19.46 -13.12 15.21
CA VAL B 31 -20.81 -12.66 14.90
C VAL B 31 -20.66 -11.24 14.40
N THR B 32 -21.32 -10.93 13.29
CA THR B 32 -21.22 -9.62 12.68
C THR B 32 -22.54 -8.89 12.47
N GLU B 33 -22.45 -7.62 12.11
CA GLU B 33 -23.62 -6.79 11.82
C GLU B 33 -24.44 -7.47 10.73
N THR B 34 -23.77 -7.89 9.66
CA THR B 34 -24.41 -8.58 8.56
C THR B 34 -25.20 -9.78 9.07
N ASP B 35 -24.63 -10.52 10.02
CA ASP B 35 -25.29 -11.67 10.65
C ASP B 35 -26.59 -11.22 11.29
N ILE B 36 -26.50 -10.21 12.17
CA ILE B 36 -27.68 -9.70 12.87
C ILE B 36 -28.76 -9.26 11.89
N TRP B 37 -28.38 -8.44 10.90
CA TRP B 37 -29.34 -7.94 9.93
C TRP B 37 -29.95 -9.04 9.08
N THR B 38 -29.14 -10.00 8.67
CA THR B 38 -29.67 -11.09 7.89
C THR B 38 -30.77 -11.82 8.69
N PHE B 39 -30.51 -12.06 9.97
CA PHE B 39 -31.48 -12.76 10.81
C PHE B 39 -32.72 -11.91 10.95
N ALA B 40 -32.52 -10.62 11.13
CA ALA B 40 -33.65 -9.69 11.24
C ALA B 40 -34.47 -9.69 9.94
N TYR B 41 -33.81 -9.67 8.78
CA TYR B 41 -34.52 -9.72 7.50
C TYR B 41 -35.35 -10.98 7.39
N LEU B 42 -34.69 -12.12 7.58
CA LEU B 42 -35.32 -13.44 7.48
C LEU B 42 -36.54 -13.62 8.35
N THR B 43 -36.48 -13.11 9.58
CA THR B 43 -37.58 -13.26 10.51
C THR B 43 -38.50 -12.03 10.55
N ALA B 44 -38.22 -11.06 9.67
CA ALA B 44 -38.99 -9.82 9.61
C ALA B 44 -39.22 -9.27 11.01
N ASP B 45 -38.24 -9.47 11.87
CA ASP B 45 -38.30 -9.04 13.26
C ASP B 45 -37.20 -8.02 13.58
N PHE B 46 -37.55 -6.75 13.65
CA PHE B 46 -36.58 -5.73 13.95
C PHE B 46 -36.70 -5.20 15.37
N PHE B 47 -36.46 -6.07 16.36
CA PHE B 47 -36.51 -5.66 17.75
C PHE B 47 -35.37 -4.64 17.94
N PRO B 48 -35.71 -3.42 18.40
CA PRO B 48 -34.77 -2.33 18.62
C PRO B 48 -33.47 -2.62 19.36
N LEU B 49 -33.47 -3.60 20.26
CA LEU B 49 -32.25 -3.91 21.00
C LEU B 49 -31.19 -4.42 20.02
N HIS B 50 -31.64 -5.01 18.90
CA HIS B 50 -30.72 -5.56 17.92
C HIS B 50 -30.49 -4.63 16.75
N THR B 51 -31.52 -3.90 16.34
CA THR B 51 -31.36 -3.04 15.17
C THR B 51 -31.62 -1.55 15.27
N ASP B 52 -31.61 -1.01 16.49
CA ASP B 52 -31.81 0.42 16.71
C ASP B 52 -30.69 0.95 17.62
N VAL B 53 -29.68 1.53 17.00
CA VAL B 53 -28.55 2.07 17.72
C VAL B 53 -28.96 3.02 18.87
N GLU B 54 -29.91 3.89 18.61
CA GLU B 54 -30.35 4.82 19.64
C GLU B 54 -31.05 4.14 20.82
N PHE B 55 -31.86 3.14 20.53
CA PHE B 55 -32.58 2.43 21.56
C PHE B 55 -31.64 1.64 22.48
N ALA B 56 -30.69 0.94 21.86
CA ALA B 56 -29.74 0.12 22.61
C ALA B 56 -28.99 0.93 23.67
N LYS B 57 -28.67 2.18 23.34
CA LYS B 57 -27.95 3.04 24.28
C LYS B 57 -28.63 3.15 25.64
N LYS B 58 -29.96 3.19 25.64
CA LYS B 58 -30.71 3.30 26.88
C LYS B 58 -30.96 1.97 27.60
N THR B 59 -30.41 0.87 27.09
CA THR B 59 -30.64 -0.42 27.71
C THR B 59 -29.51 -0.83 28.64
N ILE B 60 -29.73 -1.91 29.37
CA ILE B 60 -28.73 -2.42 30.29
C ILE B 60 -27.46 -2.91 29.56
N PHE B 61 -27.54 -3.03 28.23
CA PHE B 61 -26.40 -3.50 27.46
C PHE B 61 -25.59 -2.35 26.87
N GLY B 62 -26.24 -1.21 26.67
CA GLY B 62 -25.55 -0.05 26.12
C GLY B 62 -25.29 -0.08 24.62
N LYS B 63 -24.85 -1.23 24.12
CA LYS B 63 -24.59 -1.41 22.70
C LYS B 63 -25.61 -2.41 22.19
N PRO B 64 -25.73 -2.56 20.88
CA PRO B 64 -26.71 -3.53 20.39
C PRO B 64 -26.12 -4.91 20.53
N ILE B 65 -26.98 -5.94 20.61
CA ILE B 65 -26.52 -7.32 20.74
C ILE B 65 -27.19 -8.28 19.77
N ALA B 66 -26.60 -9.46 19.60
CA ALA B 66 -27.14 -10.44 18.67
C ALA B 66 -28.41 -11.05 19.23
N GLN B 67 -29.26 -11.56 18.36
CA GLN B 67 -30.49 -12.20 18.78
C GLN B 67 -30.13 -13.57 19.33
N GLY B 68 -30.82 -13.97 20.40
CA GLY B 68 -30.54 -15.26 20.99
C GLY B 68 -30.79 -16.36 19.98
N MSE B 69 -31.89 -16.26 19.25
CA MSE B 69 -32.19 -17.28 18.24
C MSE B 69 -31.08 -17.35 17.18
O MSE B 69 -30.84 -18.41 16.59
CB MSE B 69 -33.52 -16.97 17.57
CG MSE B 69 -34.72 -17.37 18.41
SE MSE B 69 -34.63 -19.24 18.93
CE MSE B 69 -35.08 -20.04 17.22
N LEU B 70 -30.40 -16.22 16.92
CA LEU B 70 -29.33 -16.21 15.93
C LEU B 70 -28.15 -17.01 16.47
N VAL B 71 -27.76 -16.73 17.72
CA VAL B 71 -26.65 -17.43 18.34
C VAL B 71 -26.93 -18.93 18.39
N LEU B 72 -28.16 -19.30 18.75
CA LEU B 72 -28.54 -20.69 18.80
C LEU B 72 -28.42 -21.33 17.41
N SER B 73 -28.95 -20.66 16.41
CA SER B 73 -28.92 -21.19 15.04
C SER B 73 -27.51 -21.36 14.52
N ILE B 74 -26.66 -20.34 14.73
CA ILE B 74 -25.29 -20.44 14.26
C ILE B 74 -24.56 -21.57 15.00
N ALA B 75 -24.87 -21.71 16.29
CA ALA B 75 -24.25 -22.75 17.11
C ALA B 75 -24.59 -24.14 16.57
N LEU B 76 -25.88 -24.45 16.49
CA LEU B 76 -26.29 -25.76 16.00
C LEU B 76 -25.71 -25.99 14.62
N GLY B 77 -25.63 -24.91 13.84
CA GLY B 77 -25.09 -24.99 12.49
C GLY B 77 -23.62 -25.38 12.42
N MSE B 78 -22.76 -24.74 13.21
CA MSE B 78 -21.35 -25.08 13.13
C MSE B 78 -21.08 -26.48 13.70
O MSE B 78 -20.07 -27.11 13.36
CB MSE B 78 -20.48 -23.99 13.79
CG MSE B 78 -20.81 -23.61 15.22
SE MSE B 78 -19.74 -22.06 15.82
CE MSE B 78 -21.16 -20.86 16.29
N VAL B 79 -21.99 -26.98 14.53
CA VAL B 79 -21.82 -28.31 15.09
C VAL B 79 -22.20 -29.34 14.03
N ASP B 80 -23.29 -29.06 13.32
CA ASP B 80 -23.77 -29.98 12.30
C ASP B 80 -22.77 -30.02 11.15
N GLN B 81 -22.08 -28.92 10.92
CA GLN B 81 -21.12 -28.86 9.84
C GLN B 81 -20.04 -29.91 10.03
N VAL B 82 -19.67 -30.18 11.28
CA VAL B 82 -18.65 -31.20 11.57
C VAL B 82 -19.18 -32.61 11.29
N ILE B 83 -20.40 -32.87 11.73
CA ILE B 83 -21.02 -34.16 11.49
C ILE B 83 -21.19 -34.38 9.99
N LEU B 84 -21.67 -33.35 9.32
CA LEU B 84 -21.90 -33.38 7.89
C LEU B 84 -20.68 -33.76 7.06
N SER B 85 -19.51 -33.35 7.49
CA SER B 85 -18.33 -33.67 6.72
C SER B 85 -17.56 -34.90 7.22
N ASN B 86 -18.14 -35.64 8.15
CA ASN B 86 -17.47 -36.83 8.67
C ASN B 86 -18.33 -38.09 8.65
N TYR B 87 -19.63 -37.94 8.45
CA TYR B 87 -20.53 -39.09 8.45
C TYR B 87 -21.63 -39.00 7.40
N ASP B 88 -22.18 -40.16 7.06
CA ASP B 88 -23.27 -40.24 6.13
C ASP B 88 -24.47 -40.05 7.05
N VAL B 89 -25.11 -38.90 6.94
CA VAL B 89 -26.22 -38.58 7.81
C VAL B 89 -27.59 -39.14 7.39
N SER B 90 -27.58 -40.14 6.53
CA SER B 90 -28.83 -40.74 6.10
C SER B 90 -29.51 -41.43 7.30
N SER B 91 -28.74 -41.69 8.35
CA SER B 91 -29.30 -42.33 9.54
C SER B 91 -29.94 -41.32 10.49
N VAL B 92 -29.64 -40.03 10.27
CA VAL B 92 -30.23 -38.98 11.10
C VAL B 92 -31.61 -38.72 10.53
N ILE B 93 -32.62 -39.32 11.15
CA ILE B 93 -34.00 -39.22 10.70
C ILE B 93 -34.71 -37.87 10.91
N ALA B 94 -34.68 -37.36 12.13
CA ALA B 94 -35.35 -36.10 12.42
C ALA B 94 -34.83 -35.34 13.64
N PHE B 95 -35.16 -34.05 13.67
CA PHE B 95 -34.78 -33.18 14.76
C PHE B 95 -35.95 -33.37 15.72
N PHE B 96 -35.71 -34.06 16.82
CA PHE B 96 -36.79 -34.33 17.77
C PHE B 96 -37.29 -33.10 18.51
N GLY B 97 -36.41 -32.45 19.25
CA GLY B 97 -36.81 -31.27 19.97
C GLY B 97 -35.65 -30.59 20.66
N ILE B 98 -35.96 -29.46 21.28
CA ILE B 98 -34.96 -28.71 22.03
C ILE B 98 -35.68 -28.63 23.34
N LYS B 99 -35.04 -29.10 24.39
CA LYS B 99 -35.65 -29.11 25.70
C LYS B 99 -35.34 -27.89 26.53
N ASP B 100 -34.11 -27.44 26.51
CA ASP B 100 -33.81 -26.29 27.32
C ASP B 100 -32.80 -25.41 26.64
N VAL B 101 -33.10 -24.13 26.64
CA VAL B 101 -32.20 -23.16 26.07
C VAL B 101 -32.11 -22.05 27.08
N ARG B 102 -30.88 -21.73 27.47
CA ARG B 102 -30.64 -20.66 28.42
C ARG B 102 -29.70 -19.63 27.83
N PHE B 103 -30.17 -18.39 27.76
CA PHE B 103 -29.36 -17.30 27.23
C PHE B 103 -28.66 -16.68 28.44
N LEU B 104 -27.41 -17.06 28.62
CA LEU B 104 -26.63 -16.61 29.76
C LEU B 104 -25.98 -15.23 29.65
N ARG B 105 -25.19 -15.04 28.60
CA ARG B 105 -24.49 -13.79 28.40
C ARG B 105 -24.81 -13.24 27.00
N PRO B 106 -24.76 -11.91 26.84
CA PRO B 106 -25.04 -11.33 25.53
C PRO B 106 -23.85 -11.46 24.59
N VAL B 107 -24.13 -11.53 23.29
CA VAL B 107 -23.08 -11.61 22.30
C VAL B 107 -23.07 -10.27 21.55
N PHE B 108 -21.94 -9.58 21.59
CA PHE B 108 -21.82 -8.28 20.91
C PHE B 108 -21.30 -8.42 19.48
N ILE B 109 -21.54 -7.38 18.68
CA ILE B 109 -21.16 -7.37 17.27
C ILE B 109 -19.73 -7.78 16.90
N GLY B 110 -18.80 -7.74 17.84
CA GLY B 110 -17.46 -8.17 17.46
C GLY B 110 -17.00 -9.46 18.09
N ASP B 111 -17.88 -10.09 18.86
CA ASP B 111 -17.58 -11.34 19.55
C ASP B 111 -17.41 -12.55 18.63
N THR B 112 -16.57 -13.49 19.05
CA THR B 112 -16.33 -14.70 18.28
C THR B 112 -16.84 -15.84 19.10
N ILE B 113 -17.93 -16.46 18.66
CA ILE B 113 -18.51 -17.57 19.40
C ILE B 113 -18.08 -18.96 18.89
N ALA B 114 -18.03 -19.91 19.81
CA ALA B 114 -17.65 -21.28 19.52
C ALA B 114 -18.61 -22.19 20.23
N ALA B 115 -19.14 -23.17 19.51
CA ALA B 115 -20.08 -24.10 20.09
C ALA B 115 -19.56 -25.53 20.15
N SER B 116 -20.05 -26.27 21.15
CA SER B 116 -19.67 -27.65 21.31
C SER B 116 -20.91 -28.43 21.69
N ALA B 117 -20.99 -29.67 21.24
CA ALA B 117 -22.12 -30.52 21.57
C ALA B 117 -21.58 -31.84 22.19
N GLU B 118 -22.26 -32.30 23.24
CA GLU B 118 -21.86 -33.54 23.90
C GLU B 118 -23.04 -34.47 24.06
N VAL B 119 -22.86 -35.75 23.74
CA VAL B 119 -23.94 -36.70 23.89
C VAL B 119 -24.13 -36.93 25.39
N VAL B 120 -25.35 -36.70 25.87
CA VAL B 120 -25.64 -36.86 27.28
C VAL B 120 -26.74 -37.86 27.57
N GLU B 121 -27.45 -38.30 26.54
CA GLU B 121 -28.52 -39.26 26.76
C GLU B 121 -28.92 -40.05 25.53
N LYS B 122 -29.38 -41.29 25.77
CA LYS B 122 -29.84 -42.17 24.69
C LYS B 122 -31.04 -42.94 25.19
N GLN B 123 -32.05 -43.07 24.32
CA GLN B 123 -33.25 -43.79 24.66
C GLN B 123 -33.70 -44.53 23.46
N ASP B 124 -34.11 -45.76 23.66
CA ASP B 124 -34.61 -46.53 22.56
C ASP B 124 -35.95 -45.86 22.19
N PHE B 125 -36.32 -45.97 20.91
CA PHE B 125 -37.56 -45.36 20.43
C PHE B 125 -38.47 -46.42 19.85
N ASP B 126 -37.92 -47.18 18.91
CA ASP B 126 -38.65 -48.26 18.24
C ASP B 126 -37.61 -49.27 17.75
N GLU B 127 -38.06 -50.28 17.01
CA GLU B 127 -37.14 -51.29 16.53
C GLU B 127 -36.17 -50.80 15.46
N LYS B 128 -36.43 -49.61 14.92
CA LYS B 128 -35.57 -49.08 13.87
C LYS B 128 -34.77 -47.84 14.23
N SER B 129 -35.02 -47.28 15.41
CA SER B 129 -34.28 -46.08 15.79
C SER B 129 -34.37 -45.73 17.28
N GLY B 130 -33.49 -44.82 17.68
CA GLY B 130 -33.47 -44.35 19.06
C GLY B 130 -33.18 -42.86 19.06
N VAL B 131 -33.47 -42.18 20.16
CA VAL B 131 -33.21 -40.74 20.24
C VAL B 131 -31.95 -40.45 21.05
N VAL B 132 -31.12 -39.58 20.51
CA VAL B 132 -29.89 -39.17 21.16
C VAL B 132 -30.07 -37.72 21.61
N THR B 133 -29.67 -37.42 22.82
CA THR B 133 -29.79 -36.06 23.33
C THR B 133 -28.41 -35.44 23.50
N TYR B 134 -28.27 -34.21 23.03
CA TYR B 134 -27.00 -33.51 23.10
C TYR B 134 -27.09 -32.30 23.99
N LYS B 135 -25.97 -31.97 24.65
CA LYS B 135 -25.90 -30.79 25.49
C LYS B 135 -25.08 -29.80 24.65
N LEU B 136 -25.67 -28.64 24.37
CA LEU B 136 -25.01 -27.61 23.59
C LEU B 136 -24.45 -26.51 24.46
N GLU B 137 -23.21 -26.13 24.19
CA GLU B 137 -22.55 -25.07 24.92
C GLU B 137 -21.88 -24.10 23.97
N VAL B 138 -22.17 -22.81 24.14
CA VAL B 138 -21.61 -21.76 23.30
C VAL B 138 -20.80 -20.79 24.17
N LYS B 139 -19.52 -20.63 23.81
CA LYS B 139 -18.57 -19.75 24.52
C LYS B 139 -18.05 -18.61 23.62
N ASN B 140 -17.80 -17.43 24.19
CA ASN B 140 -17.26 -16.31 23.39
C ASN B 140 -15.74 -16.32 23.39
N GLN B 141 -15.13 -15.33 22.74
CA GLN B 141 -13.67 -15.26 22.64
C GLN B 141 -12.92 -15.30 23.97
N ARG B 142 -13.53 -14.84 25.06
CA ARG B 142 -12.82 -14.90 26.33
C ARG B 142 -13.29 -16.02 27.27
N GLY B 143 -13.67 -17.16 26.68
CA GLY B 143 -14.09 -18.31 27.44
C GLY B 143 -15.44 -18.28 28.14
N GLU B 144 -16.09 -17.12 28.21
CA GLU B 144 -17.38 -17.01 28.89
C GLU B 144 -18.47 -17.85 28.19
N LEU B 145 -19.35 -18.44 28.98
CA LEU B 145 -20.44 -19.26 28.46
C LEU B 145 -21.63 -18.34 28.17
N VAL B 146 -21.93 -18.15 26.88
CA VAL B 146 -23.03 -17.26 26.48
C VAL B 146 -24.38 -17.96 26.33
N LEU B 147 -24.36 -19.21 25.90
CA LEU B 147 -25.60 -19.94 25.73
C LEU B 147 -25.43 -21.42 26.01
N THR B 148 -26.49 -22.03 26.49
CA THR B 148 -26.47 -23.46 26.78
C THR B 148 -27.80 -24.07 26.36
N ALA B 149 -27.77 -25.29 25.86
CA ALA B 149 -29.00 -25.93 25.45
C ALA B 149 -28.93 -27.45 25.41
N LEU B 150 -30.12 -28.07 25.38
CA LEU B 150 -30.25 -29.51 25.33
C LEU B 150 -31.14 -29.81 24.14
N TYR B 151 -30.62 -30.58 23.17
CA TYR B 151 -31.41 -30.93 21.99
C TYR B 151 -31.25 -32.40 21.66
N SER B 152 -32.20 -32.96 20.94
CA SER B 152 -32.12 -34.39 20.62
C SER B 152 -32.52 -34.72 19.20
N ALA B 153 -31.87 -35.73 18.65
CA ALA B 153 -32.12 -36.18 17.29
C ALA B 153 -32.50 -37.66 17.26
N LEU B 154 -33.36 -38.05 16.32
CA LEU B 154 -33.77 -39.43 16.22
C LEU B 154 -32.85 -40.05 15.16
N ILE B 155 -32.04 -41.04 15.55
CA ILE B 155 -31.14 -41.65 14.59
C ILE B 155 -31.37 -43.15 14.44
N ARG B 156 -31.21 -43.60 13.20
CA ARG B 156 -31.41 -44.99 12.81
C ARG B 156 -30.47 -45.99 13.47
N LYS B 157 -31.01 -47.18 13.73
CA LYS B 157 -30.22 -48.26 14.34
C LYS B 157 -29.61 -49.13 13.24
N THR B 158 -28.48 -49.76 13.56
CA THR B 158 -27.81 -50.60 12.59
C THR B 158 -28.71 -51.66 12.03
N PRO B 159 -28.66 -51.83 10.71
CA PRO B 159 -29.44 -52.77 9.91
C PRO B 159 -28.99 -54.18 10.27
N ILE C 7 -27.22 5.12 -23.91
CA ILE C 7 -28.18 4.92 -24.99
C ILE C 7 -28.76 3.49 -24.96
N MET C 8 -28.71 2.82 -26.11
CA MET C 8 -29.23 1.45 -26.22
C MET C 8 -28.14 0.45 -26.60
N ALA C 9 -28.18 -0.73 -25.98
CA ALA C 9 -27.20 -1.79 -26.27
C ALA C 9 -27.21 -2.08 -27.75
N ARG C 10 -26.19 -1.59 -28.43
CA ARG C 10 -26.07 -1.77 -29.85
C ARG C 10 -26.15 -3.25 -30.23
N ASN C 11 -26.16 -3.50 -31.53
CA ASN C 11 -26.23 -4.85 -32.04
C ASN C 11 -25.09 -5.71 -31.53
N PRO C 12 -25.30 -7.02 -31.54
CA PRO C 12 -24.43 -8.11 -31.12
C PRO C 12 -23.02 -8.05 -31.68
N ILE C 13 -22.08 -8.63 -30.96
CA ILE C 13 -20.69 -8.67 -31.39
C ILE C 13 -20.32 -10.09 -31.73
N TYR C 14 -19.85 -10.31 -32.95
CA TYR C 14 -19.44 -11.64 -33.36
C TYR C 14 -17.92 -11.83 -33.26
N PHE C 15 -17.47 -13.06 -33.37
CA PHE C 15 -16.04 -13.38 -33.27
C PHE C 15 -15.11 -12.44 -34.06
N GLU C 16 -15.48 -12.16 -35.30
CA GLU C 16 -14.69 -11.31 -36.17
C GLU C 16 -14.64 -9.85 -35.75
N SER C 17 -15.64 -9.41 -34.99
CA SER C 17 -15.68 -8.02 -34.51
C SER C 17 -14.65 -7.79 -33.40
N ILE C 18 -14.39 -8.83 -32.60
CA ILE C 18 -13.45 -8.73 -31.48
C ILE C 18 -12.02 -8.70 -31.98
N GLN C 19 -11.29 -7.65 -31.62
CA GLN C 19 -9.90 -7.54 -32.04
C GLN C 19 -8.94 -7.45 -30.85
N ILE C 20 -7.85 -8.21 -30.93
CA ILE C 20 -6.87 -8.23 -29.86
C ILE C 20 -6.43 -6.82 -29.52
N GLY C 21 -6.37 -6.54 -28.21
CA GLY C 21 -5.96 -5.22 -27.76
C GLY C 21 -7.10 -4.42 -27.14
N GLU C 22 -8.34 -4.74 -27.48
CA GLU C 22 -9.49 -4.03 -26.93
C GLU C 22 -9.50 -4.27 -25.42
N LYS C 23 -9.74 -3.20 -24.65
CA LYS C 23 -9.78 -3.32 -23.21
C LYS C 23 -11.09 -2.81 -22.62
N ILE C 24 -11.59 -3.51 -21.60
CA ILE C 24 -12.82 -3.13 -20.93
C ILE C 24 -12.49 -2.66 -19.51
N GLU C 25 -13.00 -1.50 -19.14
CA GLU C 25 -12.75 -0.93 -17.83
C GLU C 25 -14.00 -1.08 -16.95
N GLY C 26 -13.89 -1.86 -15.89
CA GLY C 26 -15.02 -2.04 -14.99
C GLY C 26 -15.21 -0.89 -14.01
N LEU C 27 -16.40 -0.78 -13.44
CA LEU C 27 -16.71 0.28 -12.48
C LEU C 27 -16.23 -0.13 -11.08
N PRO C 28 -15.39 0.68 -10.44
CA PRO C 28 -14.86 0.39 -9.11
C PRO C 28 -15.88 0.29 -7.98
N ARG C 29 -15.60 -0.57 -7.01
CA ARG C 29 -16.46 -0.72 -5.82
C ARG C 29 -15.63 -1.17 -4.62
N THR C 30 -16.03 -0.67 -3.45
CA THR C 30 -15.34 -0.97 -2.21
C THR C 30 -15.75 -2.32 -1.65
N VAL C 31 -14.79 -3.23 -1.48
CA VAL C 31 -15.11 -4.54 -0.94
C VAL C 31 -15.50 -4.32 0.51
N THR C 32 -16.58 -4.95 0.93
CA THR C 32 -17.07 -4.73 2.29
C THR C 32 -17.28 -6.01 3.10
N GLU C 33 -17.54 -5.83 4.38
CA GLU C 33 -17.79 -6.95 5.29
C GLU C 33 -19.00 -7.73 4.75
N THR C 34 -20.07 -7.01 4.42
CA THR C 34 -21.26 -7.63 3.87
C THR C 34 -20.88 -8.50 2.67
N ASP C 35 -19.99 -7.98 1.81
CA ASP C 35 -19.50 -8.71 0.65
C ASP C 35 -18.87 -10.04 1.10
N ILE C 36 -17.90 -9.95 2.02
CA ILE C 36 -17.22 -11.14 2.54
C ILE C 36 -18.22 -12.16 3.12
N TRP C 37 -19.10 -11.68 3.99
CA TRP C 37 -20.06 -12.57 4.63
C TRP C 37 -21.04 -13.17 3.65
N THR C 38 -21.49 -12.39 2.67
CA THR C 38 -22.40 -12.94 1.70
C THR C 38 -21.72 -14.11 0.97
N PHE C 39 -20.46 -13.92 0.57
CA PHE C 39 -19.73 -14.96 -0.15
C PHE C 39 -19.58 -16.16 0.76
N ALA C 40 -19.28 -15.92 2.04
CA ALA C 40 -19.14 -17.01 3.00
C ALA C 40 -20.46 -17.76 3.13
N TYR C 41 -21.57 -17.04 3.20
CA TYR C 41 -22.88 -17.67 3.31
C TYR C 41 -23.14 -18.57 2.12
N LEU C 42 -23.04 -17.97 0.93
CA LEU C 42 -23.28 -18.65 -0.33
C LEU C 42 -22.48 -19.93 -0.52
N THR C 43 -21.22 -19.90 -0.13
CA THR C 43 -20.35 -21.06 -0.27
C THR C 43 -20.27 -21.91 0.98
N ALA C 44 -21.01 -21.53 2.02
CA ALA C 44 -21.01 -22.27 3.29
C ALA C 44 -19.58 -22.55 3.72
N ASP C 45 -18.70 -21.60 3.40
CA ASP C 45 -17.28 -21.73 3.71
C ASP C 45 -16.81 -20.60 4.62
N PHE C 46 -16.66 -20.91 5.90
CA PHE C 46 -16.22 -19.91 6.86
C PHE C 46 -14.75 -20.07 7.26
N PHE C 47 -13.85 -19.93 6.30
CA PHE C 47 -12.43 -20.01 6.58
C PHE C 47 -12.10 -18.85 7.53
N PRO C 48 -11.55 -19.16 8.71
CA PRO C 48 -11.19 -18.17 9.75
C PRO C 48 -10.41 -16.92 9.34
N LEU C 49 -9.59 -17.00 8.29
CA LEU C 49 -8.85 -15.84 7.83
C LEU C 49 -9.83 -14.78 7.34
N HIS C 50 -11.00 -15.20 6.89
CA HIS C 50 -11.99 -14.26 6.38
C HIS C 50 -13.08 -13.93 7.39
N THR C 51 -13.44 -14.87 8.23
CA THR C 51 -14.53 -14.61 9.17
C THR C 51 -14.30 -14.80 10.67
N ASP C 52 -13.04 -14.84 11.08
CA ASP C 52 -12.71 -14.98 12.49
C ASP C 52 -11.72 -13.89 12.88
N VAL C 53 -12.22 -12.82 13.47
CA VAL C 53 -11.38 -11.70 13.87
C VAL C 53 -10.17 -12.13 14.72
N GLU C 54 -10.40 -13.00 15.69
CA GLU C 54 -9.32 -13.46 16.55
C GLU C 54 -8.22 -14.24 15.79
N PHE C 55 -8.64 -15.12 14.89
CA PHE C 55 -7.72 -15.93 14.11
C PHE C 55 -6.84 -15.07 13.19
N ALA C 56 -7.47 -14.14 12.49
CA ALA C 56 -6.76 -13.25 11.58
C ALA C 56 -5.61 -12.52 12.25
N LYS C 57 -5.79 -12.12 13.50
CA LYS C 57 -4.73 -11.41 14.22
C LYS C 57 -3.38 -12.14 14.25
N LYS C 58 -3.44 -13.46 14.36
CA LYS C 58 -2.24 -14.29 14.43
C LYS C 58 -1.67 -14.65 13.06
N THR C 59 -2.25 -14.10 11.99
CA THR C 59 -1.77 -14.42 10.65
C THR C 59 -0.83 -13.36 10.09
N ILE C 60 -0.20 -13.67 8.97
CA ILE C 60 0.72 -12.75 8.34
C ILE C 60 0.01 -11.50 7.86
N PHE C 61 -1.32 -11.51 7.86
CA PHE C 61 -2.06 -10.35 7.39
C PHE C 61 -2.52 -9.45 8.53
N GLY C 62 -2.66 -10.02 9.72
CA GLY C 62 -3.07 -9.24 10.87
C GLY C 62 -4.55 -8.93 10.95
N LYS C 63 -5.12 -8.51 9.83
CA LYS C 63 -6.55 -8.19 9.75
C LYS C 63 -7.19 -9.24 8.86
N PRO C 64 -8.53 -9.31 8.85
CA PRO C 64 -9.16 -10.31 7.98
C PRO C 64 -9.13 -9.77 6.55
N ILE C 65 -9.13 -10.67 5.57
CA ILE C 65 -9.12 -10.29 4.16
C ILE C 65 -10.21 -10.97 3.34
N ALA C 66 -10.50 -10.41 2.17
CA ALA C 66 -11.52 -10.95 1.29
C ALA C 66 -11.07 -12.27 0.70
N GLN C 67 -12.03 -13.10 0.31
CA GLN C 67 -11.72 -14.38 -0.30
C GLN C 67 -11.26 -14.10 -1.72
N GLY C 68 -10.28 -14.86 -2.19
CA GLY C 68 -9.80 -14.67 -3.54
C GLY C 68 -10.89 -14.93 -4.55
N MSE C 69 -11.68 -15.97 -4.32
CA MSE C 69 -12.76 -16.28 -5.23
C MSE C 69 -13.76 -15.13 -5.27
O MSE C 69 -14.40 -14.90 -6.30
CB MSE C 69 -13.45 -17.58 -4.80
CG MSE C 69 -12.69 -18.81 -5.23
SE MSE C 69 -12.34 -18.81 -7.17
CE MSE C 69 -14.14 -19.28 -7.77
N LEU C 70 -13.90 -14.40 -4.17
CA LEU C 70 -14.82 -13.27 -4.13
C LEU C 70 -14.32 -12.15 -5.03
N VAL C 71 -13.03 -11.81 -4.90
CA VAL C 71 -12.43 -10.75 -5.70
C VAL C 71 -12.52 -11.12 -7.17
N LEU C 72 -12.28 -12.38 -7.50
CA LEU C 72 -12.34 -12.83 -8.88
C LEU C 72 -13.77 -12.69 -9.41
N SER C 73 -14.73 -13.14 -8.62
CA SER C 73 -16.12 -13.05 -9.02
C SER C 73 -16.57 -11.61 -9.21
N ILE C 74 -16.24 -10.74 -8.26
CA ILE C 74 -16.64 -9.35 -8.39
C ILE C 74 -15.98 -8.71 -9.61
N ALA C 75 -14.74 -9.12 -9.86
CA ALA C 75 -13.99 -8.58 -10.99
C ALA C 75 -14.68 -8.95 -12.29
N LEU C 76 -14.82 -10.25 -12.55
CA LEU C 76 -15.47 -10.70 -13.78
C LEU C 76 -16.82 -10.04 -13.92
N GLY C 77 -17.49 -9.89 -12.78
CA GLY C 77 -18.80 -9.29 -12.76
C GLY C 77 -18.84 -7.83 -13.22
N MSE C 78 -17.95 -6.99 -12.71
CA MSE C 78 -18.00 -5.60 -13.12
C MSE C 78 -17.54 -5.41 -14.56
O MSE C 78 -17.87 -4.40 -15.19
CB MSE C 78 -17.21 -4.70 -12.14
CG MSE C 78 -15.77 -5.10 -11.87
SE MSE C 78 -14.99 -3.99 -10.43
CE MSE C 78 -14.49 -5.37 -9.21
N VAL C 79 -16.82 -6.38 -15.10
CA VAL C 79 -16.36 -6.32 -16.47
C VAL C 79 -17.54 -6.69 -17.38
N ASP C 80 -18.26 -7.74 -16.99
CA ASP C 80 -19.39 -8.20 -17.78
C ASP C 80 -20.50 -7.16 -17.79
N GLN C 81 -20.61 -6.42 -16.71
CA GLN C 81 -21.61 -5.37 -16.60
C GLN C 81 -21.47 -4.35 -17.75
N VAL C 82 -20.24 -4.05 -18.14
CA VAL C 82 -20.00 -3.10 -19.21
C VAL C 82 -20.40 -3.68 -20.55
N ILE C 83 -20.06 -4.94 -20.80
CA ILE C 83 -20.41 -5.59 -22.05
C ILE C 83 -21.93 -5.68 -22.14
N LEU C 84 -22.54 -6.10 -21.03
CA LEU C 84 -23.98 -6.28 -20.94
C LEU C 84 -24.77 -5.05 -21.32
N SER C 85 -24.24 -3.88 -21.00
CA SER C 85 -24.98 -2.66 -21.30
C SER C 85 -24.56 -1.98 -22.58
N ASN C 86 -23.72 -2.65 -23.36
CA ASN C 86 -23.28 -2.08 -24.62
C ASN C 86 -23.46 -2.98 -25.82
N TYR C 87 -23.70 -4.27 -25.60
CA TYR C 87 -23.87 -5.21 -26.70
C TYR C 87 -24.95 -6.23 -26.48
N ASP C 88 -25.41 -6.82 -27.58
CA ASP C 88 -26.41 -7.87 -27.50
C ASP C 88 -25.53 -9.09 -27.33
N VAL C 89 -25.55 -9.66 -26.13
CA VAL C 89 -24.71 -10.82 -25.84
C VAL C 89 -25.23 -12.18 -26.31
N SER C 90 -26.19 -12.18 -27.22
CA SER C 90 -26.72 -13.44 -27.70
C SER C 90 -25.65 -14.22 -28.42
N SER C 91 -24.60 -13.53 -28.84
CA SER C 91 -23.50 -14.19 -29.54
C SER C 91 -22.52 -14.82 -28.59
N VAL C 92 -22.60 -14.44 -27.31
CA VAL C 92 -21.70 -15.01 -26.30
C VAL C 92 -22.31 -16.35 -25.93
N ILE C 93 -21.75 -17.42 -26.50
CA ILE C 93 -22.28 -18.76 -26.28
C ILE C 93 -22.00 -19.41 -24.92
N ALA C 94 -20.75 -19.40 -24.50
CA ALA C 94 -20.38 -20.01 -23.24
C ALA C 94 -19.08 -19.53 -22.64
N PHE C 95 -18.94 -19.79 -21.36
CA PHE C 95 -17.75 -19.45 -20.60
C PHE C 95 -16.87 -20.70 -20.82
N PHE C 96 -15.83 -20.56 -21.62
CA PHE C 96 -14.97 -21.69 -21.92
C PHE C 96 -14.14 -22.16 -20.73
N GLY C 97 -13.32 -21.27 -20.18
CA GLY C 97 -12.51 -21.65 -19.05
C GLY C 97 -11.70 -20.52 -18.49
N ILE C 98 -10.98 -20.81 -17.41
CA ILE C 98 -10.15 -19.83 -16.77
C ILE C 98 -8.80 -20.50 -16.77
N LYS C 99 -7.90 -19.96 -17.57
CA LYS C 99 -6.56 -20.52 -17.73
C LYS C 99 -5.66 -20.25 -16.54
N ASP C 100 -5.58 -19.02 -16.07
CA ASP C 100 -4.70 -18.74 -14.95
C ASP C 100 -5.19 -17.67 -14.00
N VAL C 101 -5.07 -17.95 -12.70
CA VAL C 101 -5.50 -16.97 -11.71
C VAL C 101 -4.40 -16.88 -10.68
N ARG C 102 -3.90 -15.66 -10.48
CA ARG C 102 -2.86 -15.42 -9.50
C ARG C 102 -3.33 -14.40 -8.49
N PHE C 103 -3.31 -14.80 -7.22
CA PHE C 103 -3.70 -13.92 -6.14
C PHE C 103 -2.41 -13.25 -5.66
N LEU C 104 -2.18 -12.03 -6.13
CA LEU C 104 -0.97 -11.29 -5.79
C LEU C 104 -0.94 -10.58 -4.45
N ARG C 105 -1.92 -9.72 -4.20
CA ARG C 105 -1.98 -8.95 -2.97
C ARG C 105 -3.32 -9.16 -2.30
N PRO C 106 -3.38 -9.01 -0.98
CA PRO C 106 -4.65 -9.19 -0.27
C PRO C 106 -5.54 -7.97 -0.37
N VAL C 107 -6.85 -8.20 -0.34
CA VAL C 107 -7.81 -7.10 -0.38
C VAL C 107 -8.43 -6.98 1.01
N PHE C 108 -8.28 -5.82 1.63
CA PHE C 108 -8.82 -5.59 2.97
C PHE C 108 -10.24 -4.99 2.95
N ILE C 109 -10.95 -5.15 4.06
CA ILE C 109 -12.33 -4.69 4.15
C ILE C 109 -12.67 -3.29 3.68
N GLY C 110 -11.70 -2.41 3.59
CA GLY C 110 -12.05 -1.08 3.13
C GLY C 110 -11.49 -0.73 1.76
N ASP C 111 -10.83 -1.69 1.12
CA ASP C 111 -10.23 -1.46 -0.19
C ASP C 111 -11.25 -1.30 -1.30
N THR C 112 -10.86 -0.54 -2.32
CA THR C 112 -11.71 -0.31 -3.48
C THR C 112 -11.02 -0.92 -4.67
N ILE C 113 -11.58 -2.02 -5.17
CA ILE C 113 -10.97 -2.69 -6.32
C ILE C 113 -11.58 -2.30 -7.67
N ALA C 114 -10.75 -2.35 -8.71
CA ALA C 114 -11.17 -2.01 -10.06
C ALA C 114 -10.57 -3.04 -10.98
N ALA C 115 -11.38 -3.58 -11.89
CA ALA C 115 -10.92 -4.60 -12.80
C ALA C 115 -10.95 -4.14 -14.25
N SER C 116 -10.08 -4.73 -15.06
CA SER C 116 -10.00 -4.42 -16.46
C SER C 116 -9.74 -5.72 -17.20
N ALA C 117 -10.27 -5.83 -18.41
CA ALA C 117 -10.08 -7.03 -19.20
C ALA C 117 -9.57 -6.60 -20.58
N GLU C 118 -8.62 -7.36 -21.10
CA GLU C 118 -8.05 -7.05 -22.40
C GLU C 118 -8.01 -8.30 -23.29
N VAL C 119 -8.43 -8.16 -24.54
CA VAL C 119 -8.41 -9.29 -25.45
C VAL C 119 -6.96 -9.58 -25.81
N VAL C 120 -6.50 -10.79 -25.52
CA VAL C 120 -5.14 -11.15 -25.81
C VAL C 120 -4.99 -12.30 -26.80
N GLU C 121 -6.10 -12.99 -27.09
CA GLU C 121 -6.01 -14.12 -28.00
C GLU C 121 -7.34 -14.50 -28.65
N LYS C 122 -7.23 -15.08 -29.85
CA LYS C 122 -8.40 -15.52 -30.60
C LYS C 122 -7.99 -16.80 -31.29
N GLN C 123 -8.77 -17.86 -31.10
CA GLN C 123 -8.53 -19.17 -31.70
C GLN C 123 -9.81 -19.53 -32.40
N ASP C 124 -9.75 -20.39 -33.41
CA ASP C 124 -10.96 -20.84 -34.10
C ASP C 124 -11.36 -22.09 -33.32
N PHE C 125 -12.65 -22.41 -33.31
CA PHE C 125 -13.12 -23.57 -32.58
C PHE C 125 -13.83 -24.54 -33.52
N ASP C 126 -14.80 -24.01 -34.26
CA ASP C 126 -15.58 -24.80 -35.21
C ASP C 126 -16.10 -23.82 -36.26
N GLU C 127 -16.96 -24.29 -37.16
CA GLU C 127 -17.48 -23.44 -38.22
C GLU C 127 -18.46 -22.39 -37.73
N LYS C 128 -18.92 -22.52 -36.49
CA LYS C 128 -19.88 -21.55 -35.94
C LYS C 128 -19.38 -20.67 -34.79
N SER C 129 -18.17 -20.93 -34.30
CA SER C 129 -17.64 -20.14 -33.20
C SER C 129 -16.16 -20.27 -32.96
N GLY C 130 -15.63 -19.34 -32.17
CA GLY C 130 -14.22 -19.33 -31.83
C GLY C 130 -14.07 -18.93 -30.38
N VAL C 131 -12.94 -19.24 -29.76
CA VAL C 131 -12.74 -18.86 -28.36
C VAL C 131 -11.86 -17.63 -28.24
N VAL C 132 -12.29 -16.69 -27.39
CA VAL C 132 -11.55 -15.47 -27.14
C VAL C 132 -11.01 -15.54 -25.72
N THR C 133 -9.74 -15.20 -25.56
CA THR C 133 -9.12 -15.22 -24.25
C THR C 133 -8.86 -13.80 -23.76
N TYR C 134 -9.22 -13.54 -22.51
CA TYR C 134 -9.03 -12.23 -21.93
C TYR C 134 -8.05 -12.25 -20.79
N LYS C 135 -7.32 -11.14 -20.62
CA LYS C 135 -6.39 -11.02 -19.52
C LYS C 135 -7.09 -10.10 -18.53
N LEU C 136 -7.30 -10.59 -17.31
CA LEU C 136 -7.97 -9.79 -16.29
C LEU C 136 -6.98 -9.21 -15.30
N GLU C 137 -7.18 -7.94 -14.97
CA GLU C 137 -6.31 -7.23 -14.04
C GLU C 137 -7.16 -6.45 -13.05
N VAL C 138 -6.89 -6.66 -11.76
CA VAL C 138 -7.62 -5.99 -10.70
C VAL C 138 -6.65 -5.18 -9.87
N LYS C 139 -7.00 -3.91 -9.65
CA LYS C 139 -6.15 -3.03 -8.88
C LYS C 139 -6.90 -2.41 -7.72
N ASN C 140 -6.20 -2.13 -6.63
CA ASN C 140 -6.87 -1.51 -5.49
C ASN C 140 -6.79 0.01 -5.62
N GLN C 141 -7.34 0.70 -4.62
CA GLN C 141 -7.38 2.15 -4.64
C GLN C 141 -6.04 2.85 -4.84
N ARG C 142 -4.94 2.21 -4.46
CA ARG C 142 -3.66 2.86 -4.66
C ARG C 142 -2.84 2.29 -5.82
N GLY C 143 -3.55 1.84 -6.86
CA GLY C 143 -2.92 1.32 -8.06
C GLY C 143 -2.27 -0.05 -8.03
N GLU C 144 -2.11 -0.62 -6.83
CA GLU C 144 -1.47 -1.93 -6.71
C GLU C 144 -2.28 -3.04 -7.39
N LEU C 145 -1.57 -3.97 -8.00
CA LEU C 145 -2.19 -5.09 -8.69
C LEU C 145 -2.47 -6.20 -7.68
N VAL C 146 -3.74 -6.43 -7.37
CA VAL C 146 -4.08 -7.46 -6.38
C VAL C 146 -4.33 -8.84 -6.96
N LEU C 147 -4.85 -8.90 -8.19
CA LEU C 147 -5.13 -10.18 -8.80
C LEU C 147 -5.01 -10.10 -10.30
N THR C 148 -4.62 -11.21 -10.90
CA THR C 148 -4.47 -11.28 -12.33
C THR C 148 -4.98 -12.62 -12.81
N ALA C 149 -5.59 -12.65 -13.99
CA ALA C 149 -6.12 -13.90 -14.50
C ALA C 149 -6.31 -13.93 -16.01
N LEU C 150 -6.41 -15.14 -16.54
CA LEU C 150 -6.62 -15.38 -17.96
C LEU C 150 -7.88 -16.24 -18.09
N TYR C 151 -8.87 -15.74 -18.81
CA TYR C 151 -10.12 -16.48 -19.00
C TYR C 151 -10.58 -16.40 -20.45
N SER C 152 -11.38 -17.35 -20.88
CA SER C 152 -11.82 -17.36 -22.26
C SER C 152 -13.29 -17.69 -22.41
N ALA C 153 -13.91 -17.11 -23.43
CA ALA C 153 -15.32 -17.32 -23.73
C ALA C 153 -15.49 -17.81 -25.17
N LEU C 154 -16.49 -18.64 -25.40
CA LEU C 154 -16.74 -19.13 -26.74
C LEU C 154 -17.81 -18.23 -27.33
N ILE C 155 -17.46 -17.49 -28.39
CA ILE C 155 -18.45 -16.60 -28.99
C ILE C 155 -18.75 -16.91 -30.44
N ARG C 156 -20.03 -16.73 -30.80
CA ARG C 156 -20.57 -17.00 -32.13
C ARG C 156 -19.96 -16.16 -33.25
N LYS C 157 -19.82 -16.78 -34.42
CA LYS C 157 -19.30 -16.10 -35.59
C LYS C 157 -20.44 -15.51 -36.40
N THR C 158 -20.17 -14.45 -37.14
CA THR C 158 -21.19 -13.79 -37.94
C THR C 158 -21.84 -14.79 -38.89
N PRO C 159 -23.17 -14.74 -39.02
CA PRO C 159 -23.94 -15.63 -39.90
C PRO C 159 -23.61 -15.41 -41.37
N ALA D 9 -12.32 -29.22 13.42
CA ALA D 9 -11.44 -28.37 14.21
C ALA D 9 -10.52 -29.22 15.11
N ARG D 10 -9.46 -29.80 14.52
CA ARG D 10 -8.53 -30.65 15.29
C ARG D 10 -7.07 -30.21 15.34
N ASN D 11 -6.17 -30.97 14.72
CA ASN D 11 -4.74 -30.63 14.75
C ASN D 11 -4.21 -30.07 13.42
N PRO D 12 -3.23 -29.14 13.47
CA PRO D 12 -2.74 -28.59 12.21
C PRO D 12 -2.01 -29.55 11.30
N ILE D 13 -2.11 -29.29 9.99
CA ILE D 13 -1.44 -30.10 9.00
C ILE D 13 -0.36 -29.27 8.33
N TYR D 14 0.86 -29.78 8.34
CA TYR D 14 1.96 -29.05 7.72
C TYR D 14 2.28 -29.63 6.36
N PHE D 15 3.09 -28.91 5.59
CA PHE D 15 3.47 -29.33 4.24
C PHE D 15 3.88 -30.79 4.13
N GLU D 16 4.71 -31.24 5.06
CA GLU D 16 5.19 -32.62 5.05
C GLU D 16 4.12 -33.67 5.34
N SER D 17 3.05 -33.26 6.00
CA SER D 17 1.95 -34.17 6.30
C SER D 17 1.11 -34.48 5.06
N ILE D 18 1.03 -33.52 4.14
CA ILE D 18 0.25 -33.68 2.93
C ILE D 18 0.97 -34.60 1.96
N GLN D 19 0.29 -35.66 1.54
CA GLN D 19 0.89 -36.59 0.59
C GLN D 19 0.06 -36.76 -0.67
N ILE D 20 0.73 -36.71 -1.81
CA ILE D 20 0.07 -36.83 -3.09
C ILE D 20 -0.84 -38.05 -3.14
N GLY D 21 -2.07 -37.84 -3.61
CA GLY D 21 -3.00 -38.96 -3.69
C GLY D 21 -4.16 -38.84 -2.73
N GLU D 22 -3.99 -38.05 -1.67
CA GLU D 22 -5.06 -37.85 -0.70
C GLU D 22 -6.22 -37.13 -1.40
N LYS D 23 -7.44 -37.60 -1.16
CA LYS D 23 -8.60 -36.98 -1.78
C LYS D 23 -9.62 -36.53 -0.74
N ILE D 24 -10.24 -35.37 -0.99
CA ILE D 24 -11.27 -34.85 -0.10
C ILE D 24 -12.62 -34.91 -0.80
N GLU D 25 -13.62 -35.46 -0.12
CA GLU D 25 -14.96 -35.59 -0.68
C GLU D 25 -15.91 -34.57 -0.06
N GLY D 26 -16.37 -33.60 -0.86
CA GLY D 26 -17.28 -32.59 -0.36
C GLY D 26 -18.71 -33.07 -0.23
N LEU D 27 -19.51 -32.37 0.57
CA LEU D 27 -20.91 -32.74 0.78
C LEU D 27 -21.76 -32.18 -0.35
N PRO D 28 -22.52 -33.02 -1.04
CA PRO D 28 -23.38 -32.59 -2.15
C PRO D 28 -24.52 -31.63 -1.79
N ARG D 29 -24.85 -30.75 -2.73
CA ARG D 29 -25.95 -29.80 -2.56
C ARG D 29 -26.56 -29.45 -3.90
N THR D 30 -27.86 -29.23 -3.88
CA THR D 30 -28.63 -28.91 -5.08
C THR D 30 -28.51 -27.44 -5.43
N VAL D 31 -27.99 -27.14 -6.60
CA VAL D 31 -27.86 -25.75 -7.01
C VAL D 31 -29.28 -25.25 -7.23
N THR D 32 -29.58 -24.08 -6.69
CA THR D 32 -30.92 -23.54 -6.78
C THR D 32 -31.04 -22.14 -7.38
N GLU D 33 -32.26 -21.70 -7.64
CA GLU D 33 -32.53 -20.37 -8.19
C GLU D 33 -31.96 -19.34 -7.22
N THR D 34 -32.26 -19.52 -5.95
CA THR D 34 -31.74 -18.62 -4.92
C THR D 34 -30.21 -18.52 -5.04
N ASP D 35 -29.57 -19.65 -5.29
CA ASP D 35 -28.12 -19.71 -5.46
C ASP D 35 -27.69 -18.82 -6.62
N ILE D 36 -28.32 -19.02 -7.79
CA ILE D 36 -28.01 -18.25 -9.00
C ILE D 36 -28.22 -16.76 -8.76
N TRP D 37 -29.40 -16.39 -8.26
CA TRP D 37 -29.68 -14.99 -7.98
C TRP D 37 -28.73 -14.36 -6.95
N THR D 38 -28.40 -15.09 -5.89
CA THR D 38 -27.50 -14.55 -4.89
C THR D 38 -26.17 -14.20 -5.56
N PHE D 39 -25.66 -15.12 -6.38
CA PHE D 39 -24.40 -14.87 -7.04
C PHE D 39 -24.54 -13.66 -7.97
N ALA D 40 -25.66 -13.60 -8.68
CA ALA D 40 -25.91 -12.48 -9.57
C ALA D 40 -25.93 -11.17 -8.79
N TYR D 41 -26.59 -11.15 -7.62
CA TYR D 41 -26.65 -9.94 -6.80
C TYR D 41 -25.25 -9.50 -6.39
N LEU D 42 -24.53 -10.43 -5.76
CA LEU D 42 -23.18 -10.20 -5.26
C LEU D 42 -22.21 -9.64 -6.30
N THR D 43 -22.29 -10.15 -7.52
CA THR D 43 -21.41 -9.72 -8.60
C THR D 43 -22.02 -8.65 -9.49
N ALA D 44 -23.24 -8.24 -9.17
CA ALA D 44 -23.95 -7.23 -9.93
C ALA D 44 -23.86 -7.57 -11.40
N ASP D 45 -23.87 -8.86 -11.69
CA ASP D 45 -23.75 -9.36 -13.06
C ASP D 45 -24.98 -10.19 -13.45
N PHE D 46 -25.87 -9.60 -14.21
CA PHE D 46 -27.08 -10.29 -14.63
C PHE D 46 -27.03 -10.75 -16.09
N PHE D 47 -26.10 -11.63 -16.41
CA PHE D 47 -25.97 -12.16 -17.75
C PHE D 47 -27.28 -12.92 -18.02
N PRO D 48 -28.00 -12.54 -19.08
CA PRO D 48 -29.28 -13.16 -19.46
C PRO D 48 -29.38 -14.69 -19.52
N LEU D 49 -28.28 -15.38 -19.80
CA LEU D 49 -28.31 -16.85 -19.87
C LEU D 49 -28.63 -17.40 -18.46
N HIS D 50 -28.29 -16.63 -17.44
CA HIS D 50 -28.54 -17.04 -16.07
C HIS D 50 -29.79 -16.45 -15.47
N THR D 51 -30.14 -15.23 -15.84
CA THR D 51 -31.27 -14.57 -15.22
C THR D 51 -32.36 -14.02 -16.09
N ASP D 52 -32.44 -14.47 -17.34
CA ASP D 52 -33.49 -14.02 -18.26
C ASP D 52 -34.13 -15.27 -18.88
N VAL D 53 -35.28 -15.66 -18.34
CA VAL D 53 -35.97 -16.83 -18.84
C VAL D 53 -36.22 -16.79 -20.36
N GLU D 54 -36.65 -15.64 -20.87
CA GLU D 54 -36.91 -15.53 -22.29
C GLU D 54 -35.67 -15.69 -23.17
N PHE D 55 -34.55 -15.11 -22.75
CA PHE D 55 -33.31 -15.19 -23.48
C PHE D 55 -32.79 -16.63 -23.50
N ALA D 56 -32.81 -17.30 -22.36
CA ALA D 56 -32.31 -18.67 -22.28
C ALA D 56 -32.98 -19.60 -23.29
N LYS D 57 -34.28 -19.41 -23.52
CA LYS D 57 -35.01 -20.25 -24.46
C LYS D 57 -34.37 -20.30 -25.85
N LYS D 58 -33.81 -19.18 -26.30
CA LYS D 58 -33.20 -19.12 -27.61
C LYS D 58 -31.75 -19.59 -27.64
N THR D 59 -31.25 -20.09 -26.53
CA THR D 59 -29.87 -20.54 -26.50
C THR D 59 -29.71 -22.05 -26.70
N ILE D 60 -28.47 -22.49 -26.83
CA ILE D 60 -28.20 -23.89 -27.02
C ILE D 60 -28.56 -24.70 -25.77
N PHE D 61 -28.86 -24.02 -24.67
CA PHE D 61 -29.20 -24.72 -23.42
C PHE D 61 -30.69 -24.81 -23.19
N GLY D 62 -31.44 -23.90 -23.80
CA GLY D 62 -32.88 -23.92 -23.67
C GLY D 62 -33.42 -23.40 -22.37
N LYS D 63 -32.82 -23.82 -21.27
CA LYS D 63 -33.23 -23.41 -19.93
C LYS D 63 -32.10 -22.57 -19.38
N PRO D 64 -32.34 -21.88 -18.27
CA PRO D 64 -31.26 -21.07 -17.70
C PRO D 64 -30.30 -21.97 -16.94
N ILE D 65 -29.04 -21.56 -16.83
CA ILE D 65 -28.03 -22.38 -16.14
C ILE D 65 -27.22 -21.59 -15.13
N ALA D 66 -26.56 -22.33 -14.24
CA ALA D 66 -25.75 -21.69 -13.20
C ALA D 66 -24.51 -21.04 -13.78
N GLN D 67 -24.02 -20.03 -13.10
CA GLN D 67 -22.80 -19.36 -13.54
C GLN D 67 -21.64 -20.30 -13.23
N GLY D 68 -20.66 -20.36 -14.13
CA GLY D 68 -19.52 -21.22 -13.90
C GLY D 68 -18.79 -20.80 -12.64
N MSE D 69 -18.64 -19.50 -12.43
CA MSE D 69 -17.96 -19.01 -11.23
C MSE D 69 -18.70 -19.46 -9.97
O MSE D 69 -18.09 -19.68 -8.93
CB MSE D 69 -17.83 -17.49 -11.26
CG MSE D 69 -16.67 -17.00 -12.12
SE MSE D 69 -14.99 -17.82 -11.57
CE MSE D 69 -14.65 -16.76 -10.02
N LEU D 70 -20.01 -19.58 -10.06
CA LEU D 70 -20.81 -20.02 -8.94
C LEU D 70 -20.48 -21.47 -8.61
N VAL D 71 -20.50 -22.32 -9.63
CA VAL D 71 -20.21 -23.73 -9.45
C VAL D 71 -18.80 -23.92 -8.88
N LEU D 72 -17.86 -23.14 -9.37
CA LEU D 72 -16.49 -23.25 -8.89
C LEU D 72 -16.44 -22.84 -7.43
N SER D 73 -17.08 -21.73 -7.09
CA SER D 73 -17.08 -21.24 -5.72
C SER D 73 -17.71 -22.22 -4.75
N ILE D 74 -18.89 -22.76 -5.11
CA ILE D 74 -19.56 -23.70 -4.24
C ILE D 74 -18.71 -24.95 -4.08
N ALA D 75 -18.04 -25.36 -5.16
CA ALA D 75 -17.18 -26.54 -5.13
C ALA D 75 -16.02 -26.36 -4.15
N LEU D 76 -15.21 -25.32 -4.37
CA LEU D 76 -14.10 -25.08 -3.48
C LEU D 76 -14.61 -24.97 -2.06
N GLY D 77 -15.79 -24.37 -1.93
CA GLY D 77 -16.39 -24.19 -0.62
C GLY D 77 -16.72 -25.48 0.11
N MSE D 78 -17.36 -26.42 -0.56
CA MSE D 78 -17.72 -27.64 0.13
C MSE D 78 -16.52 -28.52 0.43
O MSE D 78 -16.56 -29.38 1.31
CB MSE D 78 -18.82 -28.40 -0.63
CG MSE D 78 -18.54 -28.72 -2.09
SE MSE D 78 -20.11 -29.53 -2.96
CE MSE D 78 -20.39 -28.24 -4.37
N VAL D 79 -15.43 -28.29 -0.29
CA VAL D 79 -14.21 -29.04 -0.08
C VAL D 79 -13.50 -28.47 1.14
N ASP D 80 -13.49 -27.14 1.25
CA ASP D 80 -12.82 -26.48 2.37
C ASP D 80 -13.55 -26.78 3.66
N GLN D 81 -14.87 -26.94 3.56
CA GLN D 81 -15.69 -27.23 4.72
C GLN D 81 -15.20 -28.49 5.42
N VAL D 82 -14.76 -29.48 4.64
CA VAL D 82 -14.27 -30.72 5.21
C VAL D 82 -12.95 -30.50 5.93
N ILE D 83 -12.05 -29.76 5.30
CA ILE D 83 -10.75 -29.48 5.91
C ILE D 83 -10.96 -28.67 7.20
N LEU D 84 -11.83 -27.68 7.11
CA LEU D 84 -12.13 -26.79 8.22
C LEU D 84 -12.60 -27.52 9.48
N SER D 85 -13.33 -28.60 9.30
CA SER D 85 -13.84 -29.32 10.46
C SER D 85 -13.01 -30.53 10.88
N ASN D 86 -11.83 -30.68 10.28
CA ASN D 86 -10.95 -31.77 10.63
C ASN D 86 -9.51 -31.36 10.94
N TYR D 87 -9.14 -30.12 10.63
CA TYR D 87 -7.78 -29.68 10.89
C TYR D 87 -7.70 -28.25 11.37
N ASP D 88 -6.57 -27.92 11.98
CA ASP D 88 -6.32 -26.57 12.44
C ASP D 88 -5.68 -25.97 11.21
N VAL D 89 -6.40 -25.08 10.54
CA VAL D 89 -5.90 -24.49 9.32
C VAL D 89 -4.97 -23.30 9.49
N SER D 90 -4.41 -23.13 10.67
CA SER D 90 -3.48 -22.02 10.90
C SER D 90 -2.23 -22.18 10.02
N SER D 91 -1.98 -23.40 9.55
CA SER D 91 -0.83 -23.68 8.70
C SER D 91 -1.12 -23.34 7.23
N VAL D 92 -2.39 -23.15 6.90
CA VAL D 92 -2.76 -22.80 5.53
C VAL D 92 -2.56 -21.29 5.42
N ILE D 93 -1.42 -20.91 4.86
CA ILE D 93 -1.04 -19.51 4.72
C ILE D 93 -1.82 -18.69 3.69
N ALA D 94 -1.88 -19.18 2.46
CA ALA D 94 -2.57 -18.43 1.42
C ALA D 94 -3.04 -19.25 0.26
N PHE D 95 -3.97 -18.67 -0.49
CA PHE D 95 -4.52 -19.27 -1.70
C PHE D 95 -3.55 -18.80 -2.77
N PHE D 96 -2.71 -19.71 -3.26
CA PHE D 96 -1.72 -19.34 -4.25
C PHE D 96 -2.30 -18.97 -5.60
N GLY D 97 -3.02 -19.90 -6.22
CA GLY D 97 -3.62 -19.61 -7.51
C GLY D 97 -4.46 -20.75 -8.04
N ILE D 98 -5.06 -20.57 -9.20
CA ILE D 98 -5.86 -21.60 -9.84
C ILE D 98 -5.23 -21.64 -11.21
N LYS D 99 -4.71 -22.80 -11.62
CA LYS D 99 -4.03 -22.88 -12.89
C LYS D 99 -4.85 -23.31 -14.07
N ASP D 100 -5.96 -24.00 -13.84
CA ASP D 100 -6.79 -24.43 -14.95
C ASP D 100 -8.18 -24.79 -14.52
N VAL D 101 -9.15 -24.16 -15.17
CA VAL D 101 -10.54 -24.41 -14.88
C VAL D 101 -11.22 -24.66 -16.20
N ARG D 102 -11.89 -25.79 -16.31
CA ARG D 102 -12.60 -26.15 -17.51
C ARG D 102 -14.06 -26.37 -17.20
N PHE D 103 -14.92 -25.63 -17.90
CA PHE D 103 -16.34 -25.77 -17.70
C PHE D 103 -16.81 -26.77 -18.72
N LEU D 104 -16.98 -28.02 -18.28
CA LEU D 104 -17.38 -29.10 -19.19
C LEU D 104 -18.86 -29.20 -19.53
N ARG D 105 -19.69 -29.32 -18.51
CA ARG D 105 -21.12 -29.47 -18.72
C ARG D 105 -21.88 -28.39 -17.95
N PRO D 106 -23.06 -28.01 -18.43
CA PRO D 106 -23.83 -26.99 -17.72
C PRO D 106 -24.55 -27.56 -16.50
N VAL D 107 -24.76 -26.73 -15.48
CA VAL D 107 -25.48 -27.14 -14.30
C VAL D 107 -26.83 -26.43 -14.30
N PHE D 108 -27.91 -27.20 -14.35
CA PHE D 108 -29.26 -26.62 -14.35
C PHE D 108 -29.84 -26.41 -12.94
N ILE D 109 -30.85 -25.56 -12.86
CA ILE D 109 -31.47 -25.19 -11.59
C ILE D 109 -31.87 -26.31 -10.63
N GLY D 110 -32.07 -27.52 -11.10
CA GLY D 110 -32.37 -28.55 -10.11
C GLY D 110 -31.27 -29.58 -9.91
N ASP D 111 -30.10 -29.39 -10.52
CA ASP D 111 -29.00 -30.33 -10.41
C ASP D 111 -28.36 -30.32 -9.04
N THR D 112 -27.80 -31.48 -8.68
CA THR D 112 -27.13 -31.65 -7.39
C THR D 112 -25.67 -31.91 -7.68
N ILE D 113 -24.81 -30.94 -7.40
CA ILE D 113 -23.39 -31.10 -7.65
C ILE D 113 -22.59 -31.57 -6.43
N ALA D 114 -21.53 -32.32 -6.70
CA ALA D 114 -20.66 -32.84 -5.65
C ALA D 114 -19.21 -32.65 -6.12
N ALA D 115 -18.38 -32.11 -5.23
CA ALA D 115 -16.99 -31.86 -5.59
C ALA D 115 -16.02 -32.71 -4.79
N SER D 116 -14.87 -32.95 -5.40
CA SER D 116 -13.81 -33.72 -4.77
C SER D 116 -12.49 -33.08 -5.14
N ALA D 117 -11.55 -33.13 -4.21
CA ALA D 117 -10.24 -32.57 -4.45
C ALA D 117 -9.21 -33.65 -4.15
N GLU D 118 -8.17 -33.72 -4.98
CA GLU D 118 -7.11 -34.70 -4.80
C GLU D 118 -5.74 -34.03 -4.90
N VAL D 119 -4.85 -34.38 -3.96
CA VAL D 119 -3.50 -33.81 -3.99
C VAL D 119 -2.75 -34.42 -5.15
N VAL D 120 -2.29 -33.58 -6.07
CA VAL D 120 -1.58 -34.08 -7.23
C VAL D 120 -0.14 -33.57 -7.32
N GLU D 121 0.21 -32.57 -6.53
CA GLU D 121 1.56 -32.03 -6.61
C GLU D 121 2.02 -31.29 -5.35
N LYS D 122 3.34 -31.33 -5.11
CA LYS D 122 3.94 -30.65 -3.98
C LYS D 122 5.28 -30.10 -4.44
N GLN D 123 5.54 -28.84 -4.14
CA GLN D 123 6.78 -28.19 -4.52
C GLN D 123 7.25 -27.34 -3.36
N ASP D 124 8.54 -27.38 -3.06
CA ASP D 124 9.09 -26.58 -1.98
C ASP D 124 9.00 -25.13 -2.45
N PHE D 125 8.86 -24.20 -1.52
CA PHE D 125 8.76 -22.79 -1.86
C PHE D 125 9.87 -21.98 -1.19
N ASP D 126 9.99 -22.14 0.12
CA ASP D 126 11.01 -21.47 0.90
C ASP D 126 11.27 -22.33 2.15
N GLU D 127 12.06 -21.82 3.08
CA GLU D 127 12.38 -22.58 4.28
C GLU D 127 11.20 -22.71 5.24
N LYS D 128 10.14 -21.94 5.01
CA LYS D 128 9.00 -22.00 5.91
C LYS D 128 7.70 -22.53 5.30
N SER D 129 7.70 -22.80 4.01
CA SER D 129 6.49 -23.31 3.37
C SER D 129 6.68 -23.91 2.00
N GLY D 130 5.66 -24.62 1.53
CA GLY D 130 5.68 -25.24 0.22
C GLY D 130 4.31 -25.11 -0.40
N VAL D 131 4.21 -25.26 -1.71
CA VAL D 131 2.92 -25.16 -2.36
C VAL D 131 2.35 -26.53 -2.70
N VAL D 132 1.07 -26.73 -2.40
CA VAL D 132 0.40 -27.98 -2.68
C VAL D 132 -0.62 -27.72 -3.79
N THR D 133 -0.65 -28.60 -4.79
CA THR D 133 -1.58 -28.45 -5.89
C THR D 133 -2.66 -29.51 -5.83
N TYR D 134 -3.90 -29.09 -5.99
CA TYR D 134 -5.02 -30.01 -5.93
C TYR D 134 -5.74 -30.10 -7.25
N LYS D 135 -6.31 -31.27 -7.52
CA LYS D 135 -7.09 -31.47 -8.73
C LYS D 135 -8.55 -31.47 -8.26
N LEU D 136 -9.33 -30.52 -8.78
CA LEU D 136 -10.73 -30.40 -8.43
C LEU D 136 -11.62 -31.06 -9.47
N GLU D 137 -12.60 -31.84 -8.99
CA GLU D 137 -13.54 -32.51 -9.86
C GLU D 137 -14.96 -32.33 -9.33
N VAL D 138 -15.85 -31.88 -10.20
CA VAL D 138 -17.24 -31.66 -9.84
C VAL D 138 -18.16 -32.51 -10.72
N LYS D 139 -19.04 -33.30 -10.06
CA LYS D 139 -19.98 -34.16 -10.78
C LYS D 139 -21.42 -33.84 -10.42
N ASN D 140 -22.34 -34.09 -11.36
CA ASN D 140 -23.74 -33.84 -11.05
C ASN D 140 -24.40 -35.13 -10.54
N GLN D 141 -25.69 -35.05 -10.24
CA GLN D 141 -26.41 -36.19 -9.71
C GLN D 141 -26.31 -37.48 -10.52
N ARG D 142 -26.05 -37.39 -11.80
CA ARG D 142 -25.95 -38.61 -12.58
C ARG D 142 -24.52 -38.97 -12.96
N GLY D 143 -23.57 -38.61 -12.10
CA GLY D 143 -22.16 -38.92 -12.31
C GLY D 143 -21.38 -38.16 -13.35
N GLU D 144 -22.05 -37.37 -14.19
CA GLU D 144 -21.36 -36.62 -15.22
C GLU D 144 -20.41 -35.57 -14.64
N LEU D 145 -19.28 -35.39 -15.30
CA LEU D 145 -18.27 -34.42 -14.87
C LEU D 145 -18.62 -33.05 -15.46
N VAL D 146 -19.02 -32.11 -14.60
CA VAL D 146 -19.43 -30.78 -15.07
C VAL D 146 -18.31 -29.74 -15.07
N LEU D 147 -17.39 -29.87 -14.12
CA LEU D 147 -16.29 -28.93 -14.04
C LEU D 147 -15.04 -29.58 -13.50
N THR D 148 -13.89 -29.11 -13.98
CA THR D 148 -12.61 -29.64 -13.54
C THR D 148 -11.65 -28.47 -13.39
N ALA D 149 -10.77 -28.57 -12.41
CA ALA D 149 -9.82 -27.50 -12.19
C ALA D 149 -8.57 -27.91 -11.41
N LEU D 150 -7.55 -27.05 -11.50
CA LEU D 150 -6.29 -27.26 -10.82
C LEU D 150 -6.03 -26.00 -9.99
N TYR D 151 -5.89 -26.15 -8.67
CA TYR D 151 -5.62 -25.00 -7.81
C TYR D 151 -4.55 -25.35 -6.80
N SER D 152 -3.89 -24.34 -6.25
CA SER D 152 -2.83 -24.59 -5.29
C SER D 152 -2.83 -23.64 -4.11
N ALA D 153 -2.40 -24.17 -2.98
CA ALA D 153 -2.33 -23.40 -1.74
C ALA D 153 -0.91 -23.44 -1.18
N LEU D 154 -0.52 -22.37 -0.50
CA LEU D 154 0.80 -22.29 0.10
C LEU D 154 0.62 -22.66 1.56
N ILE D 155 1.18 -23.79 1.98
CA ILE D 155 1.04 -24.22 3.37
C ILE D 155 2.34 -24.32 4.12
N ARG D 156 2.28 -23.96 5.40
CA ARG D 156 3.42 -23.96 6.31
C ARG D 156 4.07 -25.31 6.56
N LYS D 157 5.40 -25.29 6.73
CA LYS D 157 6.14 -26.51 7.00
C LYS D 157 6.29 -26.68 8.51
N THR D 158 6.43 -27.93 8.96
CA THR D 158 6.55 -28.21 10.39
C THR D 158 7.71 -27.44 11.00
N PRO D 159 7.52 -26.86 12.20
CA PRO D 159 8.58 -26.10 12.87
C PRO D 159 9.67 -26.97 13.49
N ALA E 9 -16.51 3.10 -17.14
CA ALA E 9 -17.00 4.41 -17.58
C ALA E 9 -15.91 5.27 -18.24
N ARG E 10 -16.30 6.35 -18.92
CA ARG E 10 -15.32 7.19 -19.58
C ARG E 10 -15.37 8.67 -19.26
N ASN E 11 -16.21 9.44 -19.95
CA ASN E 11 -16.28 10.89 -19.71
C ASN E 11 -17.51 11.41 -18.99
N PRO E 12 -17.32 12.40 -18.10
CA PRO E 12 -18.50 12.92 -17.39
C PRO E 12 -19.47 13.66 -18.30
N ILE E 13 -20.74 13.63 -17.93
CA ILE E 13 -21.78 14.31 -18.68
C ILE E 13 -22.31 15.46 -17.84
N TYR E 14 -22.28 16.66 -18.40
CA TYR E 14 -22.78 17.83 -17.68
C TYR E 14 -24.18 18.19 -18.15
N PHE E 15 -24.85 19.05 -17.39
CA PHE E 15 -26.20 19.48 -17.70
C PHE E 15 -26.43 19.83 -19.18
N GLU E 16 -25.54 20.64 -19.74
CA GLU E 16 -25.64 21.05 -21.14
C GLU E 16 -25.49 19.91 -22.14
N SER E 17 -24.84 18.82 -21.75
CA SER E 17 -24.67 17.68 -22.64
C SER E 17 -25.97 16.87 -22.79
N ILE E 18 -26.80 16.90 -21.75
CA ILE E 18 -28.07 16.16 -21.77
C ILE E 18 -29.08 16.89 -22.62
N GLN E 19 -29.62 16.22 -23.63
CA GLN E 19 -30.63 16.82 -24.48
C GLN E 19 -31.94 16.05 -24.49
N ILE E 20 -33.04 16.78 -24.39
CA ILE E 20 -34.36 16.17 -24.36
C ILE E 20 -34.56 15.21 -25.52
N GLY E 21 -35.06 14.01 -25.21
CA GLY E 21 -35.29 13.03 -26.24
C GLY E 21 -34.39 11.84 -26.17
N GLU E 22 -33.24 11.99 -25.50
CA GLU E 22 -32.30 10.87 -25.34
C GLU E 22 -32.98 9.77 -24.52
N LYS E 23 -32.83 8.52 -24.95
CA LYS E 23 -33.44 7.43 -24.25
C LYS E 23 -32.42 6.37 -23.85
N ILE E 24 -32.59 5.81 -22.65
CA ILE E 24 -31.71 4.77 -22.15
C ILE E 24 -32.48 3.46 -22.09
N GLU E 25 -31.89 2.41 -22.64
CA GLU E 25 -32.53 1.09 -22.69
C GLU E 25 -31.85 0.16 -21.68
N GLY E 26 -32.58 -0.25 -20.64
CA GLY E 26 -32.03 -1.13 -19.64
C GLY E 26 -32.00 -2.58 -20.08
N LEU E 27 -31.17 -3.39 -19.42
CA LEU E 27 -31.06 -4.81 -19.74
C LEU E 27 -32.18 -5.58 -19.00
N PRO E 28 -32.99 -6.35 -19.75
CA PRO E 28 -34.09 -7.13 -19.18
C PRO E 28 -33.70 -8.24 -18.20
N ARG E 29 -34.58 -8.48 -17.23
CA ARG E 29 -34.36 -9.55 -16.26
C ARG E 29 -35.69 -10.09 -15.76
N THR E 30 -35.72 -11.39 -15.52
CA THR E 30 -36.92 -12.07 -15.05
C THR E 30 -37.12 -11.88 -13.54
N VAL E 31 -38.26 -11.32 -13.14
CA VAL E 31 -38.52 -11.10 -11.73
C VAL E 31 -38.77 -12.49 -11.14
N THR E 32 -38.15 -12.75 -10.01
CA THR E 32 -38.24 -14.06 -9.40
C THR E 32 -38.72 -14.07 -7.95
N GLU E 33 -39.00 -15.27 -7.45
CA GLU E 33 -39.42 -15.46 -6.06
C GLU E 33 -38.34 -14.89 -5.14
N THR E 34 -37.09 -15.26 -5.39
CA THR E 34 -35.96 -14.76 -4.62
C THR E 34 -35.99 -13.23 -4.58
N ASP E 35 -36.31 -12.61 -5.72
CA ASP E 35 -36.41 -11.15 -5.82
C ASP E 35 -37.47 -10.64 -4.86
N ILE E 36 -38.67 -11.21 -4.95
CA ILE E 36 -39.80 -10.81 -4.08
C ILE E 36 -39.43 -10.95 -2.60
N TRP E 37 -38.92 -12.13 -2.25
CA TRP E 37 -38.56 -12.41 -0.87
C TRP E 37 -37.43 -11.51 -0.37
N THR E 38 -36.46 -11.23 -1.23
CA THR E 38 -35.38 -10.36 -0.82
C THR E 38 -35.93 -8.98 -0.47
N PHE E 39 -36.81 -8.46 -1.32
CA PHE E 39 -37.38 -7.16 -1.07
C PHE E 39 -38.20 -7.21 0.22
N ALA E 40 -38.95 -8.29 0.41
CA ALA E 40 -39.74 -8.43 1.63
C ALA E 40 -38.84 -8.45 2.87
N TYR E 41 -37.73 -9.18 2.81
CA TYR E 41 -36.79 -9.23 3.93
C TYR E 41 -36.27 -7.85 4.27
N LEU E 42 -35.69 -7.20 3.25
CA LEU E 42 -35.11 -5.87 3.38
C LEU E 42 -36.06 -4.84 3.98
N THR E 43 -37.32 -4.88 3.58
CA THR E 43 -38.29 -3.90 4.08
C THR E 43 -39.12 -4.42 5.23
N ALA E 44 -38.81 -5.63 5.68
CA ALA E 44 -39.53 -6.25 6.78
C ALA E 44 -41.03 -6.09 6.58
N ASP E 45 -41.44 -6.16 5.32
CA ASP E 45 -42.83 -6.00 4.94
C ASP E 45 -43.35 -7.23 4.21
N PHE E 46 -44.10 -8.07 4.93
CA PHE E 46 -44.63 -9.28 4.32
C PHE E 46 -46.13 -9.18 4.00
N PHE E 47 -46.47 -8.28 3.09
CA PHE E 47 -47.86 -8.11 2.67
C PHE E 47 -48.27 -9.43 1.97
N PRO E 48 -49.31 -10.09 2.49
CA PRO E 48 -49.81 -11.36 1.97
C PRO E 48 -50.00 -11.52 0.45
N LEU E 49 -50.30 -10.44 -0.26
CA LEU E 49 -50.48 -10.55 -1.72
C LEU E 49 -49.15 -10.96 -2.35
N HIS E 50 -48.05 -10.62 -1.69
CA HIS E 50 -46.74 -10.96 -2.23
C HIS E 50 -46.14 -12.21 -1.62
N THR E 51 -46.43 -12.48 -0.35
CA THR E 51 -45.81 -13.61 0.30
C THR E 51 -46.69 -14.65 1.00
N ASP E 52 -47.97 -14.67 0.65
CA ASP E 52 -48.88 -15.66 1.23
C ASP E 52 -49.65 -16.33 0.08
N VAL E 53 -49.18 -17.50 -0.34
CA VAL E 53 -49.83 -18.21 -1.43
C VAL E 53 -51.34 -18.38 -1.25
N GLU E 54 -51.77 -18.73 -0.05
CA GLU E 54 -53.18 -18.92 0.22
C GLU E 54 -54.02 -17.64 0.08
N PHE E 55 -53.49 -16.53 0.57
CA PHE E 55 -54.16 -15.25 0.51
C PHE E 55 -54.31 -14.78 -0.95
N ALA E 56 -53.24 -14.88 -1.72
CA ALA E 56 -53.25 -14.44 -3.10
C ALA E 56 -54.35 -15.11 -3.91
N LYS E 57 -54.64 -16.38 -3.63
CA LYS E 57 -55.69 -17.10 -4.36
C LYS E 57 -57.04 -16.39 -4.33
N LYS E 58 -57.37 -15.78 -3.20
CA LYS E 58 -58.64 -15.09 -3.01
C LYS E 58 -58.65 -13.66 -3.54
N THR E 59 -57.57 -13.24 -4.19
CA THR E 59 -57.50 -11.87 -4.69
C THR E 59 -57.83 -11.79 -6.17
N ILE E 60 -57.96 -10.55 -6.66
CA ILE E 60 -58.27 -10.33 -8.06
C ILE E 60 -57.13 -10.80 -8.97
N PHE E 61 -55.98 -11.11 -8.37
CA PHE E 61 -54.84 -11.54 -9.17
C PHE E 61 -54.70 -13.05 -9.24
N GLY E 62 -55.24 -13.75 -8.24
CA GLY E 62 -55.19 -15.20 -8.21
C GLY E 62 -53.85 -15.78 -7.79
N LYS E 63 -52.78 -15.23 -8.35
CA LYS E 63 -51.41 -15.68 -8.04
C LYS E 63 -50.73 -14.54 -7.28
N PRO E 64 -49.56 -14.82 -6.68
CA PRO E 64 -48.89 -13.73 -5.96
C PRO E 64 -48.19 -12.84 -6.98
N ILE E 65 -47.99 -11.57 -6.66
CA ILE E 65 -47.32 -10.64 -7.57
C ILE E 65 -46.18 -9.87 -6.91
N ALA E 66 -45.30 -9.31 -7.74
CA ALA E 66 -44.17 -8.53 -7.23
C ALA E 66 -44.62 -7.23 -6.61
N GLN E 67 -43.81 -6.71 -5.69
CA GLN E 67 -44.15 -5.45 -5.04
C GLN E 67 -43.89 -4.34 -6.04
N GLY E 68 -44.76 -3.32 -6.06
CA GLY E 68 -44.56 -2.22 -6.98
C GLY E 68 -43.24 -1.54 -6.70
N MSE E 69 -42.92 -1.33 -5.42
CA MSE E 69 -41.64 -0.70 -5.08
C MSE E 69 -40.46 -1.52 -5.60
O MSE E 69 -39.40 -0.96 -5.91
CB MSE E 69 -41.53 -0.54 -3.57
CG MSE E 69 -42.32 0.65 -3.05
SE MSE E 69 -41.83 2.30 -3.94
CE MSE E 69 -40.10 2.59 -3.12
N LEU E 70 -40.64 -2.84 -5.68
CA LEU E 70 -39.58 -3.70 -6.18
C LEU E 70 -39.38 -3.47 -7.67
N VAL E 71 -40.48 -3.46 -8.41
CA VAL E 71 -40.39 -3.26 -9.83
C VAL E 71 -39.77 -1.88 -10.14
N LEU E 72 -40.15 -0.88 -9.35
CA LEU E 72 -39.62 0.45 -9.56
C LEU E 72 -38.13 0.46 -9.29
N SER E 73 -37.71 -0.18 -8.20
CA SER E 73 -36.31 -0.24 -7.83
C SER E 73 -35.47 -0.95 -8.87
N ILE E 74 -35.93 -2.11 -9.31
CA ILE E 74 -35.19 -2.85 -10.31
C ILE E 74 -35.11 -2.05 -11.62
N ALA E 75 -36.19 -1.35 -11.96
CA ALA E 75 -36.23 -0.53 -13.18
C ALA E 75 -35.19 0.58 -13.13
N LEU E 76 -35.26 1.42 -12.10
CA LEU E 76 -34.31 2.51 -11.99
C LEU E 76 -32.90 1.93 -11.99
N GLY E 77 -32.75 0.78 -11.34
CA GLY E 77 -31.47 0.12 -11.26
C GLY E 77 -30.89 -0.31 -12.59
N MSE E 78 -31.67 -0.97 -13.45
CA MSE E 78 -31.11 -1.40 -14.71
C MSE E 78 -30.84 -0.24 -15.66
O MSE E 78 -30.03 -0.36 -16.58
CB MSE E 78 -31.98 -2.49 -15.35
CG MSE E 78 -33.45 -2.15 -15.55
SE MSE E 78 -34.45 -3.73 -16.20
CE MSE E 78 -35.77 -3.84 -14.79
N VAL E 79 -31.51 0.89 -15.43
CA VAL E 79 -31.30 2.08 -16.25
C VAL E 79 -30.01 2.75 -15.81
N ASP E 80 -29.79 2.83 -14.51
CA ASP E 80 -28.58 3.45 -13.99
C ASP E 80 -27.35 2.63 -14.38
N GLN E 81 -27.53 1.31 -14.45
CA GLN E 81 -26.44 0.41 -14.80
C GLN E 81 -25.82 0.81 -16.15
N VAL E 82 -26.66 1.26 -17.07
CA VAL E 82 -26.19 1.68 -18.39
C VAL E 82 -25.39 2.99 -18.32
N ILE E 83 -25.89 3.93 -17.53
CA ILE E 83 -25.21 5.21 -17.39
C ILE E 83 -23.88 4.96 -16.69
N LEU E 84 -23.92 4.15 -15.63
CA LEU E 84 -22.74 3.82 -14.84
C LEU E 84 -21.60 3.26 -15.65
N SER E 85 -21.90 2.50 -16.69
CA SER E 85 -20.82 1.91 -17.47
C SER E 85 -20.46 2.67 -18.73
N ASN E 86 -21.02 3.86 -18.90
CA ASN E 86 -20.74 4.67 -20.06
C ASN E 86 -20.32 6.09 -19.76
N TYR E 87 -20.52 6.54 -18.52
CA TYR E 87 -20.15 7.90 -18.17
C TYR E 87 -19.53 8.03 -16.79
N ASP E 88 -18.83 9.13 -16.57
CA ASP E 88 -18.24 9.42 -15.28
C ASP E 88 -19.38 10.14 -14.59
N VAL E 89 -19.99 9.50 -13.60
CA VAL E 89 -21.15 10.08 -12.94
C VAL E 89 -20.85 11.05 -11.80
N SER E 90 -19.62 11.56 -11.77
CA SER E 90 -19.24 12.52 -10.73
C SER E 90 -20.06 13.79 -10.87
N SER E 91 -20.64 14.01 -12.06
CA SER E 91 -21.45 15.19 -12.31
C SER E 91 -22.90 15.00 -11.84
N VAL E 92 -23.27 13.76 -11.54
CA VAL E 92 -24.62 13.46 -11.06
C VAL E 92 -24.57 13.72 -9.56
N ILE E 93 -25.06 14.89 -9.17
CA ILE E 93 -25.03 15.33 -7.79
C ILE E 93 -26.00 14.65 -6.84
N ALA E 94 -27.28 14.63 -7.21
CA ALA E 94 -28.28 14.03 -6.34
C ALA E 94 -29.56 13.59 -7.03
N PHE E 95 -30.29 12.73 -6.34
CA PHE E 95 -31.56 12.23 -6.82
C PHE E 95 -32.53 13.27 -6.29
N PHE E 96 -33.08 14.07 -7.19
CA PHE E 96 -33.97 15.13 -6.77
C PHE E 96 -35.32 14.62 -6.25
N GLY E 97 -36.05 13.90 -7.09
CA GLY E 97 -37.34 13.41 -6.66
C GLY E 97 -38.01 12.53 -7.70
N ILE E 98 -39.19 12.04 -7.35
CA ILE E 98 -39.98 11.19 -8.23
C ILE E 98 -41.32 11.89 -8.24
N LYS E 99 -41.68 12.42 -9.41
CA LYS E 99 -42.92 13.16 -9.56
C LYS E 99 -44.11 12.23 -9.53
N ASP E 100 -44.18 11.29 -10.45
CA ASP E 100 -45.32 10.41 -10.48
C ASP E 100 -44.92 8.98 -10.78
N VAL E 101 -45.65 8.04 -10.18
CA VAL E 101 -45.42 6.62 -10.40
C VAL E 101 -46.78 6.01 -10.52
N ARG E 102 -47.01 5.29 -11.60
CA ARG E 102 -48.28 4.61 -11.83
C ARG E 102 -48.04 3.13 -12.03
N PHE E 103 -48.71 2.33 -11.19
CA PHE E 103 -48.61 0.89 -11.30
C PHE E 103 -49.76 0.45 -12.18
N LEU E 104 -49.46 0.20 -13.45
CA LEU E 104 -50.46 -0.17 -14.42
C LEU E 104 -50.89 -1.62 -14.46
N ARG E 105 -49.92 -2.52 -14.63
CA ARG E 105 -50.19 -3.94 -14.72
C ARG E 105 -49.34 -4.69 -13.70
N PRO E 106 -49.83 -5.84 -13.23
CA PRO E 106 -49.06 -6.61 -12.25
C PRO E 106 -47.93 -7.40 -12.89
N VAL E 107 -46.87 -7.62 -12.13
CA VAL E 107 -45.74 -8.40 -12.63
C VAL E 107 -45.74 -9.75 -11.88
N PHE E 108 -45.85 -10.84 -12.63
CA PHE E 108 -45.89 -12.17 -12.03
C PHE E 108 -44.51 -12.80 -11.91
N ILE E 109 -44.40 -13.79 -11.02
CA ILE E 109 -43.13 -14.45 -10.76
C ILE E 109 -42.29 -14.92 -11.94
N GLY E 110 -42.87 -15.11 -13.10
CA GLY E 110 -42.03 -15.50 -14.23
C GLY E 110 -41.86 -14.44 -15.32
N ASP E 111 -42.41 -13.26 -15.09
CA ASP E 111 -42.32 -12.19 -16.07
C ASP E 111 -40.93 -11.64 -16.21
N THR E 112 -40.65 -11.10 -17.40
CA THR E 112 -39.35 -10.52 -17.71
C THR E 112 -39.60 -9.07 -18.01
N ILE E 113 -39.19 -8.20 -17.10
CA ILE E 113 -39.41 -6.77 -17.30
C ILE E 113 -38.21 -6.04 -17.93
N ALA E 114 -38.52 -4.97 -18.67
CA ALA E 114 -37.50 -4.15 -19.29
C ALA E 114 -37.89 -2.69 -19.07
N ALA E 115 -36.92 -1.88 -18.67
CA ALA E 115 -37.17 -0.48 -18.42
C ALA E 115 -36.44 0.44 -19.38
N SER E 116 -37.02 1.61 -19.62
CA SER E 116 -36.42 2.59 -20.48
C SER E 116 -36.66 3.97 -19.85
N ALA E 117 -35.70 4.86 -20.03
CA ALA E 117 -35.81 6.21 -19.49
C ALA E 117 -35.59 7.21 -20.63
N GLU E 118 -36.39 8.27 -20.65
CA GLU E 118 -36.26 9.28 -21.68
C GLU E 118 -36.23 10.67 -21.06
N VAL E 119 -35.29 11.50 -21.49
CA VAL E 119 -35.20 12.86 -20.98
C VAL E 119 -36.40 13.65 -21.51
N VAL E 120 -37.20 14.21 -20.61
CA VAL E 120 -38.39 14.94 -21.03
C VAL E 120 -38.39 16.39 -20.57
N GLU E 121 -37.47 16.76 -19.68
CA GLU E 121 -37.43 18.12 -19.17
C GLU E 121 -36.11 18.53 -18.57
N LYS E 122 -35.81 19.82 -18.64
CA LYS E 122 -34.59 20.39 -18.09
C LYS E 122 -34.95 21.75 -17.52
N GLN E 123 -34.54 21.97 -16.26
CA GLN E 123 -34.78 23.22 -15.52
C GLN E 123 -33.47 23.67 -14.87
N ASP E 124 -33.11 24.94 -15.03
CA ASP E 124 -31.89 25.45 -14.39
C ASP E 124 -32.21 25.42 -12.91
N PHE E 125 -31.20 25.26 -12.07
CA PHE E 125 -31.41 25.22 -10.63
C PHE E 125 -30.63 26.33 -9.92
N ASP E 126 -29.33 26.38 -10.21
CA ASP E 126 -28.44 27.38 -9.64
C ASP E 126 -27.28 27.55 -10.62
N GLU E 127 -26.27 28.33 -10.24
CA GLU E 127 -25.14 28.56 -11.12
C GLU E 127 -24.24 27.34 -11.31
N LYS E 128 -24.43 26.32 -10.48
CA LYS E 128 -23.60 25.13 -10.58
C LYS E 128 -24.32 23.85 -11.00
N SER E 129 -25.64 23.91 -11.14
CA SER E 129 -26.37 22.72 -11.53
C SER E 129 -27.79 22.96 -12.00
N GLY E 130 -28.35 21.93 -12.65
CA GLY E 130 -29.72 22.00 -13.14
C GLY E 130 -30.38 20.65 -12.92
N VAL E 131 -31.71 20.60 -12.94
CA VAL E 131 -32.40 19.34 -12.75
C VAL E 131 -32.90 18.78 -14.07
N VAL E 132 -32.68 17.49 -14.26
CA VAL E 132 -33.10 16.78 -15.45
C VAL E 132 -34.22 15.82 -15.07
N THR E 133 -35.30 15.83 -15.84
CA THR E 133 -36.42 14.96 -15.56
C THR E 133 -36.50 13.83 -16.59
N TYR E 134 -36.68 12.61 -16.10
CA TYR E 134 -36.75 11.46 -16.98
C TYR E 134 -38.12 10.79 -16.91
N LYS E 135 -38.52 10.23 -18.04
CA LYS E 135 -39.78 9.51 -18.11
C LYS E 135 -39.39 8.02 -18.11
N LEU E 136 -39.87 7.29 -17.11
CA LEU E 136 -39.55 5.87 -17.00
C LEU E 136 -40.68 5.00 -17.50
N GLU E 137 -40.32 3.99 -18.28
CA GLU E 137 -41.29 3.06 -18.84
C GLU E 137 -40.81 1.63 -18.67
N VAL E 138 -41.68 0.80 -18.11
CA VAL E 138 -41.35 -0.59 -17.87
C VAL E 138 -42.34 -1.49 -18.60
N LYS E 139 -41.85 -2.43 -19.39
CA LYS E 139 -42.71 -3.36 -20.10
C LYS E 139 -42.32 -4.81 -19.83
N ASN E 140 -43.29 -5.72 -19.94
CA ASN E 140 -43.02 -7.13 -19.72
C ASN E 140 -42.65 -7.83 -21.01
N GLN E 141 -42.44 -9.14 -20.93
CA GLN E 141 -42.04 -9.92 -22.08
C GLN E 141 -42.94 -9.82 -23.30
N ARG E 142 -44.22 -9.51 -23.11
CA ARG E 142 -45.08 -9.40 -24.26
C ARG E 142 -45.45 -7.95 -24.63
N GLY E 143 -44.50 -7.03 -24.40
CA GLY E 143 -44.68 -5.64 -24.74
C GLY E 143 -45.61 -4.78 -23.89
N GLU E 144 -46.41 -5.38 -23.02
CA GLU E 144 -47.34 -4.63 -22.19
C GLU E 144 -46.62 -3.67 -21.25
N LEU E 145 -47.20 -2.50 -21.04
CA LEU E 145 -46.64 -1.48 -20.16
C LEU E 145 -47.10 -1.76 -18.72
N VAL E 146 -46.20 -2.16 -17.85
CA VAL E 146 -46.58 -2.50 -16.48
C VAL E 146 -46.44 -1.37 -15.50
N LEU E 147 -45.48 -0.49 -15.74
CA LEU E 147 -45.28 0.63 -14.84
C LEU E 147 -44.74 1.84 -15.56
N THR E 148 -45.13 3.00 -15.08
CA THR E 148 -44.67 4.24 -15.69
C THR E 148 -44.35 5.24 -14.59
N ALA E 149 -43.33 6.05 -14.78
CA ALA E 149 -42.97 7.03 -13.77
C ALA E 149 -42.17 8.21 -14.31
N LEU E 150 -42.13 9.27 -13.50
CA LEU E 150 -41.42 10.50 -13.80
C LEU E 150 -40.51 10.77 -12.63
N TYR E 151 -39.21 10.84 -12.89
CA TYR E 151 -38.24 11.09 -11.83
C TYR E 151 -37.21 12.12 -12.30
N SER E 152 -36.54 12.77 -11.37
CA SER E 152 -35.58 13.78 -11.75
C SER E 152 -34.31 13.76 -10.91
N ALA E 153 -33.20 14.11 -11.54
CA ALA E 153 -31.92 14.14 -10.87
C ALA E 153 -31.27 15.51 -11.00
N LEU E 154 -30.51 15.90 -9.99
CA LEU E 154 -29.83 17.19 -10.03
C LEU E 154 -28.42 16.91 -10.53
N ILE E 155 -28.08 17.45 -11.71
CA ILE E 155 -26.74 17.22 -12.26
C ILE E 155 -25.94 18.50 -12.48
N ARG E 156 -24.64 18.39 -12.21
CA ARG E 156 -23.68 19.48 -12.32
C ARG E 156 -23.54 20.08 -13.72
N LYS E 157 -23.30 21.39 -13.76
CA LYS E 157 -23.10 22.09 -15.02
C LYS E 157 -21.62 22.16 -15.33
N THR E 158 -21.27 22.23 -16.61
CA THR E 158 -19.86 22.28 -17.03
C THR E 158 -19.13 23.45 -16.37
N PRO E 159 -17.88 23.24 -15.93
CA PRO E 159 -17.12 24.32 -15.30
C PRO E 159 -16.52 25.29 -16.32
N ALA F 9 -53.07 -10.00 12.71
CA ALA F 9 -54.01 -9.20 11.92
C ALA F 9 -55.47 -9.49 12.27
N ARG F 10 -56.11 -8.60 13.05
CA ARG F 10 -57.51 -8.80 13.53
C ARG F 10 -58.69 -8.71 12.52
N ASN F 11 -59.30 -7.53 12.41
CA ASN F 11 -60.43 -7.33 11.51
C ASN F 11 -60.09 -6.48 10.29
N PRO F 12 -60.90 -6.57 9.23
CA PRO F 12 -60.61 -5.78 8.03
C PRO F 12 -61.10 -4.34 8.12
N ILE F 13 -60.40 -3.46 7.41
CA ILE F 13 -60.76 -2.04 7.38
C ILE F 13 -61.24 -1.69 5.99
N TYR F 14 -62.46 -1.15 5.90
CA TYR F 14 -63.00 -0.76 4.62
C TYR F 14 -62.82 0.73 4.38
N PHE F 15 -63.04 1.15 3.14
CA PHE F 15 -62.91 2.55 2.74
C PHE F 15 -63.57 3.52 3.73
N GLU F 16 -64.80 3.21 4.12
CA GLU F 16 -65.55 4.06 5.02
C GLU F 16 -64.97 4.16 6.42
N SER F 17 -64.18 3.15 6.81
CA SER F 17 -63.57 3.14 8.14
C SER F 17 -62.38 4.10 8.23
N ILE F 18 -61.70 4.30 7.11
CA ILE F 18 -60.55 5.19 7.06
C ILE F 18 -61.00 6.66 7.07
N GLN F 19 -60.49 7.41 8.05
CA GLN F 19 -60.84 8.81 8.14
C GLN F 19 -59.61 9.72 8.09
N ILE F 20 -59.71 10.79 7.30
CA ILE F 20 -58.61 11.73 7.14
C ILE F 20 -58.11 12.19 8.49
N GLY F 21 -56.79 12.23 8.64
CA GLY F 21 -56.17 12.64 9.88
C GLY F 21 -55.52 11.51 10.66
N GLU F 22 -55.95 10.27 10.43
CA GLU F 22 -55.38 9.13 11.12
C GLU F 22 -53.90 9.03 10.74
N LYS F 23 -53.05 8.79 11.73
CA LYS F 23 -51.63 8.68 11.46
C LYS F 23 -51.05 7.34 11.96
N ILE F 24 -50.14 6.76 11.19
CA ILE F 24 -49.50 5.51 11.54
C ILE F 24 -48.03 5.79 11.86
N GLU F 25 -47.57 5.31 13.02
CA GLU F 25 -46.20 5.51 13.44
C GLU F 25 -45.38 4.22 13.26
N GLY F 26 -44.40 4.25 12.36
CA GLY F 26 -43.57 3.08 12.11
C GLY F 26 -42.47 2.88 13.16
N LEU F 27 -41.97 1.65 13.28
CA LEU F 27 -40.93 1.35 14.27
C LEU F 27 -39.59 1.75 13.69
N PRO F 28 -38.83 2.59 14.39
CA PRO F 28 -37.51 3.05 13.93
C PRO F 28 -36.45 1.97 13.77
N ARG F 29 -35.54 2.17 12.83
CA ARG F 29 -34.42 1.25 12.60
C ARG F 29 -33.22 1.98 12.00
N THR F 30 -32.03 1.56 12.41
CA THR F 30 -30.79 2.17 11.95
C THR F 30 -30.39 1.68 10.58
N VAL F 31 -30.30 2.60 9.63
CA VAL F 31 -29.90 2.20 8.28
C VAL F 31 -28.45 1.77 8.39
N THR F 32 -28.12 0.63 7.78
CA THR F 32 -26.78 0.09 7.88
C THR F 32 -26.10 -0.21 6.55
N GLU F 33 -24.81 -0.55 6.62
CA GLU F 33 -24.04 -0.89 5.43
C GLU F 33 -24.71 -2.09 4.74
N THR F 34 -25.03 -3.10 5.53
CA THR F 34 -25.69 -4.29 5.03
C THR F 34 -26.94 -3.89 4.26
N ASP F 35 -27.70 -2.94 4.79
CA ASP F 35 -28.92 -2.41 4.15
C ASP F 35 -28.56 -1.85 2.76
N ILE F 36 -27.57 -0.95 2.74
CA ILE F 36 -27.13 -0.32 1.49
C ILE F 36 -26.72 -1.38 0.48
N TRP F 37 -25.85 -2.29 0.90
CA TRP F 37 -25.36 -3.32 -0.01
C TRP F 37 -26.44 -4.29 -0.50
N THR F 38 -27.37 -4.63 0.38
CA THR F 38 -28.45 -5.51 -0.02
C THR F 38 -29.27 -4.82 -1.13
N PHE F 39 -29.55 -3.53 -0.95
CA PHE F 39 -30.32 -2.82 -1.97
C PHE F 39 -29.53 -2.75 -3.28
N ALA F 40 -28.23 -2.51 -3.16
CA ALA F 40 -27.38 -2.46 -4.34
C ALA F 40 -27.38 -3.82 -5.03
N TYR F 41 -27.30 -4.91 -4.27
CA TYR F 41 -27.31 -6.24 -4.86
C TYR F 41 -28.59 -6.48 -5.64
N LEU F 42 -29.70 -6.31 -4.94
CA LEU F 42 -31.03 -6.52 -5.49
C LEU F 42 -31.31 -5.74 -6.78
N THR F 43 -30.87 -4.49 -6.82
CA THR F 43 -31.09 -3.67 -7.99
C THR F 43 -29.91 -3.68 -8.97
N ALA F 44 -28.88 -4.46 -8.67
CA ALA F 44 -27.69 -4.56 -9.50
C ALA F 44 -27.23 -3.16 -9.88
N ASP F 45 -27.41 -2.23 -8.95
CA ASP F 45 -27.06 -0.84 -9.17
C ASP F 45 -26.02 -0.38 -8.17
N PHE F 46 -24.77 -0.31 -8.60
CA PHE F 46 -23.69 0.13 -7.72
C PHE F 46 -23.23 1.58 -7.97
N PHE F 47 -24.13 2.54 -7.78
CA PHE F 47 -23.80 3.95 -7.94
C PHE F 47 -22.74 4.26 -6.89
N PRO F 48 -21.56 4.73 -7.33
CA PRO F 48 -20.43 5.06 -6.46
C PRO F 48 -20.69 5.90 -5.22
N LEU F 49 -21.69 6.77 -5.23
CA LEU F 49 -21.99 7.59 -4.04
C LEU F 49 -22.42 6.68 -2.89
N HIS F 50 -22.95 5.52 -3.24
CA HIS F 50 -23.42 4.60 -2.22
C HIS F 50 -22.43 3.49 -1.93
N THR F 51 -21.69 3.05 -2.93
CA THR F 51 -20.79 1.93 -2.73
C THR F 51 -19.32 2.06 -3.08
N ASP F 52 -18.84 3.29 -3.21
CA ASP F 52 -17.44 3.54 -3.51
C ASP F 52 -16.90 4.56 -2.51
N VAL F 53 -16.24 4.06 -1.48
CA VAL F 53 -15.68 4.93 -0.44
C VAL F 53 -14.83 6.08 -0.99
N GLU F 54 -13.98 5.77 -1.96
CA GLU F 54 -13.12 6.77 -2.54
C GLU F 54 -13.89 7.88 -3.27
N PHE F 55 -14.90 7.47 -4.03
CA PHE F 55 -15.72 8.39 -4.80
C PHE F 55 -16.49 9.35 -3.89
N ALA F 56 -17.12 8.80 -2.87
CA ALA F 56 -17.91 9.59 -1.92
C ALA F 56 -17.14 10.75 -1.30
N LYS F 57 -15.85 10.54 -1.03
CA LYS F 57 -14.99 11.57 -0.44
C LYS F 57 -14.97 12.86 -1.25
N LYS F 58 -15.02 12.74 -2.56
CA LYS F 58 -14.99 13.90 -3.44
C LYS F 58 -16.35 14.53 -3.68
N THR F 59 -17.38 14.04 -3.00
CA THR F 59 -18.72 14.58 -3.23
C THR F 59 -19.12 15.59 -2.17
N ILE F 60 -20.25 16.23 -2.39
CA ILE F 60 -20.75 17.23 -1.44
C ILE F 60 -21.14 16.59 -0.11
N PHE F 61 -21.21 15.26 -0.07
CA PHE F 61 -21.58 14.57 1.16
C PHE F 61 -20.37 14.09 1.97
N GLY F 62 -19.24 13.89 1.30
CA GLY F 62 -18.04 13.46 1.97
C GLY F 62 -18.01 11.99 2.32
N LYS F 63 -19.10 11.49 2.87
CA LYS F 63 -19.20 10.08 3.25
C LYS F 63 -20.22 9.44 2.32
N PRO F 64 -20.31 8.10 2.33
CA PRO F 64 -21.30 7.48 1.44
C PRO F 64 -22.67 7.61 2.09
N ILE F 65 -23.73 7.60 1.28
CA ILE F 65 -25.10 7.72 1.81
C ILE F 65 -26.05 6.64 1.28
N ALA F 66 -27.17 6.45 1.97
CA ALA F 66 -28.15 5.46 1.55
C ALA F 66 -28.85 5.87 0.26
N GLN F 67 -29.35 4.89 -0.47
CA GLN F 67 -30.06 5.19 -1.70
C GLN F 67 -31.44 5.72 -1.32
N GLY F 68 -31.92 6.69 -2.07
CA GLY F 68 -33.23 7.27 -1.77
C GLY F 68 -34.30 6.21 -1.88
N MSE F 69 -34.21 5.37 -2.91
CA MSE F 69 -35.19 4.30 -3.09
C MSE F 69 -35.17 3.34 -1.90
O MSE F 69 -36.19 2.73 -1.59
CB MSE F 69 -34.93 3.53 -4.38
CG MSE F 69 -35.42 4.24 -5.62
SE MSE F 69 -37.30 4.68 -5.52
CE MSE F 69 -38.04 2.92 -5.78
N LEU F 70 -34.01 3.19 -1.26
CA LEU F 70 -33.89 2.33 -0.11
C LEU F 70 -34.66 2.94 1.05
N VAL F 71 -34.40 4.21 1.32
CA VAL F 71 -35.09 4.87 2.43
C VAL F 71 -36.60 4.85 2.22
N LEU F 72 -37.03 5.03 0.98
CA LEU F 72 -38.44 5.04 0.69
C LEU F 72 -39.05 3.68 0.94
N SER F 73 -38.35 2.64 0.46
CA SER F 73 -38.79 1.27 0.64
C SER F 73 -38.88 0.89 2.11
N ILE F 74 -37.82 1.18 2.88
CA ILE F 74 -37.83 0.84 4.28
C ILE F 74 -38.95 1.59 4.99
N ALA F 75 -39.20 2.83 4.59
CA ALA F 75 -40.23 3.66 5.20
C ALA F 75 -41.60 3.06 4.97
N LEU F 76 -41.96 2.84 3.72
CA LEU F 76 -43.25 2.27 3.42
C LEU F 76 -43.40 0.95 4.15
N GLY F 77 -42.29 0.21 4.21
CA GLY F 77 -42.25 -1.07 4.88
C GLY F 77 -42.56 -1.05 6.37
N MSE F 78 -41.95 -0.14 7.12
CA MSE F 78 -42.21 -0.13 8.54
C MSE F 78 -43.60 0.41 8.84
O MSE F 78 -44.16 0.12 9.91
CB MSE F 78 -41.11 0.63 9.30
CG MSE F 78 -40.83 2.04 8.84
SE MSE F 78 -39.30 2.80 9.79
CE MSE F 78 -38.16 3.18 8.26
N VAL F 79 -44.20 1.12 7.90
CA VAL F 79 -45.55 1.64 8.09
C VAL F 79 -46.55 0.52 7.85
N ASP F 80 -46.30 -0.28 6.82
CA ASP F 80 -47.18 -1.37 6.48
C ASP F 80 -47.13 -2.44 7.57
N GLN F 81 -45.98 -2.57 8.21
CA GLN F 81 -45.81 -3.56 9.25
C GLN F 81 -46.86 -3.32 10.36
N VAL F 82 -47.13 -2.05 10.66
CA VAL F 82 -48.11 -1.72 11.68
C VAL F 82 -49.53 -2.10 11.25
N ILE F 83 -49.87 -1.80 10.00
CA ILE F 83 -51.20 -2.13 9.49
C ILE F 83 -51.38 -3.63 9.46
N LEU F 84 -50.36 -4.30 8.95
CA LEU F 84 -50.34 -5.76 8.86
C LEU F 84 -50.61 -6.50 10.18
N SER F 85 -50.15 -5.95 11.29
CA SER F 85 -50.36 -6.61 12.55
C SER F 85 -51.55 -6.10 13.34
N ASN F 86 -52.37 -5.26 12.74
CA ASN F 86 -53.56 -4.74 13.42
C ASN F 86 -54.84 -4.88 12.63
N TYR F 87 -54.73 -5.20 11.35
CA TYR F 87 -55.94 -5.32 10.51
C TYR F 87 -55.87 -6.45 9.51
N ASP F 88 -57.03 -6.89 9.06
CA ASP F 88 -57.12 -7.92 8.05
C ASP F 88 -57.02 -7.09 6.76
N VAL F 89 -55.90 -7.22 6.07
CA VAL F 89 -55.67 -6.44 4.87
C VAL F 89 -56.26 -6.99 3.60
N SER F 90 -57.24 -7.87 3.72
CA SER F 90 -57.87 -8.43 2.53
C SER F 90 -58.64 -7.35 1.77
N SER F 91 -58.98 -6.25 2.45
CA SER F 91 -59.70 -5.14 1.83
C SER F 91 -58.74 -4.19 1.06
N VAL F 92 -57.43 -4.33 1.29
CA VAL F 92 -56.45 -3.50 0.62
C VAL F 92 -56.23 -4.19 -0.72
N ILE F 93 -56.89 -3.67 -1.75
CA ILE F 93 -56.83 -4.25 -3.09
C ILE F 93 -55.54 -4.05 -3.87
N ALA F 94 -55.09 -2.79 -3.96
CA ALA F 94 -53.87 -2.51 -4.73
C ALA F 94 -53.13 -1.24 -4.35
N PHE F 95 -51.88 -1.17 -4.75
CA PHE F 95 -51.03 -0.02 -4.51
C PHE F 95 -51.32 0.81 -5.74
N PHE F 96 -52.07 1.90 -5.58
CA PHE F 96 -52.45 2.74 -6.71
C PHE F 96 -51.27 3.50 -7.33
N GLY F 97 -50.61 4.33 -6.53
CA GLY F 97 -49.49 5.06 -7.06
C GLY F 97 -48.78 5.90 -6.02
N ILE F 98 -47.74 6.58 -6.48
CA ILE F 98 -46.98 7.47 -5.62
C ILE F 98 -46.97 8.80 -6.36
N LYS F 99 -47.66 9.78 -5.79
CA LYS F 99 -47.79 11.09 -6.40
C LYS F 99 -46.60 11.99 -6.24
N ASP F 100 -45.85 11.87 -5.16
CA ASP F 100 -44.71 12.73 -5.01
C ASP F 100 -43.73 12.22 -3.99
N VAL F 101 -42.45 12.32 -4.32
CA VAL F 101 -41.41 11.88 -3.42
C VAL F 101 -40.31 12.93 -3.48
N ARG F 102 -39.95 13.46 -2.32
CA ARG F 102 -38.90 14.46 -2.23
C ARG F 102 -37.81 13.96 -1.31
N PHE F 103 -36.59 13.92 -1.83
CA PHE F 103 -35.45 13.50 -1.04
C PHE F 103 -34.86 14.80 -0.48
N LEU F 104 -35.17 15.09 0.78
CA LEU F 104 -34.71 16.30 1.42
C LEU F 104 -33.30 16.27 1.99
N ARG F 105 -33.02 15.30 2.85
CA ARG F 105 -31.72 15.21 3.50
C ARG F 105 -31.15 13.83 3.29
N PRO F 106 -29.81 13.71 3.28
CA PRO F 106 -29.19 12.40 3.08
C PRO F 106 -29.20 11.57 4.36
N VAL F 107 -29.24 10.25 4.20
CA VAL F 107 -29.24 9.34 5.33
C VAL F 107 -27.88 8.65 5.34
N PHE F 108 -27.13 8.82 6.42
CA PHE F 108 -25.81 8.19 6.53
C PHE F 108 -25.84 6.80 7.19
N ILE F 109 -24.77 6.04 6.97
CA ILE F 109 -24.69 4.67 7.46
C ILE F 109 -25.01 4.41 8.92
N GLY F 110 -24.97 5.42 9.77
CA GLY F 110 -25.32 5.12 11.15
C GLY F 110 -26.63 5.76 11.59
N ASP F 111 -27.32 6.43 10.68
CA ASP F 111 -28.56 7.11 11.02
C ASP F 111 -29.72 6.16 11.35
N THR F 112 -30.63 6.62 12.20
CA THR F 112 -31.79 5.84 12.58
C THR F 112 -33.01 6.59 12.04
N ILE F 113 -33.66 6.03 11.04
CA ILE F 113 -34.83 6.68 10.46
C ILE F 113 -36.15 6.17 11.00
N ALA F 114 -37.15 7.04 11.02
CA ALA F 114 -38.47 6.71 11.51
C ALA F 114 -39.46 7.31 10.54
N ALA F 115 -40.46 6.53 10.16
CA ALA F 115 -41.46 6.99 9.20
C ALA F 115 -42.86 7.06 9.80
N SER F 116 -43.66 7.96 9.25
CA SER F 116 -45.04 8.12 9.70
C SER F 116 -45.89 8.37 8.47
N ALA F 117 -47.12 7.88 8.52
CA ALA F 117 -48.05 8.06 7.42
C ALA F 117 -49.35 8.67 7.96
N GLU F 118 -49.87 9.66 7.24
CA GLU F 118 -51.10 10.29 7.65
C GLU F 118 -52.10 10.33 6.51
N VAL F 119 -53.36 9.98 6.79
CA VAL F 119 -54.37 10.01 5.76
C VAL F 119 -54.69 11.47 5.42
N VAL F 120 -54.51 11.84 4.17
CA VAL F 120 -54.76 13.21 3.76
C VAL F 120 -55.84 13.36 2.71
N GLU F 121 -56.28 12.26 2.11
CA GLU F 121 -57.31 12.34 1.08
C GLU F 121 -58.05 11.03 0.85
N LYS F 122 -59.31 11.18 0.41
CA LYS F 122 -60.18 10.05 0.11
C LYS F 122 -61.06 10.43 -1.06
N GLN F 123 -61.24 9.50 -1.99
CA GLN F 123 -62.05 9.73 -3.18
C GLN F 123 -62.72 8.43 -3.52
N ASP F 124 -64.02 8.47 -3.72
CA ASP F 124 -64.76 7.29 -4.09
C ASP F 124 -64.16 6.84 -5.42
N PHE F 125 -64.24 5.55 -5.71
CA PHE F 125 -63.70 5.02 -6.94
C PHE F 125 -64.76 4.32 -7.75
N ASP F 126 -65.46 3.40 -7.10
CA ASP F 126 -66.53 2.63 -7.71
C ASP F 126 -67.45 2.17 -6.59
N GLU F 127 -68.44 1.34 -6.91
CA GLU F 127 -69.38 0.88 -5.90
C GLU F 127 -68.77 -0.10 -4.89
N LYS F 128 -67.57 -0.60 -5.19
CA LYS F 128 -66.94 -1.55 -4.29
C LYS F 128 -65.66 -1.08 -3.61
N SER F 129 -65.19 0.11 -3.97
CA SER F 129 -63.97 0.60 -3.35
C SER F 129 -63.71 2.08 -3.54
N GLY F 130 -62.76 2.60 -2.75
CA GLY F 130 -62.38 3.99 -2.82
C GLY F 130 -60.87 4.09 -2.63
N VAL F 131 -60.26 5.20 -3.06
CA VAL F 131 -58.82 5.35 -2.91
C VAL F 131 -58.48 6.26 -1.74
N VAL F 132 -57.52 5.83 -0.93
CA VAL F 132 -57.08 6.57 0.22
C VAL F 132 -55.68 7.08 -0.06
N THR F 133 -55.43 8.35 0.24
CA THR F 133 -54.11 8.91 0.02
C THR F 133 -53.41 9.18 1.33
N TYR F 134 -52.14 8.79 1.40
CA TYR F 134 -51.37 8.98 2.61
C TYR F 134 -50.19 9.92 2.43
N LYS F 135 -49.87 10.67 3.46
CA LYS F 135 -48.72 11.55 3.41
C LYS F 135 -47.64 10.84 4.20
N LEU F 136 -46.53 10.56 3.56
CA LEU F 136 -45.41 9.88 4.21
C LEU F 136 -44.33 10.85 4.64
N GLU F 137 -43.85 10.68 5.86
CA GLU F 137 -42.78 11.51 6.41
C GLU F 137 -41.72 10.63 7.07
N VAL F 138 -40.46 10.86 6.69
CA VAL F 138 -39.36 10.11 7.24
C VAL F 138 -38.41 11.07 7.93
N LYS F 139 -38.17 10.85 9.22
CA LYS F 139 -37.28 11.69 10.04
C LYS F 139 -36.09 10.89 10.60
N ASN F 140 -34.93 11.53 10.78
CA ASN F 140 -33.77 10.84 11.32
C ASN F 140 -33.69 10.99 12.84
N GLN F 141 -32.64 10.43 13.43
CA GLN F 141 -32.51 10.45 14.88
C GLN F 141 -32.57 11.84 15.53
N ARG F 142 -32.21 12.89 14.81
CA ARG F 142 -32.28 14.22 15.41
C ARG F 142 -33.47 15.04 14.92
N GLY F 143 -34.58 14.37 14.62
CA GLY F 143 -35.79 15.02 14.20
C GLY F 143 -35.88 15.62 12.80
N GLU F 144 -34.75 15.73 12.10
CA GLU F 144 -34.75 16.30 10.76
C GLU F 144 -35.57 15.47 9.77
N LEU F 145 -36.27 16.16 8.87
CA LEU F 145 -37.09 15.51 7.86
C LEU F 145 -36.22 15.15 6.67
N VAL F 146 -35.99 13.85 6.45
CA VAL F 146 -35.13 13.41 5.35
C VAL F 146 -35.88 13.11 4.06
N LEU F 147 -37.13 12.66 4.16
CA LEU F 147 -37.89 12.34 2.96
C LEU F 147 -39.37 12.55 3.20
N THR F 148 -40.07 12.89 2.13
CA THR F 148 -41.50 13.13 2.23
C THR F 148 -42.14 12.58 0.97
N ALA F 149 -43.36 12.06 1.10
CA ALA F 149 -44.02 11.51 -0.08
C ALA F 149 -45.52 11.39 0.08
N LEU F 150 -46.19 11.24 -1.06
CA LEU F 150 -47.65 11.10 -1.13
C LEU F 150 -47.92 9.80 -1.88
N TYR F 151 -48.65 8.88 -1.28
CA TYR F 151 -48.94 7.61 -1.94
C TYR F 151 -50.38 7.23 -1.67
N SER F 152 -50.94 6.40 -2.53
CA SER F 152 -52.35 6.02 -2.36
C SER F 152 -52.64 4.55 -2.63
N ALA F 153 -53.60 4.02 -1.89
CA ALA F 153 -53.98 2.61 -2.01
C ALA F 153 -55.46 2.52 -2.32
N LEU F 154 -55.84 1.49 -3.06
CA LEU F 154 -57.23 1.26 -3.39
C LEU F 154 -57.76 0.27 -2.37
N ILE F 155 -58.72 0.69 -1.54
CA ILE F 155 -59.25 -0.22 -0.53
C ILE F 155 -60.75 -0.48 -0.66
N ARG F 156 -61.13 -1.71 -0.38
CA ARG F 156 -62.51 -2.18 -0.45
C ARG F 156 -63.49 -1.50 0.48
N LYS F 157 -64.71 -1.31 -0.01
CA LYS F 157 -65.78 -0.68 0.76
C LYS F 157 -66.55 -1.77 1.49
N THR F 158 -67.15 -1.41 2.63
CA THR F 158 -67.93 -2.36 3.41
C THR F 158 -69.05 -3.04 2.61
N PRO F 159 -69.25 -4.35 2.88
CA PRO F 159 -70.26 -5.22 2.24
C PRO F 159 -71.65 -5.03 2.85
N ASN G 11 35.21 -7.52 -30.27
CA ASN G 11 34.45 -7.19 -29.06
C ASN G 11 33.62 -5.92 -29.30
N PRO G 12 34.28 -4.77 -29.53
CA PRO G 12 33.56 -3.52 -29.77
C PRO G 12 32.36 -3.72 -30.69
N ILE G 13 31.36 -2.86 -30.56
CA ILE G 13 30.17 -2.92 -31.38
C ILE G 13 30.14 -1.72 -32.30
N TYR G 14 30.03 -1.97 -33.60
CA TYR G 14 29.98 -0.88 -34.55
C TYR G 14 28.54 -0.61 -35.00
N PHE G 15 28.33 0.51 -35.66
CA PHE G 15 27.01 0.91 -36.14
C PHE G 15 26.23 -0.22 -36.82
N GLU G 16 26.88 -0.94 -37.71
CA GLU G 16 26.24 -2.03 -38.44
C GLU G 16 25.85 -3.22 -37.57
N SER G 17 26.50 -3.36 -36.42
CA SER G 17 26.19 -4.46 -35.50
C SER G 17 24.88 -4.22 -34.75
N ILE G 18 24.57 -2.96 -34.51
CA ILE G 18 23.35 -2.58 -33.80
C ILE G 18 22.13 -2.74 -34.69
N GLN G 19 21.16 -3.53 -34.25
CA GLN G 19 19.95 -3.74 -35.03
C GLN G 19 18.70 -3.35 -34.25
N ILE G 20 17.82 -2.62 -34.91
CA ILE G 20 16.58 -2.16 -34.30
C ILE G 20 15.83 -3.32 -33.64
N GLY G 21 15.38 -3.09 -32.41
CA GLY G 21 14.66 -4.12 -31.68
C GLY G 21 15.42 -4.68 -30.50
N GLU G 22 16.75 -4.55 -30.52
CA GLU G 22 17.55 -5.05 -29.41
C GLU G 22 17.19 -4.26 -28.16
N LYS G 23 17.05 -4.96 -27.05
CA LYS G 23 16.69 -4.30 -25.79
C LYS G 23 17.69 -4.62 -24.68
N ILE G 24 17.99 -3.62 -23.86
CA ILE G 24 18.92 -3.76 -22.75
C ILE G 24 18.14 -3.65 -21.45
N GLU G 25 18.34 -4.63 -20.56
CA GLU G 25 17.65 -4.65 -19.28
C GLU G 25 18.60 -4.25 -18.15
N GLY G 26 18.32 -3.12 -17.51
CA GLY G 26 19.16 -2.65 -16.42
C GLY G 26 18.87 -3.34 -15.11
N LEU G 27 19.84 -3.31 -14.19
CA LEU G 27 19.70 -3.93 -12.88
C LEU G 27 18.93 -2.98 -11.95
N PRO G 28 17.81 -3.45 -11.37
CA PRO G 28 16.98 -2.65 -10.47
C PRO G 28 17.66 -2.20 -9.17
N ARG G 29 17.25 -1.03 -8.69
CA ARG G 29 17.76 -0.50 -7.42
C ARG G 29 16.73 0.41 -6.78
N THR G 30 16.68 0.37 -5.46
CA THR G 30 15.74 1.15 -4.67
C THR G 30 16.19 2.60 -4.51
N VAL G 31 15.40 3.55 -5.00
CA VAL G 31 15.75 4.95 -4.87
C VAL G 31 15.66 5.25 -3.39
N THR G 32 16.68 5.94 -2.87
CA THR G 32 16.73 6.24 -1.44
C THR G 32 16.91 7.71 -1.10
N GLU G 33 16.76 8.02 0.18
CA GLU G 33 16.93 9.39 0.68
C GLU G 33 18.34 9.86 0.32
N THR G 34 19.32 9.01 0.62
CA THR G 34 20.71 9.31 0.29
C THR G 34 20.82 9.68 -1.18
N ASP G 35 20.10 8.96 -2.04
CA ASP G 35 20.09 9.22 -3.48
C ASP G 35 19.59 10.63 -3.74
N ILE G 36 18.42 10.95 -3.18
CA ILE G 36 17.81 12.27 -3.34
C ILE G 36 18.75 13.37 -2.89
N TRP G 37 19.26 13.24 -1.67
CA TRP G 37 20.15 14.24 -1.10
C TRP G 37 21.45 14.40 -1.88
N THR G 38 22.02 13.29 -2.33
CA THR G 38 23.25 13.36 -3.11
C THR G 38 23.00 14.18 -4.37
N PHE G 39 21.87 13.93 -5.04
CA PHE G 39 21.56 14.68 -6.25
C PHE G 39 21.35 16.15 -5.92
N ALA G 40 20.68 16.42 -4.80
CA ALA G 40 20.44 17.80 -4.38
C ALA G 40 21.77 18.50 -4.09
N TYR G 41 22.69 17.80 -3.43
CA TYR G 41 24.00 18.37 -3.12
C TYR G 41 24.72 18.74 -4.42
N LEU G 42 24.88 17.74 -5.27
CA LEU G 42 25.57 17.89 -6.55
C LEU G 42 25.05 19.03 -7.42
N THR G 43 23.74 19.22 -7.45
CA THR G 43 23.15 20.26 -8.27
C THR G 43 22.87 21.53 -7.48
N ALA G 44 23.21 21.53 -6.19
CA ALA G 44 22.98 22.67 -5.32
C ALA G 44 21.54 23.16 -5.50
N ASP G 45 20.65 22.22 -5.74
CA ASP G 45 19.24 22.51 -5.96
C ASP G 45 18.37 21.83 -4.91
N PHE G 46 17.91 22.60 -3.94
CA PHE G 46 17.06 22.06 -2.88
C PHE G 46 15.59 22.42 -3.03
N PHE G 47 14.97 21.95 -4.11
CA PHE G 47 13.56 22.21 -4.35
C PHE G 47 12.80 21.51 -3.23
N PRO G 48 12.00 22.27 -2.45
CA PRO G 48 11.23 21.76 -1.33
C PRO G 48 10.40 20.48 -1.51
N LEU G 49 9.94 20.20 -2.73
CA LEU G 49 9.16 19.00 -2.96
C LEU G 49 10.04 17.77 -2.71
N HIS G 50 11.35 17.95 -2.89
CA HIS G 50 12.28 16.84 -2.71
C HIS G 50 12.98 16.84 -1.36
N THR G 51 13.25 18.02 -0.80
CA THR G 51 13.97 18.09 0.45
C THR G 51 13.36 18.85 1.62
N ASP G 52 12.06 19.10 1.57
CA ASP G 52 11.38 19.78 2.67
C ASP G 52 10.16 18.96 3.07
N VAL G 53 10.30 18.16 4.13
CA VAL G 53 9.21 17.31 4.58
C VAL G 53 7.90 18.07 4.82
N GLU G 54 7.99 19.25 5.44
CA GLU G 54 6.79 20.04 5.70
C GLU G 54 6.10 20.54 4.43
N PHE G 55 6.89 20.98 3.45
CA PHE G 55 6.35 21.48 2.19
C PHE G 55 5.65 20.37 1.41
N ALA G 56 6.29 19.21 1.31
CA ALA G 56 5.73 18.08 0.58
C ALA G 56 4.32 17.70 1.04
N LYS G 57 4.07 17.80 2.35
CA LYS G 57 2.77 17.46 2.90
C LYS G 57 1.61 18.22 2.25
N LYS G 58 1.85 19.48 1.93
CA LYS G 58 0.83 20.33 1.31
C LYS G 58 0.72 20.18 -0.21
N THR G 59 1.48 19.25 -0.80
CA THR G 59 1.45 19.06 -2.25
C THR G 59 0.54 17.91 -2.66
N ILE G 60 0.32 17.80 -3.97
CA ILE G 60 -0.53 16.74 -4.50
C ILE G 60 0.08 15.37 -4.27
N PHE G 61 1.34 15.32 -3.85
CA PHE G 61 2.01 14.05 -3.62
C PHE G 61 1.98 13.62 -2.16
N GLY G 62 1.84 14.59 -1.26
CA GLY G 62 1.79 14.29 0.16
C GLY G 62 3.13 13.97 0.80
N LYS G 63 3.91 13.11 0.14
CA LYS G 63 5.23 12.72 0.63
C LYS G 63 6.26 13.34 -0.32
N PRO G 64 7.53 13.32 0.08
CA PRO G 64 8.53 13.90 -0.83
C PRO G 64 8.83 12.88 -1.93
N ILE G 65 9.25 13.36 -3.10
CA ILE G 65 9.56 12.46 -4.23
C ILE G 65 10.93 12.72 -4.84
N ALA G 66 11.42 11.75 -5.60
CA ALA G 66 12.72 11.86 -6.24
C ALA G 66 12.68 12.89 -7.36
N GLN G 67 13.84 13.47 -7.68
CA GLN G 67 13.91 14.45 -8.75
C GLN G 67 13.83 13.70 -10.07
N GLY G 68 13.15 14.28 -11.05
CA GLY G 68 13.03 13.63 -12.34
C GLY G 68 14.38 13.41 -12.96
N MSE G 69 15.25 14.42 -12.86
CA MSE G 69 16.59 14.31 -13.41
C MSE G 69 17.36 13.18 -12.75
O MSE G 69 18.22 12.56 -13.38
CB MSE G 69 17.34 15.64 -13.25
CG MSE G 69 16.95 16.68 -14.27
SE MSE G 69 17.16 16.03 -16.09
CE MSE G 69 19.09 16.10 -16.21
N LEU G 70 17.07 12.92 -11.48
CA LEU G 70 17.75 11.84 -10.76
C LEU G 70 17.34 10.49 -11.34
N VAL G 71 16.04 10.30 -11.51
CA VAL G 71 15.52 9.04 -12.04
C VAL G 71 16.07 8.81 -13.44
N LEU G 72 16.12 9.87 -14.24
CA LEU G 72 16.64 9.76 -15.59
C LEU G 72 18.11 9.36 -15.57
N SER G 73 18.88 10.02 -14.72
CA SER G 73 20.31 9.73 -14.59
C SER G 73 20.57 8.30 -14.13
N ILE G 74 19.86 7.88 -13.09
CA ILE G 74 20.07 6.53 -12.59
C ILE G 74 19.66 5.52 -13.66
N ALA G 75 18.61 5.84 -14.41
CA ALA G 75 18.13 4.97 -15.47
C ALA G 75 19.19 4.78 -16.54
N LEU G 76 19.60 5.88 -17.17
CA LEU G 76 20.61 5.80 -18.20
C LEU G 76 21.83 5.08 -17.66
N GLY G 77 22.12 5.33 -16.39
CA GLY G 77 23.26 4.72 -15.75
C GLY G 77 23.22 3.21 -15.65
N MSE G 78 22.11 2.66 -15.17
CA MSE G 78 22.05 1.22 -15.05
C MSE G 78 21.99 0.52 -16.40
O MSE G 78 22.31 -0.68 -16.51
CB MSE G 78 20.89 0.80 -14.14
CG MSE G 78 19.51 1.33 -14.50
SE MSE G 78 18.18 0.86 -13.15
CE MSE G 78 17.60 2.63 -12.65
N VAL G 79 21.60 1.25 -17.44
CA VAL G 79 21.54 0.69 -18.79
C VAL G 79 22.95 0.64 -19.37
N ASP G 80 23.69 1.72 -19.16
CA ASP G 80 25.05 1.80 -19.67
C ASP G 80 25.93 0.78 -18.96
N GLN G 81 25.61 0.50 -17.70
CA GLN G 81 26.38 -0.46 -16.92
C GLN G 81 26.42 -1.83 -17.60
N VAL G 82 25.31 -2.20 -18.24
CA VAL G 82 25.23 -3.48 -18.94
C VAL G 82 26.10 -3.46 -20.21
N ILE G 83 26.03 -2.36 -20.96
CA ILE G 83 26.82 -2.24 -22.18
C ILE G 83 28.31 -2.25 -21.82
N LEU G 84 28.64 -1.48 -20.78
CA LEU G 84 30.00 -1.35 -20.29
C LEU G 84 30.67 -2.68 -19.93
N SER G 85 29.91 -3.62 -19.41
CA SER G 85 30.48 -4.90 -19.02
C SER G 85 30.33 -6.01 -20.06
N ASN G 86 29.87 -5.65 -21.26
CA ASN G 86 29.71 -6.64 -22.32
C ASN G 86 30.34 -6.24 -23.66
N TYR G 87 30.72 -4.98 -23.81
CA TYR G 87 31.32 -4.52 -25.05
C TYR G 87 32.45 -3.53 -24.86
N ASP G 88 33.28 -3.41 -25.89
CA ASP G 88 34.38 -2.46 -25.88
C ASP G 88 33.70 -1.21 -26.43
N VAL G 89 33.45 -0.25 -25.56
CA VAL G 89 32.76 0.97 -25.95
C VAL G 89 33.60 2.04 -26.66
N SER G 90 34.76 1.65 -27.17
CA SER G 90 35.62 2.60 -27.86
C SER G 90 34.93 3.11 -29.13
N SER G 91 33.95 2.36 -29.60
CA SER G 91 33.20 2.73 -30.80
C SER G 91 32.09 3.73 -30.48
N VAL G 92 31.76 3.86 -29.20
CA VAL G 92 30.73 4.80 -28.78
C VAL G 92 31.41 6.17 -28.71
N ILE G 93 31.24 6.95 -29.77
CA ILE G 93 31.86 8.26 -29.88
C ILE G 93 31.32 9.37 -28.99
N ALA G 94 30.00 9.59 -29.03
CA ALA G 94 29.42 10.65 -28.23
C ALA G 94 27.94 10.49 -27.93
N PHE G 95 27.49 11.22 -26.92
CA PHE G 95 26.10 11.23 -26.52
C PHE G 95 25.52 12.34 -27.40
N PHE G 96 24.74 11.95 -28.40
CA PHE G 96 24.17 12.93 -29.32
C PHE G 96 23.14 13.85 -28.69
N GLY G 97 22.08 13.27 -28.16
CA GLY G 97 21.04 14.09 -27.54
C GLY G 97 19.89 13.28 -26.95
N ILE G 98 18.90 14.00 -26.43
CA ILE G 98 17.71 13.40 -25.84
C ILE G 98 16.50 13.96 -26.58
N LYS G 99 15.94 13.14 -27.46
CA LYS G 99 14.78 13.51 -28.27
C LYS G 99 13.57 13.92 -27.45
N ASP G 100 13.21 13.12 -26.47
CA ASP G 100 12.05 13.44 -25.65
C ASP G 100 12.07 12.71 -24.31
N VAL G 101 11.54 13.36 -23.27
CA VAL G 101 11.49 12.79 -21.93
C VAL G 101 10.15 13.14 -21.32
N ARG G 102 9.43 12.11 -20.86
CA ARG G 102 8.13 12.31 -20.25
C ARG G 102 8.11 11.75 -18.83
N PHE G 103 7.80 12.61 -17.88
CA PHE G 103 7.73 12.21 -16.48
C PHE G 103 6.27 11.84 -16.23
N LEU G 104 6.00 10.54 -16.28
CA LEU G 104 4.64 10.04 -16.12
C LEU G 104 4.13 9.91 -14.70
N ARG G 105 4.85 9.15 -13.88
CA ARG G 105 4.45 8.92 -12.50
C ARG G 105 5.57 9.34 -11.55
N PRO G 106 5.21 9.73 -10.32
CA PRO G 106 6.25 10.13 -9.35
C PRO G 106 6.92 8.91 -8.73
N VAL G 107 8.18 9.09 -8.34
CA VAL G 107 8.93 8.02 -7.70
C VAL G 107 9.12 8.42 -6.25
N PHE G 108 8.61 7.60 -5.32
CA PHE G 108 8.72 7.89 -3.90
C PHE G 108 9.96 7.28 -3.27
N ILE G 109 10.35 7.82 -2.12
CA ILE G 109 11.56 7.39 -1.42
C ILE G 109 11.79 5.89 -1.20
N GLY G 110 10.74 5.08 -1.29
CA GLY G 110 10.96 3.65 -1.09
C GLY G 110 10.78 2.83 -2.36
N ASP G 111 10.47 3.50 -3.46
CA ASP G 111 10.25 2.80 -4.73
C ASP G 111 11.51 2.19 -5.32
N THR G 112 11.32 1.09 -6.06
CA THR G 112 12.42 0.40 -6.72
C THR G 112 12.19 0.52 -8.22
N ILE G 113 13.02 1.32 -8.89
CA ILE G 113 12.88 1.52 -10.32
C ILE G 113 13.77 0.62 -11.16
N ALA G 114 13.27 0.29 -12.35
CA ALA G 114 14.00 -0.56 -13.30
C ALA G 114 13.85 0.08 -14.68
N ALA G 115 14.95 0.18 -15.39
CA ALA G 115 14.93 0.78 -16.71
C ALA G 115 15.30 -0.20 -17.80
N SER G 116 14.81 0.07 -19.00
CA SER G 116 15.08 -0.77 -20.15
C SER G 116 15.25 0.16 -21.34
N ALA G 117 16.12 -0.24 -22.26
CA ALA G 117 16.35 0.55 -23.46
C ALA G 117 16.19 -0.35 -24.67
N GLU G 118 15.54 0.17 -25.71
CA GLU G 118 15.31 -0.61 -26.93
C GLU G 118 15.72 0.20 -28.15
N VAL G 119 16.44 -0.43 -29.07
CA VAL G 119 16.86 0.25 -30.29
C VAL G 119 15.62 0.44 -31.16
N VAL G 120 15.32 1.68 -31.50
CA VAL G 120 14.16 1.97 -32.31
C VAL G 120 14.47 2.66 -33.63
N GLU G 121 15.71 3.12 -33.79
CA GLU G 121 16.07 3.81 -35.02
C GLU G 121 17.57 3.85 -35.30
N LYS G 122 17.91 3.90 -36.59
CA LYS G 122 19.29 3.96 -37.05
C LYS G 122 19.34 4.87 -38.26
N GLN G 123 20.37 5.72 -38.30
CA GLN G 123 20.54 6.70 -39.37
C GLN G 123 22.03 6.90 -39.71
N ASP G 124 22.34 7.12 -40.99
CA ASP G 124 23.74 7.33 -41.38
C ASP G 124 24.09 8.77 -41.05
N PHE G 125 25.35 9.03 -40.73
CA PHE G 125 25.78 10.39 -40.39
C PHE G 125 26.88 10.87 -41.33
N ASP G 126 27.92 10.07 -41.44
CA ASP G 126 29.05 10.36 -42.31
C ASP G 126 29.70 9.02 -42.68
N GLU G 127 30.83 9.06 -43.35
CA GLU G 127 31.51 7.84 -43.76
C GLU G 127 32.13 7.05 -42.60
N LYS G 128 32.22 7.67 -41.42
CA LYS G 128 32.81 6.99 -40.27
C LYS G 128 31.88 6.69 -39.11
N SER G 129 30.63 7.15 -39.19
CA SER G 129 29.68 6.90 -38.10
C SER G 129 28.23 7.15 -38.45
N GLY G 130 27.36 6.65 -37.58
CA GLY G 130 25.93 6.82 -37.76
C GLY G 130 25.31 7.06 -36.40
N VAL G 131 24.10 7.62 -36.35
CA VAL G 131 23.44 7.87 -35.07
C VAL G 131 22.38 6.82 -34.78
N VAL G 132 22.39 6.31 -33.55
CA VAL G 132 21.44 5.32 -33.11
C VAL G 132 20.51 5.97 -32.10
N THR G 133 19.21 5.75 -32.25
CA THR G 133 18.24 6.35 -31.34
C THR G 133 17.63 5.26 -30.46
N TYR G 134 17.56 5.54 -29.16
CA TYR G 134 17.00 4.59 -28.21
C TYR G 134 15.74 5.11 -27.55
N LYS G 135 14.85 4.19 -27.21
CA LYS G 135 13.62 4.55 -26.52
C LYS G 135 13.84 4.11 -25.09
N LEU G 136 13.78 5.05 -24.16
CA LEU G 136 13.98 4.76 -22.76
C LEU G 136 12.66 4.64 -22.00
N GLU G 137 12.56 3.60 -21.19
CA GLU G 137 11.38 3.36 -20.39
C GLU G 137 11.75 3.04 -18.95
N VAL G 138 11.13 3.76 -18.02
CA VAL G 138 11.40 3.57 -16.60
C VAL G 138 10.08 3.20 -15.90
N LYS G 139 10.05 2.07 -15.22
CA LYS G 139 8.83 1.65 -14.53
C LYS G 139 9.12 1.47 -13.04
N ASN G 140 8.08 1.20 -12.26
CA ASN G 140 8.26 0.99 -10.83
C ASN G 140 7.96 -0.46 -10.44
N GLN G 141 8.07 -0.76 -9.16
CA GLN G 141 7.85 -2.11 -8.67
C GLN G 141 6.52 -2.76 -9.05
N ARG G 142 5.49 -1.97 -9.30
CA ARG G 142 4.21 -2.56 -9.68
C ARG G 142 3.88 -2.41 -11.17
N GLY G 143 4.93 -2.44 -12.00
CA GLY G 143 4.78 -2.35 -13.44
C GLY G 143 4.39 -1.03 -14.09
N GLU G 144 3.99 -0.04 -13.28
CA GLU G 144 3.59 1.25 -13.82
C GLU G 144 4.73 1.97 -14.52
N LEU G 145 4.41 2.66 -15.61
CA LEU G 145 5.40 3.41 -16.38
C LEU G 145 5.54 4.80 -15.77
N VAL G 146 6.70 5.05 -15.15
CA VAL G 146 6.93 6.35 -14.51
C VAL G 146 7.59 7.38 -15.40
N LEU G 147 8.45 6.93 -16.31
CA LEU G 147 9.14 7.86 -17.19
C LEU G 147 9.43 7.24 -18.54
N THR G 148 9.41 8.06 -19.58
CA THR G 148 9.68 7.60 -20.92
C THR G 148 10.55 8.64 -21.63
N ALA G 149 11.46 8.19 -22.47
CA ALA G 149 12.32 9.12 -23.17
C ALA G 149 12.94 8.56 -24.45
N LEU G 150 13.43 9.48 -25.27
CA LEU G 150 14.06 9.16 -26.54
C LEU G 150 15.43 9.82 -26.53
N TYR G 151 16.48 9.04 -26.66
CA TYR G 151 17.83 9.58 -26.66
C TYR G 151 18.65 8.92 -27.76
N SER G 152 19.70 9.60 -28.20
CA SER G 152 20.54 9.07 -29.28
C SER G 152 22.03 9.23 -29.05
N ALA G 153 22.79 8.26 -29.53
CA ALA G 153 24.24 8.26 -29.41
C ALA G 153 24.89 8.15 -30.77
N LEU G 154 26.05 8.77 -30.93
CA LEU G 154 26.77 8.72 -32.20
C LEU G 154 27.80 7.60 -32.06
N ILE G 155 27.65 6.53 -32.84
CA ILE G 155 28.58 5.42 -32.74
C ILE G 155 29.35 5.14 -34.03
N ARG G 156 30.61 4.76 -33.85
CA ARG G 156 31.54 4.48 -34.95
C ARG G 156 31.14 3.31 -35.85
N LYS G 157 31.46 3.45 -37.13
CA LYS G 157 31.16 2.41 -38.11
C LYS G 157 32.38 1.50 -38.25
N THR G 158 32.16 0.25 -38.63
CA THR G 158 33.24 -0.72 -38.79
C THR G 158 34.30 -0.20 -39.78
N PRO G 159 35.61 -0.41 -39.49
CA PRO G 159 36.66 0.08 -40.40
C PRO G 159 36.58 -0.50 -41.81
N ASN H 11 3.84 36.08 -2.46
CA ASN H 11 5.15 35.63 -2.91
C ASN H 11 5.05 34.59 -4.04
N PRO H 12 4.07 33.67 -3.96
CA PRO H 12 3.92 32.65 -5.00
C PRO H 12 3.59 33.22 -6.39
N ILE H 13 4.02 32.50 -7.42
CA ILE H 13 3.76 32.90 -8.79
C ILE H 13 2.79 31.92 -9.43
N TYR H 14 1.70 32.44 -9.96
CA TYR H 14 0.72 31.59 -10.60
C TYR H 14 0.87 31.63 -12.12
N PHE H 15 0.21 30.70 -12.79
CA PHE H 15 0.27 30.59 -14.24
C PHE H 15 0.13 31.93 -14.96
N GLU H 16 -0.86 32.72 -14.56
CA GLU H 16 -1.12 34.02 -15.18
C GLU H 16 -0.01 35.06 -14.96
N SER H 17 0.77 34.87 -13.90
CA SER H 17 1.87 35.80 -13.60
C SER H 17 3.05 35.60 -14.55
N ILE H 18 3.24 34.36 -15.01
CA ILE H 18 4.32 34.03 -15.92
C ILE H 18 4.03 34.54 -17.32
N GLN H 19 4.93 35.36 -17.86
CA GLN H 19 4.75 35.88 -19.21
C GLN H 19 5.91 35.53 -20.11
N ILE H 20 5.58 35.08 -21.32
CA ILE H 20 6.59 34.70 -22.30
C ILE H 20 7.63 35.79 -22.48
N GLY H 21 8.89 35.40 -22.46
CA GLY H 21 9.97 36.35 -22.63
C GLY H 21 10.82 36.54 -21.37
N GLU H 22 10.24 36.23 -20.22
CA GLU H 22 10.98 36.37 -18.97
C GLU H 22 12.15 35.40 -18.98
N LYS H 23 13.31 35.88 -18.55
CA LYS H 23 14.50 35.03 -18.53
C LYS H 23 15.13 34.97 -17.15
N ILE H 24 15.63 33.79 -16.79
CA ILE H 24 16.27 33.57 -15.50
C ILE H 24 17.76 33.31 -15.73
N GLU H 25 18.60 34.04 -15.00
CA GLU H 25 20.04 33.91 -15.14
C GLU H 25 20.63 33.16 -13.95
N GLY H 26 21.17 31.97 -14.19
CA GLY H 26 21.74 31.18 -13.12
C GLY H 26 23.13 31.64 -12.73
N LEU H 27 23.57 31.27 -11.53
CA LEU H 27 24.89 31.63 -11.03
C LEU H 27 25.93 30.64 -11.57
N PRO H 28 26.96 31.14 -12.26
CA PRO H 28 28.02 30.29 -12.84
C PRO H 28 28.86 29.49 -11.85
N ARG H 29 29.31 28.31 -12.28
CA ARG H 29 30.16 27.47 -11.46
C ARG H 29 31.06 26.61 -12.34
N THR H 30 32.29 26.37 -11.86
CA THR H 30 33.28 25.60 -12.59
C THR H 30 33.05 24.10 -12.43
N VAL H 31 32.80 23.41 -13.53
CA VAL H 31 32.61 21.97 -13.44
C VAL H 31 33.95 21.39 -13.03
N THR H 32 33.93 20.48 -12.07
CA THR H 32 35.15 19.90 -11.55
C THR H 32 35.20 18.37 -11.57
N GLU H 33 36.38 17.84 -11.27
CA GLU H 33 36.59 16.39 -11.22
C GLU H 33 35.63 15.80 -10.19
N THR H 34 35.58 16.43 -9.02
CA THR H 34 34.69 15.99 -7.96
C THR H 34 33.26 15.91 -8.50
N ASP H 35 32.88 16.89 -9.30
CA ASP H 35 31.55 16.93 -9.91
C ASP H 35 31.34 15.67 -10.76
N ILE H 36 32.27 15.43 -11.68
CA ILE H 36 32.21 14.27 -12.58
C ILE H 36 32.10 12.97 -11.79
N TRP H 37 33.02 12.78 -10.84
CA TRP H 37 33.02 11.57 -10.04
C TRP H 37 31.77 11.39 -9.18
N THR H 38 31.26 12.48 -8.64
CA THR H 38 30.06 12.39 -7.83
C THR H 38 28.92 11.87 -8.70
N PHE H 39 28.79 12.43 -9.90
CA PHE H 39 27.73 11.99 -10.80
C PHE H 39 27.92 10.53 -11.17
N ALA H 40 29.18 10.14 -11.41
CA ALA H 40 29.49 8.76 -11.75
C ALA H 40 29.12 7.83 -10.59
N TYR H 41 29.43 8.24 -9.36
CA TYR H 41 29.10 7.42 -8.19
C TYR H 41 27.59 7.23 -8.09
N LEU H 42 26.88 8.34 -8.09
CA LEU H 42 25.42 8.37 -7.97
C LEU H 42 24.70 7.50 -9.00
N THR H 43 25.17 7.53 -10.24
CA THR H 43 24.55 6.76 -11.31
C THR H 43 25.22 5.41 -11.54
N ALA H 44 26.23 5.10 -10.73
CA ALA H 44 26.98 3.84 -10.86
C ALA H 44 27.34 3.61 -12.32
N ASP H 45 27.60 4.71 -13.02
CA ASP H 45 27.95 4.68 -14.44
C ASP H 45 29.34 5.25 -14.68
N PHE H 46 30.32 4.37 -14.89
CA PHE H 46 31.67 4.81 -15.14
C PHE H 46 32.09 4.69 -16.60
N PHE H 47 31.43 5.46 -17.47
CA PHE H 47 31.75 5.45 -18.89
C PHE H 47 33.17 6.01 -19.00
N PRO H 48 34.10 5.23 -19.58
CA PRO H 48 35.51 5.61 -19.75
C PRO H 48 35.83 7.01 -20.30
N LEU H 49 34.95 7.59 -21.11
CA LEU H 49 35.22 8.92 -21.65
C LEU H 49 35.24 9.94 -20.50
N HIS H 50 34.53 9.62 -19.43
CA HIS H 50 34.45 10.51 -18.28
C HIS H 50 35.38 10.14 -17.15
N THR H 51 35.62 8.84 -16.95
CA THR H 51 36.45 8.42 -15.83
C THR H 51 37.66 7.52 -16.10
N ASP H 52 38.13 7.50 -17.34
CA ASP H 52 39.30 6.70 -17.70
C ASP H 52 40.26 7.59 -18.48
N VAL H 53 41.26 8.14 -17.78
CA VAL H 53 42.24 9.02 -18.41
C VAL H 53 42.88 8.42 -19.66
N GLU H 54 43.25 7.14 -19.60
CA GLU H 54 43.88 6.49 -20.73
C GLU H 54 42.95 6.37 -21.95
N PHE H 55 41.70 6.02 -21.70
CA PHE H 55 40.71 5.87 -22.76
C PHE H 55 40.43 7.20 -23.46
N ALA H 56 40.24 8.25 -22.67
CA ALA H 56 39.94 9.58 -23.21
C ALA H 56 40.98 10.06 -24.22
N LYS H 57 42.24 9.73 -23.98
CA LYS H 57 43.32 10.14 -24.87
C LYS H 57 43.10 9.69 -26.31
N LYS H 58 42.54 8.50 -26.50
CA LYS H 58 42.29 7.95 -27.83
C LYS H 58 40.98 8.42 -28.47
N THR H 59 40.27 9.33 -27.81
CA THR H 59 39.00 9.82 -28.34
C THR H 59 39.14 11.13 -29.08
N ILE H 60 38.07 11.54 -29.73
CA ILE H 60 38.07 12.80 -30.48
C ILE H 60 38.20 14.00 -29.56
N PHE H 61 38.06 13.77 -28.25
CA PHE H 61 38.17 14.87 -27.29
C PHE H 61 39.56 14.98 -26.68
N GLY H 62 40.31 13.88 -26.66
CA GLY H 62 41.65 13.89 -26.12
C GLY H 62 41.73 13.88 -24.60
N LYS H 63 40.91 14.73 -23.97
CA LYS H 63 40.87 14.83 -22.52
C LYS H 63 39.52 14.29 -22.07
N PRO H 64 39.36 14.02 -20.77
CA PRO H 64 38.06 13.51 -20.33
C PRO H 64 37.07 14.69 -20.26
N ILE H 65 35.78 14.41 -20.42
CA ILE H 65 34.76 15.45 -20.38
C ILE H 65 33.61 15.12 -19.44
N ALA H 66 32.85 16.15 -19.08
CA ALA H 66 31.71 15.98 -18.17
C ALA H 66 30.58 15.22 -18.85
N GLN H 67 29.75 14.56 -18.05
CA GLN H 67 28.63 13.81 -18.58
C GLN H 67 27.57 14.82 -19.00
N GLY H 68 26.89 14.56 -20.11
CA GLY H 68 25.85 15.46 -20.56
C GLY H 68 24.77 15.61 -19.53
N MSE H 69 24.38 14.49 -18.93
CA MSE H 69 23.35 14.50 -17.90
C MSE H 69 23.77 15.35 -16.71
O MSE H 69 22.93 15.96 -16.03
CB MSE H 69 23.01 13.08 -17.44
CG MSE H 69 22.11 12.32 -18.40
SE MSE H 69 20.48 13.31 -18.76
CE MSE H 69 19.57 12.98 -17.09
N LEU H 70 25.08 15.39 -16.44
CA LEU H 70 25.58 16.19 -15.33
C LEU H 70 25.41 17.67 -15.63
N VAL H 71 25.82 18.08 -16.83
CA VAL H 71 25.69 19.48 -17.23
C VAL H 71 24.23 19.92 -17.21
N LEU H 72 23.36 19.04 -17.68
CA LEU H 72 21.93 19.35 -17.72
C LEU H 72 21.41 19.53 -16.29
N SER H 73 21.78 18.59 -15.42
CA SER H 73 21.34 18.64 -14.02
C SER H 73 21.83 19.90 -13.32
N ILE H 74 23.13 20.20 -13.46
CA ILE H 74 23.67 21.39 -12.82
C ILE H 74 23.00 22.63 -13.38
N ALA H 75 22.70 22.62 -14.68
CA ALA H 75 22.06 23.76 -15.33
C ALA H 75 20.67 24.02 -14.74
N LEU H 76 19.80 23.01 -14.80
CA LEU H 76 18.46 23.15 -14.28
C LEU H 76 18.54 23.55 -12.82
N GLY H 77 19.54 23.00 -12.13
CA GLY H 77 19.74 23.29 -10.72
C GLY H 77 20.04 24.75 -10.41
N MSE H 78 21.00 25.35 -11.10
CA MSE H 78 21.32 26.74 -10.82
C MSE H 78 20.20 27.71 -11.25
O MSE H 78 20.13 28.84 -10.76
CB MSE H 78 22.67 27.14 -11.45
CG MSE H 78 22.83 26.89 -12.94
SE MSE H 78 24.65 27.25 -13.51
CE MSE H 78 25.12 25.53 -14.23
N VAL H 79 19.33 27.26 -12.15
CA VAL H 79 18.22 28.08 -12.60
C VAL H 79 17.12 28.04 -11.53
N ASP H 80 16.88 26.85 -11.00
CA ASP H 80 15.86 26.68 -9.98
C ASP H 80 16.25 27.41 -8.70
N GLN H 81 17.56 27.47 -8.45
CA GLN H 81 18.07 28.14 -7.26
C GLN H 81 17.61 29.59 -7.20
N VAL H 82 17.53 30.23 -8.36
CA VAL H 82 17.09 31.61 -8.43
C VAL H 82 15.60 31.74 -8.13
N ILE H 83 14.81 30.84 -8.70
CA ILE H 83 13.37 30.86 -8.47
C ILE H 83 13.10 30.58 -6.99
N LEU H 84 13.80 29.57 -6.48
CA LEU H 84 13.67 29.16 -5.09
C LEU H 84 13.87 30.26 -4.08
N SER H 85 14.79 31.19 -4.38
CA SER H 85 15.06 32.27 -3.45
C SER H 85 14.33 33.57 -3.74
N ASN H 86 13.38 33.53 -4.67
CA ASN H 86 12.61 34.73 -5.00
C ASN H 86 11.10 34.52 -5.02
N TYR H 87 10.66 33.27 -5.01
CA TYR H 87 9.22 32.99 -5.03
C TYR H 87 8.80 31.84 -4.15
N ASP H 88 7.53 31.82 -3.82
CA ASP H 88 6.96 30.74 -3.03
C ASP H 88 6.59 29.74 -4.10
N VAL H 89 7.35 28.66 -4.19
CA VAL H 89 7.11 27.66 -5.22
C VAL H 89 6.00 26.65 -4.94
N SER H 90 5.11 26.96 -4.02
CA SER H 90 4.01 26.05 -3.71
C SER H 90 3.08 25.92 -4.92
N SER H 91 3.15 26.88 -5.83
CA SER H 91 2.32 26.87 -7.03
C SER H 91 2.94 25.99 -8.13
N VAL H 92 4.22 25.66 -7.98
CA VAL H 92 4.90 24.81 -8.94
C VAL H 92 4.51 23.37 -8.58
N ILE H 93 3.52 22.85 -9.30
CA ILE H 93 2.99 21.51 -9.06
C ILE H 93 3.90 20.34 -9.45
N ALA H 94 4.35 20.32 -10.70
CA ALA H 94 5.18 19.22 -11.15
C ALA H 94 6.06 19.52 -12.35
N PHE H 95 7.08 18.68 -12.51
CA PHE H 95 8.00 18.78 -13.63
C PHE H 95 7.31 17.98 -14.71
N PHE H 96 6.77 18.66 -15.70
CA PHE H 96 6.04 17.99 -16.77
C PHE H 96 6.91 17.11 -17.66
N GLY H 97 7.89 17.72 -18.32
CA GLY H 97 8.77 16.96 -19.18
C GLY H 97 9.88 17.79 -19.79
N ILE H 98 10.70 17.15 -20.61
CA ILE H 98 11.79 17.82 -21.26
C ILE H 98 11.67 17.51 -22.75
N LYS H 99 11.18 18.48 -23.51
CA LYS H 99 10.98 18.31 -24.94
C LYS H 99 12.24 17.87 -25.65
N ASP H 100 13.19 18.78 -25.84
CA ASP H 100 14.44 18.44 -26.51
C ASP H 100 15.67 18.94 -25.76
N VAL H 101 16.76 18.20 -25.92
CA VAL H 101 18.04 18.52 -25.30
C VAL H 101 19.10 18.27 -26.36
N ARG H 102 19.91 19.28 -26.61
CA ARG H 102 20.98 19.17 -27.60
C ARG H 102 22.32 19.45 -26.95
N PHE H 103 23.22 18.48 -27.06
CA PHE H 103 24.55 18.63 -26.50
C PHE H 103 25.41 19.15 -27.64
N LEU H 104 25.63 20.47 -27.63
CA LEU H 104 26.38 21.14 -28.68
C LEU H 104 27.90 21.08 -28.58
N ARG H 105 28.43 21.54 -27.45
CA ARG H 105 29.87 21.57 -27.24
C ARG H 105 30.23 20.83 -25.96
N PRO H 106 31.44 20.27 -25.90
CA PRO H 106 31.85 19.53 -24.69
C PRO H 106 32.28 20.49 -23.58
N VAL H 107 32.10 20.07 -22.33
CA VAL H 107 32.49 20.87 -21.20
C VAL H 107 33.69 20.17 -20.56
N PHE H 108 34.82 20.88 -20.49
CA PHE H 108 36.04 20.32 -19.91
C PHE H 108 36.17 20.61 -18.42
N ILE H 109 36.98 19.79 -17.74
CA ILE H 109 37.18 19.89 -16.31
C ILE H 109 37.43 21.27 -15.69
N GLY H 110 37.85 22.25 -16.49
CA GLY H 110 38.10 23.55 -15.91
C GLY H 110 37.14 24.62 -16.38
N ASP H 111 36.18 24.23 -17.21
CA ASP H 111 35.21 25.17 -17.75
C ASP H 111 34.22 25.69 -16.72
N THR H 112 33.75 26.91 -16.93
CA THR H 112 32.78 27.55 -16.05
C THR H 112 31.51 27.75 -16.84
N ILE H 113 30.48 26.97 -16.53
CA ILE H 113 29.22 27.07 -17.25
C ILE H 113 28.19 27.98 -16.58
N ALA H 114 27.36 28.59 -17.40
CA ALA H 114 26.30 29.48 -16.92
C ALA H 114 25.04 29.16 -17.70
N ALA H 115 23.93 29.00 -16.99
CA ALA H 115 22.68 28.68 -17.63
C ALA H 115 21.64 29.78 -17.51
N SER H 116 20.74 29.82 -18.48
CA SER H 116 19.68 30.80 -18.50
C SER H 116 18.42 30.10 -19.01
N ALA H 117 17.28 30.52 -18.49
CA ALA H 117 16.01 29.95 -18.89
C ALA H 117 15.08 31.08 -19.31
N GLU H 118 14.34 30.86 -20.40
CA GLU H 118 13.42 31.87 -20.90
C GLU H 118 12.05 31.26 -21.17
N VAL H 119 11.00 31.93 -20.72
CA VAL H 119 9.64 31.43 -20.95
C VAL H 119 9.33 31.60 -22.44
N VAL H 120 9.02 30.50 -23.11
CA VAL H 120 8.73 30.55 -24.53
C VAL H 120 7.33 30.09 -24.89
N GLU H 121 6.63 29.49 -23.93
CA GLU H 121 5.29 29.00 -24.22
C GLU H 121 4.42 28.78 -23.00
N LYS H 122 3.11 28.93 -23.20
CA LYS H 122 2.14 28.74 -22.15
C LYS H 122 0.90 28.09 -22.76
N GLN H 123 0.42 27.04 -22.12
CA GLN H 123 -0.77 26.36 -22.60
C GLN H 123 -1.58 25.90 -21.41
N ASP H 124 -2.90 26.08 -21.51
CA ASP H 124 -3.81 25.73 -20.44
C ASP H 124 -3.79 24.22 -20.28
N PHE H 125 -4.06 23.75 -19.07
CA PHE H 125 -4.06 22.32 -18.79
C PHE H 125 -5.42 21.88 -18.26
N ASP H 126 -5.87 22.55 -17.21
CA ASP H 126 -7.15 22.27 -16.60
C ASP H 126 -7.62 23.55 -15.92
N GLU H 127 -8.71 23.48 -15.17
CA GLU H 127 -9.24 24.66 -14.50
C GLU H 127 -8.37 25.16 -13.35
N LYS H 128 -7.42 24.34 -12.92
CA LYS H 128 -6.56 24.74 -11.80
C LYS H 128 -5.09 24.95 -12.13
N SER H 129 -4.69 24.68 -13.36
CA SER H 129 -3.29 24.86 -13.72
C SER H 129 -3.01 24.86 -15.22
N GLY H 130 -1.81 25.31 -15.57
CA GLY H 130 -1.39 25.35 -16.96
C GLY H 130 0.08 24.97 -17.02
N VAL H 131 0.57 24.57 -18.18
CA VAL H 131 1.97 24.20 -18.31
C VAL H 131 2.79 25.30 -18.96
N VAL H 132 3.94 25.58 -18.38
CA VAL H 132 4.84 26.60 -18.88
C VAL H 132 6.08 25.91 -19.43
N THR H 133 6.51 26.31 -20.61
CA THR H 133 7.68 25.72 -21.23
C THR H 133 8.84 26.70 -21.24
N TYR H 134 10.00 26.22 -20.84
CA TYR H 134 11.18 27.06 -20.78
C TYR H 134 12.26 26.60 -21.75
N LYS H 135 13.03 27.55 -22.25
CA LYS H 135 14.13 27.24 -23.15
C LYS H 135 15.38 27.41 -22.30
N LEU H 136 16.15 26.33 -22.16
CA LEU H 136 17.36 26.36 -21.36
C LEU H 136 18.59 26.52 -22.23
N GLU H 137 19.49 27.42 -21.80
CA GLU H 137 20.73 27.66 -22.51
C GLU H 137 21.91 27.69 -21.55
N VAL H 138 22.93 26.90 -21.85
CA VAL H 138 24.12 26.82 -21.02
C VAL H 138 25.34 27.24 -21.84
N LYS H 139 26.09 28.23 -21.34
CA LYS H 139 27.27 28.75 -22.02
C LYS H 139 28.54 28.76 -21.15
N ASN H 140 29.68 28.35 -21.72
CA ASN H 140 30.93 28.29 -20.95
C ASN H 140 31.58 29.65 -20.75
N GLN H 141 32.73 29.65 -20.08
CA GLN H 141 33.44 30.90 -19.79
C GLN H 141 33.74 31.80 -20.98
N ARG H 142 33.86 31.24 -22.17
CA ARG H 142 34.13 32.08 -23.33
C ARG H 142 32.92 32.29 -24.24
N GLY H 143 31.74 32.34 -23.63
CA GLY H 143 30.50 32.56 -24.36
C GLY H 143 29.93 31.46 -25.25
N GLU H 144 30.70 30.42 -25.49
CA GLU H 144 30.24 29.32 -26.35
C GLU H 144 29.02 28.59 -25.76
N LEU H 145 28.09 28.20 -26.63
CA LEU H 145 26.89 27.50 -26.22
C LEU H 145 27.20 26.00 -26.14
N VAL H 146 27.24 25.45 -24.93
CA VAL H 146 27.55 24.04 -24.76
C VAL H 146 26.34 23.11 -24.74
N LEU H 147 25.21 23.61 -24.25
CA LEU H 147 24.02 22.78 -24.19
C LEU H 147 22.76 23.63 -24.33
N THR H 148 21.74 23.02 -24.93
CA THR H 148 20.47 23.71 -25.11
C THR H 148 19.35 22.72 -24.86
N ALA H 149 18.26 23.20 -24.27
CA ALA H 149 17.14 22.32 -23.99
C ALA H 149 15.81 23.03 -23.83
N LEU H 150 14.74 22.24 -23.92
CA LEU H 150 13.38 22.71 -23.79
C LEU H 150 12.72 21.86 -22.71
N TYR H 151 12.25 22.50 -21.65
CA TYR H 151 11.59 21.77 -20.56
C TYR H 151 10.34 22.51 -20.13
N SER H 152 9.41 21.80 -19.51
CA SER H 152 8.17 22.41 -19.08
C SER H 152 7.71 21.99 -17.69
N ALA H 153 7.07 22.91 -17.00
CA ALA H 153 6.56 22.65 -15.66
C ALA H 153 5.08 22.95 -15.60
N LEU H 154 4.37 22.21 -14.76
CA LEU H 154 2.94 22.42 -14.59
C LEU H 154 2.76 23.31 -13.38
N ILE H 155 2.25 24.53 -13.59
CA ILE H 155 2.07 25.45 -12.48
C ILE H 155 0.62 25.88 -12.24
N ARG H 156 0.29 26.02 -10.96
CA ARG H 156 -1.05 26.39 -10.51
C ARG H 156 -1.54 27.75 -10.97
N LYS H 157 -2.85 27.84 -11.22
CA LYS H 157 -3.47 29.09 -11.65
C LYS H 157 -4.00 29.81 -10.41
N THR H 158 -4.08 31.14 -10.50
CA THR H 158 -4.56 31.94 -9.38
C THR H 158 -5.97 31.52 -8.93
N PRO H 159 -6.21 31.48 -7.61
CA PRO H 159 -7.53 31.09 -7.10
C PRO H 159 -8.56 32.21 -7.33
N ASN I 11 38.09 5.96 32.06
CA ASN I 11 38.15 6.35 30.67
C ASN I 11 37.54 7.74 30.49
N PRO I 12 36.34 7.99 31.02
CA PRO I 12 35.71 9.30 30.88
C PRO I 12 36.43 10.43 31.63
N ILE I 13 36.30 11.65 31.11
CA ILE I 13 36.92 12.81 31.72
C ILE I 13 35.83 13.71 32.25
N TYR I 14 35.90 14.04 33.53
CA TYR I 14 34.91 14.92 34.13
C TYR I 14 35.44 16.33 34.24
N PHE I 15 34.55 17.27 34.54
CA PHE I 15 34.90 18.68 34.67
C PHE I 15 36.15 18.93 35.50
N GLU I 16 36.24 18.28 36.65
CA GLU I 16 37.38 18.45 37.54
C GLU I 16 38.71 17.93 36.98
N SER I 17 38.63 16.99 36.03
CA SER I 17 39.83 16.42 35.43
C SER I 17 40.48 17.40 34.45
N ILE I 18 39.66 18.22 33.81
CA ILE I 18 40.16 19.18 32.84
C ILE I 18 40.85 20.35 33.55
N GLN I 19 42.10 20.60 33.19
CA GLN I 19 42.85 21.69 33.80
C GLN I 19 43.35 22.69 32.76
N ILE I 20 43.16 23.97 33.05
CA ILE I 20 43.57 25.02 32.13
C ILE I 20 45.02 24.83 31.71
N GLY I 21 45.27 24.99 30.41
CA GLY I 21 46.62 24.83 29.90
C GLY I 21 46.82 23.59 29.05
N GLU I 22 45.97 22.58 29.24
CA GLU I 22 46.08 21.36 28.46
C GLU I 22 45.81 21.70 27.00
N LYS I 23 46.63 21.13 26.11
CA LYS I 23 46.47 21.41 24.69
C LYS I 23 46.32 20.12 23.89
N ILE I 24 45.46 20.17 22.87
CA ILE I 24 45.22 19.01 22.01
C ILE I 24 45.75 19.33 20.62
N GLU I 25 46.56 18.42 20.08
CA GLU I 25 47.16 18.59 18.76
C GLU I 25 46.46 17.72 17.73
N GLY I 26 45.79 18.35 16.77
CA GLY I 26 45.09 17.60 15.75
C GLY I 26 46.01 17.09 14.64
N LEU I 27 45.57 16.07 13.92
CA LEU I 27 46.33 15.49 12.83
C LEU I 27 46.15 16.33 11.56
N PRO I 28 47.25 16.82 10.96
CA PRO I 28 47.18 17.65 9.75
C PRO I 28 46.63 16.98 8.52
N ARG I 29 45.98 17.76 7.66
CA ARG I 29 45.44 17.26 6.40
C ARG I 29 45.39 18.38 5.37
N THR I 30 45.62 18.01 4.11
CA THR I 30 45.63 18.96 3.01
C THR I 30 44.23 19.28 2.52
N VAL I 31 43.85 20.56 2.60
CA VAL I 31 42.53 20.95 2.13
C VAL I 31 42.54 20.75 0.63
N THR I 32 41.50 20.13 0.11
CA THR I 32 41.43 19.83 -1.31
C THR I 32 40.19 20.35 -2.03
N GLU I 33 40.20 20.26 -3.35
CA GLU I 33 39.08 20.68 -4.19
C GLU I 33 37.85 19.89 -3.74
N THR I 34 38.01 18.58 -3.61
CA THR I 34 36.94 17.70 -3.19
C THR I 34 36.35 18.22 -1.87
N ASP I 35 37.22 18.67 -0.96
CA ASP I 35 36.80 19.23 0.33
C ASP I 35 35.90 20.44 0.09
N ILE I 36 36.39 21.39 -0.70
CA ILE I 36 35.65 22.61 -1.02
C ILE I 36 34.29 22.28 -1.61
N TRP I 37 34.29 21.45 -2.65
CA TRP I 37 33.05 21.08 -3.33
C TRP I 37 32.07 20.34 -2.43
N THR I 38 32.58 19.42 -1.61
CA THR I 38 31.72 18.69 -0.70
C THR I 38 30.99 19.67 0.23
N PHE I 39 31.74 20.64 0.77
CA PHE I 39 31.14 21.63 1.65
C PHE I 39 30.11 22.45 0.88
N ALA I 40 30.43 22.81 -0.35
CA ALA I 40 29.52 23.59 -1.17
C ALA I 40 28.24 22.80 -1.43
N TYR I 41 28.38 21.51 -1.72
CA TYR I 41 27.22 20.66 -1.96
C TYR I 41 26.32 20.63 -0.73
N LEU I 42 26.92 20.23 0.39
CA LEU I 42 26.23 20.11 1.68
C LEU I 42 25.47 21.35 2.09
N THR I 43 26.05 22.53 1.86
CA THR I 43 25.41 23.78 2.24
C THR I 43 24.67 24.44 1.08
N ALA I 44 24.66 23.78 -0.07
CA ALA I 44 23.99 24.31 -1.26
C ALA I 44 24.37 25.77 -1.43
N ASP I 45 25.61 26.09 -1.09
CA ASP I 45 26.14 27.44 -1.18
C ASP I 45 27.34 27.50 -2.12
N PHE I 46 27.12 27.99 -3.34
CA PHE I 46 28.19 28.09 -4.30
C PHE I 46 28.70 29.52 -4.50
N PHE I 47 29.28 30.08 -3.44
CA PHE I 47 29.82 31.43 -3.52
C PHE I 47 30.98 31.36 -4.50
N PRO I 48 30.93 32.17 -5.57
CA PRO I 48 31.95 32.22 -6.62
C PRO I 48 33.43 32.28 -6.21
N LEU I 49 33.74 32.86 -5.06
CA LEU I 49 35.13 32.94 -4.62
C LEU I 49 35.67 31.53 -4.37
N HIS I 50 34.76 30.61 -4.05
CA HIS I 50 35.15 29.23 -3.77
C HIS I 50 34.95 28.28 -4.93
N THR I 51 33.92 28.52 -5.74
CA THR I 51 33.64 27.61 -6.84
C THR I 51 33.54 28.16 -8.26
N ASP I 52 34.07 29.35 -8.49
CA ASP I 52 34.06 29.94 -9.82
C ASP I 52 35.47 30.39 -10.17
N VAL I 53 36.19 29.57 -10.92
CA VAL I 53 37.56 29.88 -11.30
C VAL I 53 37.72 31.27 -11.93
N GLU I 54 36.80 31.62 -12.82
CA GLU I 54 36.87 32.92 -13.49
C GLU I 54 36.68 34.10 -12.54
N PHE I 55 35.73 33.98 -11.62
CA PHE I 55 35.45 35.02 -10.64
C PHE I 55 36.62 35.25 -9.70
N ALA I 56 37.20 34.17 -9.19
CA ALA I 56 38.32 34.25 -8.27
C ALA I 56 39.49 35.06 -8.82
N LYS I 57 39.75 34.94 -10.12
CA LYS I 57 40.84 35.67 -10.76
C LYS I 57 40.77 37.17 -10.53
N LYS I 58 39.57 37.72 -10.53
CA LYS I 58 39.37 39.16 -10.35
C LYS I 58 39.33 39.60 -8.88
N THR I 59 39.57 38.67 -7.96
CA THR I 59 39.53 39.02 -6.54
C THR I 59 40.92 39.28 -5.97
N ILE I 60 40.95 39.77 -4.73
CA ILE I 60 42.20 40.07 -4.06
C ILE I 60 43.01 38.81 -3.80
N PHE I 61 42.39 37.64 -3.99
CA PHE I 61 43.08 36.38 -3.75
C PHE I 61 43.66 35.77 -5.02
N GLY I 62 43.08 36.12 -6.16
CA GLY I 62 43.56 35.61 -7.43
C GLY I 62 43.17 34.17 -7.74
N LYS I 63 43.32 33.29 -6.76
CA LYS I 63 42.97 31.88 -6.90
C LYS I 63 41.75 31.63 -6.01
N PRO I 64 41.10 30.48 -6.18
CA PRO I 64 39.93 30.22 -5.33
C PRO I 64 40.43 29.77 -3.94
N ILE I 65 39.64 30.01 -2.90
CA ILE I 65 40.02 29.63 -1.54
C ILE I 65 38.95 28.83 -0.82
N ALA I 66 39.36 28.14 0.24
CA ALA I 66 38.43 27.34 1.03
C ALA I 66 37.46 28.22 1.81
N GLN I 67 36.30 27.68 2.12
CA GLN I 67 35.31 28.43 2.89
C GLN I 67 35.77 28.48 4.32
N GLY I 68 35.55 29.61 4.98
CA GLY I 68 35.95 29.74 6.37
C GLY I 68 35.26 28.70 7.24
N MSE I 69 33.96 28.50 7.00
CA MSE I 69 33.21 27.52 7.75
C MSE I 69 33.79 26.12 7.57
O MSE I 69 33.74 25.29 8.48
CB MSE I 69 31.74 27.54 7.34
CG MSE I 69 30.97 28.68 7.96
SE MSE I 69 31.17 28.65 9.89
CE MSE I 69 29.96 27.20 10.30
N LEU I 70 34.35 25.86 6.39
CA LEU I 70 34.95 24.56 6.11
C LEU I 70 36.19 24.36 6.97
N VAL I 71 37.06 25.36 6.98
CA VAL I 71 38.30 25.28 7.75
C VAL I 71 37.97 25.12 9.23
N LEU I 72 36.97 25.85 9.69
CA LEU I 72 36.56 25.76 11.09
C LEU I 72 36.06 24.36 11.41
N SER I 73 35.20 23.83 10.56
CA SER I 73 34.65 22.49 10.74
C SER I 73 35.74 21.41 10.72
N ILE I 74 36.63 21.47 9.75
CA ILE I 74 37.69 20.48 9.69
C ILE I 74 38.57 20.59 10.93
N ALA I 75 38.80 21.83 11.36
CA ALA I 75 39.62 22.06 12.55
C ALA I 75 39.01 21.40 13.79
N LEU I 76 37.80 21.81 14.13
CA LEU I 76 37.14 21.25 15.30
C LEU I 76 37.13 19.73 15.18
N GLY I 77 36.94 19.28 13.94
CA GLY I 77 36.88 17.85 13.68
C GLY I 77 38.14 17.08 14.00
N MSE I 78 39.29 17.57 13.54
CA MSE I 78 40.52 16.84 13.80
C MSE I 78 40.92 16.92 15.28
O MSE I 78 41.68 16.08 15.76
CB MSE I 78 41.65 17.30 12.88
CG MSE I 78 41.96 18.79 12.85
SE MSE I 78 43.29 19.22 11.48
CE MSE I 78 42.26 20.48 10.44
N VAL I 79 40.39 17.91 15.98
CA VAL I 79 40.69 18.06 17.41
C VAL I 79 39.86 17.05 18.18
N ASP I 80 38.59 16.94 17.80
CA ASP I 80 37.69 16.02 18.48
C ASP I 80 38.12 14.58 18.23
N GLN I 81 38.71 14.34 17.08
CA GLN I 81 39.16 13.00 16.73
C GLN I 81 40.14 12.47 17.77
N VAL I 82 40.97 13.36 18.30
CA VAL I 82 41.96 12.98 19.32
C VAL I 82 41.29 12.65 20.64
N ILE I 83 40.32 13.46 21.03
CA ILE I 83 39.59 13.23 22.28
C ILE I 83 38.81 11.93 22.16
N LEU I 84 38.15 11.76 21.02
CA LEU I 84 37.35 10.59 20.74
C LEU I 84 38.09 9.27 20.88
N SER I 85 39.37 9.26 20.53
CA SER I 85 40.14 8.02 20.62
C SER I 85 40.97 7.88 21.89
N ASN I 86 40.77 8.77 22.85
CA ASN I 86 41.51 8.69 24.11
C ASN I 86 40.64 8.76 25.35
N TYR I 87 39.38 9.15 25.20
CA TYR I 87 38.48 9.26 26.34
C TYR I 87 37.06 8.80 26.07
N ASP I 88 36.36 8.47 27.14
CA ASP I 88 34.97 8.07 27.05
C ASP I 88 34.26 9.41 27.10
N VAL I 89 33.74 9.85 25.97
CA VAL I 89 33.09 11.15 25.90
C VAL I 89 31.65 11.21 26.40
N SER I 90 31.24 10.22 27.20
CA SER I 90 29.86 10.23 27.71
C SER I 90 29.65 11.41 28.65
N SER I 91 30.75 11.96 29.15
CA SER I 91 30.70 13.10 30.06
C SER I 91 30.57 14.42 29.32
N VAL I 92 30.84 14.40 28.02
CA VAL I 92 30.71 15.60 27.19
C VAL I 92 29.23 15.72 26.84
N ILE I 93 28.53 16.55 27.60
CA ILE I 93 27.10 16.74 27.43
C ILE I 93 26.64 17.49 26.20
N ALA I 94 27.20 18.68 25.96
CA ALA I 94 26.79 19.47 24.82
C ALA I 94 27.79 20.50 24.36
N PHE I 95 27.59 20.95 23.13
CA PHE I 95 28.42 21.97 22.53
C PHE I 95 27.74 23.25 22.96
N PHE I 96 28.35 23.97 23.89
CA PHE I 96 27.74 25.19 24.41
C PHE I 96 27.67 26.33 23.40
N GLY I 97 28.83 26.75 22.88
CA GLY I 97 28.85 27.82 21.92
C GLY I 97 30.23 28.09 21.34
N ILE I 98 30.25 28.94 20.32
CA ILE I 98 31.47 29.35 19.64
C ILE I 98 31.53 30.82 19.92
N LYS I 99 32.44 31.24 20.79
CA LYS I 99 32.53 32.65 21.15
C LYS I 99 33.15 33.55 20.10
N ASP I 100 34.40 33.30 19.77
CA ASP I 100 35.04 34.13 18.79
C ASP I 100 35.71 33.35 17.68
N VAL I 101 35.48 33.79 16.45
CA VAL I 101 36.11 33.15 15.29
C VAL I 101 36.68 34.26 14.42
N ARG I 102 37.97 34.18 14.18
CA ARG I 102 38.64 35.16 13.34
C ARG I 102 39.32 34.46 12.16
N PHE I 103 38.95 34.90 10.97
CA PHE I 103 39.53 34.36 9.75
C PHE I 103 40.70 35.25 9.40
N LEU I 104 41.89 34.82 9.76
CA LEU I 104 43.10 35.60 9.55
C LEU I 104 43.72 35.54 8.16
N ARG I 105 44.03 34.34 7.71
CA ARG I 105 44.66 34.15 6.41
C ARG I 105 43.83 33.19 5.57
N PRO I 106 43.90 33.33 4.24
CA PRO I 106 43.14 32.43 3.38
C PRO I 106 43.82 31.07 3.23
N VAL I 107 43.02 30.03 3.01
CA VAL I 107 43.55 28.69 2.81
C VAL I 107 43.33 28.33 1.35
N PHE I 108 44.42 28.05 0.64
CA PHE I 108 44.34 27.71 -0.77
C PHE I 108 44.22 26.20 -1.01
N ILE I 109 43.72 25.85 -2.19
CA ILE I 109 43.49 24.45 -2.54
C ILE I 109 44.60 23.43 -2.28
N GLY I 110 45.83 23.86 -2.13
CA GLY I 110 46.89 22.89 -1.87
C GLY I 110 47.48 22.97 -0.47
N ASP I 111 46.95 23.88 0.35
CA ASP I 111 47.44 24.07 1.70
C ASP I 111 47.13 22.91 2.63
N THR I 112 48.01 22.70 3.61
CA THR I 112 47.85 21.65 4.59
C THR I 112 47.65 22.33 5.95
N ILE I 113 46.43 22.25 6.48
CA ILE I 113 46.14 22.89 7.76
C ILE I 113 46.24 21.95 8.94
N ALA I 114 46.60 22.52 10.09
CA ALA I 114 46.73 21.77 11.34
C ALA I 114 46.11 22.61 12.44
N ALA I 115 45.28 21.97 13.26
CA ALA I 115 44.61 22.68 14.33
C ALA I 115 45.02 22.17 15.69
N SER I 116 44.92 23.07 16.67
CA SER I 116 45.25 22.75 18.05
C SER I 116 44.23 23.45 18.93
N ALA I 117 43.91 22.80 20.05
CA ALA I 117 42.97 23.36 20.99
C ALA I 117 43.61 23.37 22.38
N GLU I 118 43.41 24.47 23.09
CA GLU I 118 43.98 24.59 24.43
C GLU I 118 42.90 25.03 25.43
N VAL I 119 42.86 24.37 26.59
CA VAL I 119 41.90 24.74 27.62
C VAL I 119 42.32 26.08 28.20
N VAL I 120 41.44 27.07 28.11
CA VAL I 120 41.74 28.39 28.62
C VAL I 120 40.82 28.87 29.74
N GLU I 121 39.71 28.17 29.94
CA GLU I 121 38.76 28.58 30.97
C GLU I 121 37.83 27.48 31.45
N LYS I 122 37.41 27.60 32.71
CA LYS I 122 36.50 26.66 33.33
C LYS I 122 35.58 27.47 34.23
N GLN I 123 34.28 27.24 34.12
CA GLN I 123 33.31 27.95 34.93
C GLN I 123 32.37 26.90 35.45
N ASP I 124 31.84 27.10 36.64
CA ASP I 124 30.88 26.15 37.16
C ASP I 124 29.57 26.53 36.46
N PHE I 125 28.67 25.56 36.29
CA PHE I 125 27.39 25.82 35.63
C PHE I 125 26.23 25.47 36.56
N ASP I 126 26.25 24.25 37.07
CA ASP I 126 25.24 23.75 37.98
C ASP I 126 25.88 22.66 38.83
N GLU I 127 25.09 21.98 39.64
CA GLU I 127 25.63 20.93 40.50
C GLU I 127 26.07 19.68 39.74
N LYS I 128 25.70 19.57 38.46
CA LYS I 128 26.08 18.39 37.69
C LYS I 128 27.03 18.64 36.53
N SER I 129 27.36 19.90 36.26
CA SER I 129 28.28 20.19 35.16
C SER I 129 28.86 21.59 35.15
N GLY I 130 29.92 21.76 34.36
CA GLY I 130 30.59 23.04 34.23
C GLY I 130 30.95 23.26 32.77
N VAL I 131 31.20 24.50 32.37
CA VAL I 131 31.56 24.75 30.99
C VAL I 131 33.07 24.95 30.85
N VAL I 132 33.64 24.32 29.82
CA VAL I 132 35.06 24.43 29.54
C VAL I 132 35.21 25.21 28.24
N THR I 133 36.12 26.17 28.23
CA THR I 133 36.36 26.98 27.03
C THR I 133 37.72 26.66 26.43
N TYR I 134 37.73 26.46 25.13
CA TYR I 134 38.95 26.13 24.42
C TYR I 134 39.36 27.19 23.44
N LYS I 135 40.67 27.34 23.25
CA LYS I 135 41.18 28.29 22.29
C LYS I 135 41.63 27.46 21.10
N LEU I 136 41.04 27.74 19.94
CA LEU I 136 41.37 27.00 18.73
C LEU I 136 42.33 27.76 17.86
N GLU I 137 43.35 27.05 17.38
CA GLU I 137 44.36 27.63 16.50
C GLU I 137 44.62 26.73 15.30
N VAL I 138 44.53 27.32 14.12
CA VAL I 138 44.75 26.58 12.88
C VAL I 138 45.89 27.22 12.11
N LYS I 139 46.94 26.44 11.84
CA LYS I 139 48.08 26.96 11.10
C LYS I 139 48.40 26.05 9.91
N ASN I 140 48.74 26.67 8.78
CA ASN I 140 49.05 25.93 7.55
C ASN I 140 50.43 25.29 7.53
N GLN I 141 50.77 24.66 6.41
CA GLN I 141 52.04 23.96 6.28
C GLN I 141 53.29 24.79 6.59
N ARG I 142 53.22 26.10 6.43
CA ARG I 142 54.40 26.91 6.74
C ARG I 142 54.27 27.70 8.04
N GLY I 143 53.57 27.11 9.01
CA GLY I 143 53.41 27.71 10.32
C GLY I 143 52.49 28.91 10.49
N GLU I 144 52.04 29.51 9.40
CA GLU I 144 51.16 30.67 9.46
C GLU I 144 49.82 30.36 10.13
N LEU I 145 49.32 31.31 10.91
CA LEU I 145 48.05 31.15 11.61
C LEU I 145 46.92 31.59 10.67
N VAL I 146 46.13 30.63 10.20
CA VAL I 146 45.04 30.93 9.28
C VAL I 146 43.71 31.23 9.95
N LEU I 147 43.45 30.58 11.09
CA LEU I 147 42.19 30.80 11.77
C LEU I 147 42.35 30.64 13.28
N THR I 148 41.55 31.40 14.01
CA THR I 148 41.58 31.34 15.46
C THR I 148 40.16 31.43 15.98
N ALA I 149 39.89 30.70 17.06
CA ALA I 149 38.55 30.73 17.63
C ALA I 149 38.47 30.35 19.10
N LEU I 150 37.34 30.69 19.71
CA LEU I 150 37.07 30.40 21.10
C LEU I 150 35.73 29.67 21.14
N TYR I 151 35.73 28.45 21.66
CA TYR I 151 34.50 27.66 21.75
C TYR I 151 34.41 26.99 23.11
N SER I 152 33.20 26.64 23.52
CA SER I 152 33.01 26.03 24.82
C SER I 152 32.03 24.86 24.83
N ALA I 153 32.31 23.89 25.69
CA ALA I 153 31.47 22.71 25.83
C ALA I 153 31.00 22.56 27.26
N LEU I 154 29.81 22.01 27.43
CA LEU I 154 29.27 21.80 28.76
C LEU I 154 29.59 20.36 29.12
N ILE I 155 30.42 20.14 30.13
CA ILE I 155 30.77 18.78 30.51
C ILE I 155 30.38 18.41 31.94
N ARG I 156 29.98 17.16 32.10
CA ARG I 156 29.53 16.60 33.37
C ARG I 156 30.57 16.57 34.48
N LYS I 157 30.11 16.78 35.71
CA LYS I 157 30.99 16.77 36.87
C LYS I 157 30.99 15.36 37.47
N THR I 158 32.08 15.00 38.13
CA THR I 158 32.19 13.67 38.73
C THR I 158 31.04 13.39 39.69
N PRO I 159 30.47 12.18 39.64
CA PRO I 159 29.35 11.77 40.50
C PRO I 159 29.80 11.59 41.96
N ASN J 11 24.43 43.42 -10.91
CA ASN J 11 23.86 44.39 -9.99
C ASN J 11 24.40 44.21 -8.57
N PRO J 12 25.68 44.57 -8.36
CA PRO J 12 26.41 44.49 -7.08
C PRO J 12 25.90 45.42 -5.99
N ILE J 13 26.10 45.00 -4.74
CA ILE J 13 25.69 45.80 -3.60
C ILE J 13 26.92 46.29 -2.87
N TYR J 14 27.00 47.59 -2.67
CA TYR J 14 28.14 48.16 -1.97
C TYR J 14 27.79 48.48 -0.52
N PHE J 15 28.81 48.75 0.29
CA PHE J 15 28.62 49.05 1.70
C PHE J 15 27.48 50.04 1.98
N GLU J 16 27.44 51.14 1.23
CA GLU J 16 26.43 52.16 1.41
C GLU J 16 25.01 51.70 1.08
N SER J 17 24.89 50.67 0.25
CA SER J 17 23.58 50.15 -0.14
C SER J 17 22.95 49.35 1.00
N ILE J 18 23.78 48.70 1.81
CA ILE J 18 23.30 47.90 2.91
C ILE J 18 22.82 48.79 4.06
N GLN J 19 21.57 48.61 4.47
CA GLN J 19 21.03 49.39 5.56
C GLN J 19 20.52 48.52 6.69
N ILE J 20 20.87 48.90 7.92
CA ILE J 20 20.48 48.17 9.10
C ILE J 20 18.98 47.90 9.12
N GLY J 21 18.61 46.66 9.41
CA GLY J 21 17.21 46.29 9.44
C GLY J 21 16.79 45.35 8.34
N GLU J 22 17.55 45.34 7.24
CA GLU J 22 17.23 44.46 6.12
C GLU J 22 17.37 43.02 6.58
N LYS J 23 16.41 42.18 6.22
CA LYS J 23 16.44 40.78 6.62
C LYS J 23 16.36 39.83 5.41
N ILE J 24 17.12 38.74 5.48
CA ILE J 24 17.15 37.75 4.42
C ILE J 24 16.51 36.46 4.93
N GLU J 25 15.57 35.93 4.16
CA GLU J 25 14.86 34.72 4.54
C GLU J 25 15.34 33.53 3.71
N GLY J 26 15.98 32.57 4.37
CA GLY J 26 16.48 31.40 3.66
C GLY J 26 15.41 30.37 3.38
N LEU J 27 15.66 29.50 2.40
CA LEU J 27 14.72 28.45 2.04
C LEU J 27 14.86 27.26 2.98
N PRO J 28 13.78 26.85 3.64
CA PRO J 28 13.78 25.72 4.59
C PRO J 28 14.13 24.36 4.00
N ARG J 29 14.79 23.53 4.81
CA ARG J 29 15.13 22.17 4.40
C ARG J 29 15.21 21.26 5.61
N THR J 30 14.79 20.01 5.41
CA THR J 30 14.78 19.01 6.47
C THR J 30 16.14 18.41 6.71
N VAL J 31 16.68 18.56 7.92
CA VAL J 31 17.97 17.99 8.22
C VAL J 31 17.78 16.48 8.18
N THR J 32 18.69 15.78 7.52
CA THR J 32 18.58 14.34 7.39
C THR J 32 19.79 13.54 7.85
N GLU J 33 19.62 12.22 7.91
CA GLU J 33 20.70 11.32 8.30
C GLU J 33 21.87 11.52 7.36
N THR J 34 21.58 11.56 6.06
CA THR J 34 22.60 11.77 5.04
C THR J 34 23.37 13.05 5.36
N ASP J 35 22.65 14.09 5.78
CA ASP J 35 23.26 15.36 6.15
C ASP J 35 24.26 15.16 7.30
N ILE J 36 23.80 14.51 8.37
CA ILE J 36 24.63 14.24 9.53
C ILE J 36 25.87 13.45 9.14
N TRP J 37 25.67 12.34 8.42
CA TRP J 37 26.79 11.51 8.01
C TRP J 37 27.76 12.20 7.07
N THR J 38 27.25 13.01 6.16
CA THR J 38 28.12 13.73 5.24
C THR J 38 29.03 14.66 6.05
N PHE J 39 28.46 15.36 7.01
CA PHE J 39 29.25 16.27 7.84
C PHE J 39 30.29 15.48 8.62
N ALA J 40 29.87 14.32 9.15
CA ALA J 40 30.78 13.48 9.92
C ALA J 40 31.93 13.00 9.04
N TYR J 41 31.62 12.60 7.80
CA TYR J 41 32.66 12.15 6.88
C TYR J 41 33.66 13.27 6.63
N LEU J 42 33.14 14.41 6.18
CA LEU J 42 33.94 15.58 5.85
C LEU J 42 34.88 16.03 6.96
N THR J 43 34.41 15.98 8.20
CA THR J 43 35.21 16.41 9.33
C THR J 43 35.90 15.25 10.04
N ALA J 44 35.73 14.05 9.52
CA ALA J 44 36.33 12.85 10.11
C ALA J 44 36.08 12.86 11.61
N ASP J 45 34.92 13.37 11.99
CA ASP J 45 34.54 13.47 13.39
C ASP J 45 33.27 12.68 13.68
N PHE J 46 33.42 11.50 14.27
CA PHE J 46 32.27 10.68 14.58
C PHE J 46 31.91 10.68 16.06
N PHE J 47 31.48 11.84 16.55
CA PHE J 47 31.08 11.97 17.95
C PHE J 47 29.82 11.11 18.11
N PRO J 48 29.86 10.13 19.03
CA PRO J 48 28.74 9.22 19.30
C PRO J 48 27.34 9.79 19.46
N LEU J 49 27.23 11.03 19.93
CA LEU J 49 25.90 11.63 20.09
C LEU J 49 25.25 11.80 18.72
N HIS J 50 26.08 11.90 17.69
CA HIS J 50 25.57 12.10 16.33
C HIS J 50 25.55 10.84 15.49
N THR J 51 26.50 9.94 15.73
CA THR J 51 26.57 8.74 14.91
C THR J 51 26.58 7.38 15.61
N ASP J 52 26.15 7.34 16.86
CA ASP J 52 26.09 6.07 17.59
C ASP J 52 24.70 5.94 18.22
N VAL J 53 23.83 5.20 17.55
CA VAL J 53 22.48 5.01 18.04
C VAL J 53 22.40 4.54 19.49
N GLU J 54 23.25 3.57 19.85
CA GLU J 54 23.27 3.05 21.21
C GLU J 54 23.68 4.09 22.25
N PHE J 55 24.70 4.88 21.93
CA PHE J 55 25.20 5.91 22.83
C PHE J 55 24.15 7.00 23.07
N ALA J 56 23.52 7.46 22.00
CA ALA J 56 22.50 8.51 22.09
C ALA J 56 21.37 8.17 23.06
N LYS J 57 20.99 6.91 23.12
CA LYS J 57 19.92 6.48 24.01
C LYS J 57 20.16 6.85 25.47
N LYS J 58 21.42 6.76 25.90
CA LYS J 58 21.79 7.07 27.28
C LYS J 58 22.04 8.55 27.55
N THR J 59 21.79 9.40 26.56
CA THR J 59 22.01 10.83 26.74
C THR J 59 20.73 11.57 27.07
N ILE J 60 20.88 12.85 27.43
CA ILE J 60 19.75 13.68 27.78
C ILE J 60 18.84 13.93 26.57
N PHE J 61 19.31 13.53 25.38
CA PHE J 61 18.50 13.74 24.17
C PHE J 61 17.72 12.48 23.76
N GLY J 62 18.22 11.32 24.18
CA GLY J 62 17.56 10.07 23.86
C GLY J 62 17.77 9.59 22.44
N LYS J 63 17.62 10.49 21.48
CA LYS J 63 17.80 10.18 20.07
C LYS J 63 19.06 10.89 19.60
N PRO J 64 19.57 10.53 18.42
CA PRO J 64 20.78 11.23 17.96
C PRO J 64 20.37 12.60 17.41
N ILE J 65 21.30 13.56 17.45
CA ILE J 65 21.00 14.91 16.96
C ILE J 65 22.06 15.44 15.99
N ALA J 66 21.70 16.47 15.24
CA ALA J 66 22.61 17.06 14.27
C ALA J 66 23.75 17.79 14.97
N GLN J 67 24.88 17.92 14.29
CA GLN J 67 26.02 18.62 14.83
C GLN J 67 25.72 20.11 14.77
N GLY J 68 26.14 20.84 15.79
CA GLY J 68 25.90 22.27 15.81
C GLY J 68 26.55 22.95 14.63
N MSE J 69 27.79 22.55 14.33
CA MSE J 69 28.49 23.11 13.20
C MSE J 69 27.74 22.86 11.89
O MSE J 69 27.78 23.69 10.97
CB MSE J 69 29.90 22.53 13.11
CG MSE J 69 30.88 23.17 14.08
SE MSE J 69 30.93 25.09 13.87
CE MSE J 69 31.96 25.22 12.26
N LEU J 70 27.04 21.72 11.80
CA LEU J 70 26.27 21.38 10.61
C LEU J 70 25.12 22.37 10.46
N VAL J 71 24.36 22.56 11.54
CA VAL J 71 23.22 23.47 11.49
C VAL J 71 23.67 24.88 11.13
N LEU J 72 24.80 25.30 11.69
CA LEU J 72 25.33 26.62 11.42
C LEU J 72 25.71 26.74 9.95
N SER J 73 26.40 25.74 9.44
CA SER J 73 26.83 25.72 8.04
C SER J 73 25.64 25.76 7.08
N ILE J 74 24.66 24.90 7.32
CA ILE J 74 23.49 24.85 6.46
C ILE J 74 22.75 26.19 6.53
N ALA J 75 22.71 26.78 7.72
CA ALA J 75 22.04 28.06 7.91
C ALA J 75 22.68 29.17 7.07
N LEU J 76 23.97 29.40 7.31
CA LEU J 76 24.69 30.42 6.56
C LEU J 76 24.54 30.14 5.08
N GLY J 77 24.56 28.86 4.72
CA GLY J 77 24.42 28.45 3.35
C GLY J 77 23.12 28.85 2.68
N MSE J 78 21.98 28.56 3.32
CA MSE J 78 20.72 28.91 2.70
C MSE J 78 20.48 30.42 2.66
O MSE J 78 19.68 30.90 1.87
CB MSE J 78 19.55 28.16 3.37
CG MSE J 78 19.41 28.31 4.88
SE MSE J 78 18.01 27.16 5.60
CE MSE J 78 19.06 26.12 6.83
N VAL J 79 21.18 31.15 3.51
CA VAL J 79 21.04 32.60 3.53
C VAL J 79 21.84 33.18 2.37
N ASP J 80 23.04 32.64 2.18
CA ASP J 80 23.91 33.11 1.11
C ASP J 80 23.31 32.78 -0.25
N GLN J 81 22.58 31.68 -0.32
CA GLN J 81 21.94 31.26 -1.55
C GLN J 81 21.01 32.34 -2.09
N VAL J 82 20.35 33.06 -1.19
CA VAL J 82 19.44 34.13 -1.58
C VAL J 82 20.20 35.33 -2.12
N ILE J 83 21.30 35.69 -1.45
CA ILE J 83 22.11 36.82 -1.88
C ILE J 83 22.72 36.49 -3.24
N LEU J 84 23.25 35.28 -3.35
CA LEU J 84 23.89 34.78 -4.57
C LEU J 84 23.02 34.87 -5.82
N SER J 85 21.71 34.68 -5.66
CA SER J 85 20.83 34.73 -6.82
C SER J 85 20.12 36.06 -7.01
N ASN J 86 20.53 37.07 -6.25
CA ASN J 86 19.91 38.40 -6.39
C ASN J 86 20.91 39.53 -6.54
N TYR J 87 22.18 39.28 -6.26
CA TYR J 87 23.20 40.32 -6.38
C TYR J 87 24.51 39.83 -6.94
N ASP J 88 25.29 40.79 -7.44
CA ASP J 88 26.61 40.50 -7.97
C ASP J 88 27.46 40.61 -6.71
N VAL J 89 27.92 39.47 -6.21
CA VAL J 89 28.70 39.44 -4.99
C VAL J 89 30.18 39.76 -5.12
N SER J 90 30.57 40.40 -6.22
CA SER J 90 31.97 40.77 -6.41
C SER J 90 32.39 41.81 -5.38
N SER J 91 31.41 42.48 -4.77
CA SER J 91 31.69 43.49 -3.76
C SER J 91 31.88 42.86 -2.37
N VAL J 92 31.48 41.60 -2.22
CA VAL J 92 31.64 40.89 -0.96
C VAL J 92 33.09 40.39 -0.95
N ILE J 93 33.95 41.14 -0.27
CA ILE J 93 35.38 40.83 -0.20
C ILE J 93 35.79 39.63 0.63
N ALA J 94 35.34 39.58 1.90
CA ALA J 94 35.72 38.48 2.76
C ALA J 94 34.79 38.24 3.93
N PHE J 95 34.91 37.04 4.48
CA PHE J 95 34.12 36.64 5.64
C PHE J 95 35.00 37.11 6.79
N PHE J 96 34.57 38.17 7.46
CA PHE J 96 35.36 38.74 8.56
C PHE J 96 35.45 37.83 9.77
N GLY J 97 34.30 37.53 10.37
CA GLY J 97 34.32 36.66 11.53
C GLY J 97 32.95 36.29 12.04
N ILE J 98 32.98 35.41 13.05
CA ILE J 98 31.80 34.92 13.73
C ILE J 98 31.98 35.37 15.17
N LYS J 99 31.18 36.35 15.57
CA LYS J 99 31.28 36.90 16.92
C LYS J 99 30.56 36.06 17.96
N ASP J 100 29.42 35.50 17.62
CA ASP J 100 28.70 34.71 18.61
C ASP J 100 27.86 33.59 18.03
N VAL J 101 27.83 32.48 18.75
CA VAL J 101 27.01 31.36 18.31
C VAL J 101 26.48 30.66 19.54
N ARG J 102 25.16 30.55 19.63
CA ARG J 102 24.52 29.89 20.74
C ARG J 102 23.66 28.75 20.24
N PHE J 103 23.94 27.56 20.76
CA PHE J 103 23.18 26.38 20.38
C PHE J 103 22.09 26.24 21.45
N LEU J 104 20.90 26.71 21.11
CA LEU J 104 19.77 26.71 22.02
C LEU J 104 19.01 25.40 22.15
N ARG J 105 18.51 24.88 21.03
CA ARG J 105 17.74 23.65 21.04
C ARG J 105 18.36 22.64 20.08
N PRO J 106 18.18 21.34 20.36
CA PRO J 106 18.74 20.32 19.46
C PRO J 106 17.90 20.14 18.22
N VAL J 107 18.54 19.73 17.12
CA VAL J 107 17.85 19.49 15.86
C VAL J 107 17.86 17.99 15.63
N PHE J 108 16.68 17.39 15.53
CA PHE J 108 16.57 15.94 15.32
C PHE J 108 16.50 15.56 13.85
N ILE J 109 16.84 14.31 13.56
CA ILE J 109 16.86 13.80 12.19
C ILE J 109 15.69 14.10 11.28
N GLY J 110 14.52 14.43 11.82
CA GLY J 110 13.41 14.74 10.94
C GLY J 110 12.99 16.20 10.93
N ASP J 111 13.69 17.02 11.71
CA ASP J 111 13.36 18.44 11.80
C ASP J 111 13.64 19.23 10.53
N THR J 112 12.85 20.27 10.33
CA THR J 112 13.00 21.14 9.16
C THR J 112 13.41 22.51 9.67
N ILE J 113 14.66 22.89 9.43
CA ILE J 113 15.16 24.17 9.92
C ILE J 113 15.09 25.29 8.88
N ALA J 114 14.89 26.50 9.37
CA ALA J 114 14.82 27.69 8.52
C ALA J 114 15.65 28.78 9.17
N ALA J 115 16.48 29.44 8.37
CA ALA J 115 17.34 30.49 8.89
C ALA J 115 17.02 31.85 8.32
N SER J 116 17.32 32.88 9.09
CA SER J 116 17.08 34.25 8.68
C SER J 116 18.26 35.07 9.16
N ALA J 117 18.62 36.09 8.40
CA ALA J 117 19.72 36.96 8.76
C ALA J 117 19.22 38.40 8.71
N GLU J 118 19.64 39.20 9.68
CA GLU J 118 19.23 40.59 9.74
C GLU J 118 20.43 41.49 9.98
N VAL J 119 20.53 42.58 9.21
CA VAL J 119 21.64 43.51 9.38
C VAL J 119 21.42 44.25 10.68
N VAL J 120 22.40 44.14 11.58
CA VAL J 120 22.29 44.80 12.87
C VAL J 120 23.38 45.83 13.14
N GLU J 121 24.42 45.85 12.31
CA GLU J 121 25.51 46.79 12.52
C GLU J 121 26.36 47.07 11.28
N LYS J 122 26.91 48.27 11.24
CA LYS J 122 27.77 48.71 10.15
C LYS J 122 28.87 49.55 10.75
N GLN J 123 30.10 49.30 10.32
CA GLN J 123 31.24 50.01 10.84
C GLN J 123 32.20 50.28 9.69
N ASP J 124 32.63 51.53 9.54
CA ASP J 124 33.55 51.87 8.46
C ASP J 124 34.82 51.06 8.68
N PHE J 125 35.51 50.72 7.61
CA PHE J 125 36.74 49.94 7.72
C PHE J 125 37.92 50.70 7.12
N ASP J 126 37.75 51.13 5.88
CA ASP J 126 38.77 51.88 5.16
C ASP J 126 38.04 52.74 4.12
N GLU J 127 38.79 53.39 3.25
CA GLU J 127 38.20 54.24 2.23
C GLU J 127 37.47 53.47 1.13
N LYS J 128 37.68 52.16 1.07
CA LYS J 128 37.04 51.35 0.04
C LYS J 128 36.02 50.32 0.52
N SER J 129 35.86 50.19 1.83
CA SER J 129 34.90 49.22 2.35
C SER J 129 34.55 49.39 3.81
N GLY J 130 33.47 48.72 4.22
CA GLY J 130 33.01 48.75 5.60
C GLY J 130 32.52 47.35 5.97
N VAL J 131 32.44 47.07 7.27
CA VAL J 131 31.98 45.75 7.70
C VAL J 131 30.53 45.81 8.16
N VAL J 132 29.76 44.84 7.70
CA VAL J 132 28.35 44.74 8.06
C VAL J 132 28.19 43.53 8.95
N THR J 133 27.45 43.68 10.04
CA THR J 133 27.22 42.59 10.97
C THR J 133 25.78 42.12 10.92
N TYR J 134 25.59 40.81 10.81
CA TYR J 134 24.25 40.24 10.74
C TYR J 134 23.93 39.38 11.94
N LYS J 135 22.66 39.36 12.30
CA LYS J 135 22.19 38.53 13.40
C LYS J 135 21.49 37.35 12.74
N LEU J 136 21.99 36.15 12.99
CA LEU J 136 21.41 34.95 12.41
C LEU J 136 20.47 34.25 13.39
N GLU J 137 19.33 33.83 12.88
CA GLU J 137 18.35 33.12 13.69
C GLU J 137 17.82 31.91 12.94
N VAL J 138 17.88 30.75 13.59
CA VAL J 138 17.42 29.52 12.99
C VAL J 138 16.29 28.93 13.84
N LYS J 139 15.17 28.65 13.20
CA LYS J 139 14.02 28.08 13.88
C LYS J 139 13.55 26.82 13.18
N ASN J 140 13.26 25.77 13.95
CA ASN J 140 12.80 24.49 13.42
C ASN J 140 11.35 24.53 12.92
N GLN J 141 10.85 23.39 12.48
CA GLN J 141 9.51 23.30 11.94
C GLN J 141 8.40 23.84 12.84
N ARG J 142 8.58 23.80 14.15
CA ARG J 142 7.55 24.31 15.05
C ARG J 142 7.87 25.68 15.66
N GLY J 143 8.57 26.50 14.89
CA GLY J 143 8.91 27.85 15.31
C GLY J 143 9.97 28.07 16.38
N GLU J 144 10.40 27.00 17.05
CA GLU J 144 11.40 27.10 18.10
C GLU J 144 12.75 27.60 17.58
N LEU J 145 13.42 28.44 18.36
CA LEU J 145 14.71 28.99 18.00
C LEU J 145 15.80 28.00 18.41
N VAL J 146 16.44 27.35 17.44
CA VAL J 146 17.47 26.36 17.73
C VAL J 146 18.89 26.92 17.80
N LEU J 147 19.17 27.95 17.02
CA LEU J 147 20.51 28.53 17.02
C LEU J 147 20.46 30.01 16.71
N THR J 148 21.39 30.76 17.29
CA THR J 148 21.47 32.19 17.07
C THR J 148 22.93 32.57 16.94
N ALA J 149 23.22 33.54 16.08
CA ALA J 149 24.60 33.96 15.88
C ALA J 149 24.74 35.37 15.32
N LEU J 150 25.95 35.91 15.48
CA LEU J 150 26.30 37.23 15.00
C LEU J 150 27.55 37.06 14.14
N TYR J 151 27.45 37.44 12.86
CA TYR J 151 28.59 37.32 11.96
C TYR J 151 28.72 38.58 11.13
N SER J 152 29.92 38.84 10.61
CA SER J 152 30.15 40.05 9.84
C SER J 152 30.98 39.83 8.59
N ALA J 153 30.68 40.60 7.55
CA ALA J 153 31.38 40.52 6.28
C ALA J 153 31.95 41.88 5.91
N LEU J 154 33.08 41.87 5.23
CA LEU J 154 33.71 43.11 4.79
C LEU J 154 33.26 43.33 3.35
N ILE J 155 32.50 44.40 3.10
CA ILE J 155 32.02 44.66 1.76
C ILE J 155 32.48 46.00 1.19
N ARG J 156 32.76 45.98 -0.11
CA ARG J 156 33.25 47.13 -0.87
C ARG J 156 32.31 48.32 -0.91
N LYS J 157 32.88 49.53 -0.90
CA LYS J 157 32.11 50.75 -0.97
C LYS J 157 32.00 51.19 -2.42
N THR J 158 30.93 51.90 -2.76
CA THR J 158 30.73 52.37 -4.13
C THR J 158 31.98 53.13 -4.57
N PRO J 159 32.66 52.67 -5.64
CA PRO J 159 33.86 53.39 -6.07
C PRO J 159 33.60 54.23 -7.32
N ASN K 11 57.06 11.06 19.24
CA ASN K 11 55.76 10.46 19.01
C ASN K 11 55.76 9.24 18.06
N PRO K 12 56.82 9.06 17.27
CA PRO K 12 56.77 7.89 16.40
C PRO K 12 57.01 6.56 17.11
N ILE K 13 56.41 5.51 16.58
CA ILE K 13 56.55 4.17 17.14
C ILE K 13 57.33 3.32 16.15
N TYR K 14 58.42 2.73 16.61
CA TYR K 14 59.23 1.89 15.75
C TYR K 14 58.92 0.41 16.01
N PHE K 15 59.41 -0.44 15.11
CA PHE K 15 59.19 -1.88 15.21
C PHE K 15 59.42 -2.44 16.61
N GLU K 16 60.53 -2.08 17.22
CA GLU K 16 60.88 -2.56 18.55
C GLU K 16 59.94 -2.10 19.66
N SER K 17 59.24 -0.99 19.42
CA SER K 17 58.31 -0.45 20.42
C SER K 17 57.03 -1.27 20.47
N ILE K 18 56.65 -1.86 19.33
CA ILE K 18 55.43 -2.66 19.24
C ILE K 18 55.64 -4.02 19.90
N GLN K 19 54.80 -4.35 20.87
CA GLN K 19 54.90 -5.63 21.54
C GLN K 19 53.62 -6.44 21.46
N ILE K 20 53.77 -7.72 21.13
CA ILE K 20 52.63 -8.61 20.99
C ILE K 20 51.72 -8.54 22.20
N GLY K 21 50.41 -8.44 21.94
CA GLY K 21 49.46 -8.36 23.03
C GLY K 21 48.78 -7.00 23.14
N GLU K 22 49.43 -5.96 22.62
CA GLU K 22 48.84 -4.62 22.67
C GLU K 22 47.56 -4.61 21.84
N LYS K 23 46.51 -4.00 22.38
CA LYS K 23 45.24 -3.94 21.68
C LYS K 23 44.75 -2.51 21.51
N ILE K 24 44.15 -2.24 20.34
CA ILE K 24 43.62 -0.92 20.04
C ILE K 24 42.10 -1.00 19.98
N GLU K 25 41.42 -0.11 20.69
CA GLU K 25 39.97 -0.08 20.73
C GLU K 25 39.43 1.07 19.90
N GLY K 26 38.72 0.74 18.82
CA GLY K 26 38.17 1.77 17.96
C GLY K 26 36.88 2.37 18.51
N LEU K 27 36.54 3.56 18.03
CA LEU K 27 35.32 4.25 18.45
C LEU K 27 34.13 3.72 17.66
N PRO K 28 33.09 3.22 18.36
CA PRO K 28 31.88 2.66 17.72
C PRO K 28 31.06 3.65 16.89
N ARG K 29 30.43 3.15 15.84
CA ARG K 29 29.57 3.96 14.99
C ARG K 29 28.48 3.09 14.36
N THR K 30 27.29 3.67 14.21
CA THR K 30 26.15 2.98 13.65
C THR K 30 26.21 2.94 12.12
N VAL K 31 26.24 1.74 11.56
CA VAL K 31 26.27 1.62 10.11
C VAL K 31 24.93 2.12 9.61
N THR K 32 24.95 2.95 8.59
CA THR K 32 23.72 3.54 8.08
C THR K 32 23.48 3.35 6.59
N GLU K 33 22.27 3.71 6.15
CA GLU K 33 21.90 3.61 4.75
C GLU K 33 22.89 4.45 3.94
N THR K 34 23.12 5.67 4.39
CA THR K 34 24.05 6.56 3.72
C THR K 34 25.40 5.86 3.55
N ASP K 35 25.82 5.13 4.59
CA ASP K 35 27.07 4.38 4.56
C ASP K 35 27.05 3.37 3.41
N ILE K 36 26.00 2.56 3.39
CA ILE K 36 25.83 1.53 2.36
C ILE K 36 25.86 2.13 0.96
N TRP K 37 25.03 3.15 0.74
CA TRP K 37 24.94 3.80 -0.55
C TRP K 37 26.25 4.48 -0.98
N THR K 38 26.94 5.09 -0.03
CA THR K 38 28.20 5.74 -0.35
C THR K 38 29.17 4.69 -0.87
N PHE K 39 29.25 3.55 -0.18
CA PHE K 39 30.15 2.49 -0.61
C PHE K 39 29.74 1.98 -1.98
N ALA K 40 28.44 1.84 -2.19
CA ALA K 40 27.93 1.38 -3.47
C ALA K 40 28.30 2.36 -4.58
N TYR K 41 28.16 3.67 -4.31
CA TYR K 41 28.50 4.68 -5.29
C TYR K 41 29.99 4.58 -5.67
N LEU K 42 30.83 4.63 -4.65
CA LEU K 42 32.27 4.57 -4.79
C LEU K 42 32.78 3.38 -5.59
N THR K 43 32.19 2.21 -5.35
CA THR K 43 32.61 1.00 -6.04
C THR K 43 31.75 0.69 -7.26
N ALA K 44 30.79 1.57 -7.57
CA ALA K 44 29.90 1.39 -8.71
C ALA K 44 29.37 -0.05 -8.71
N ASP K 45 29.17 -0.58 -7.50
CA ASP K 45 28.68 -1.94 -7.32
C ASP K 45 27.35 -1.95 -6.57
N PHE K 46 26.26 -2.14 -7.31
CA PHE K 46 24.94 -2.18 -6.68
C PHE K 46 24.37 -3.59 -6.56
N PHE K 47 25.04 -4.43 -5.78
CA PHE K 47 24.57 -5.79 -5.56
C PHE K 47 23.22 -5.68 -4.84
N PRO K 48 22.16 -6.24 -5.42
CA PRO K 48 20.79 -6.20 -4.88
C PRO K 48 20.58 -6.53 -3.39
N LEU K 49 21.43 -7.36 -2.81
CA LEU K 49 21.28 -7.71 -1.40
C LEU K 49 21.50 -6.46 -0.54
N HIS K 50 22.27 -5.51 -1.08
CA HIS K 50 22.58 -4.28 -0.35
C HIS K 50 21.72 -3.11 -0.78
N THR K 51 21.35 -3.03 -2.05
CA THR K 51 20.59 -1.89 -2.52
C THR K 51 19.25 -2.12 -3.23
N ASP K 52 18.67 -3.30 -3.05
CA ASP K 52 17.38 -3.59 -3.65
C ASP K 52 16.46 -4.14 -2.57
N VAL K 53 15.61 -3.28 -2.04
CA VAL K 53 14.69 -3.68 -0.98
C VAL K 53 13.86 -4.92 -1.33
N GLU K 54 13.34 -4.96 -2.55
CA GLU K 54 12.53 -6.09 -2.98
C GLU K 54 13.30 -7.41 -3.04
N PHE K 55 14.53 -7.35 -3.55
CA PHE K 55 15.38 -8.53 -3.66
C PHE K 55 15.76 -9.09 -2.30
N ALA K 56 16.16 -8.22 -1.38
CA ALA K 56 16.55 -8.63 -0.04
C ALA K 56 15.48 -9.45 0.68
N LYS K 57 14.21 -9.10 0.46
CA LYS K 57 13.10 -9.81 1.10
C LYS K 57 13.12 -11.31 0.82
N LYS K 58 13.52 -11.69 -0.39
CA LYS K 58 13.55 -13.10 -0.77
C LYS K 58 14.84 -13.81 -0.37
N THR K 59 15.72 -13.14 0.35
CA THR K 59 16.97 -13.76 0.76
C THR K 59 16.92 -14.31 2.17
N ILE K 60 17.97 -15.04 2.56
CA ILE K 60 18.04 -15.63 3.88
C ILE K 60 18.16 -14.56 4.97
N PHE K 61 18.39 -13.31 4.56
CA PHE K 61 18.53 -12.23 5.51
C PHE K 61 17.23 -11.44 5.71
N GLY K 62 16.35 -11.48 4.70
CA GLY K 62 15.08 -10.78 4.79
C GLY K 62 15.16 -9.28 4.59
N LYS K 63 16.13 -8.65 5.25
CA LYS K 63 16.34 -7.21 5.15
C LYS K 63 17.65 -6.99 4.41
N PRO K 64 17.91 -5.75 3.96
CA PRO K 64 19.17 -5.53 3.26
C PRO K 64 20.30 -5.45 4.30
N ILE K 65 21.52 -5.79 3.89
CA ILE K 65 22.67 -5.75 4.81
C ILE K 65 23.86 -4.98 4.25
N ALA K 66 24.78 -4.59 5.13
CA ALA K 66 25.96 -3.86 4.72
C ALA K 66 26.91 -4.74 3.95
N GLN K 67 27.73 -4.12 3.09
CA GLN K 67 28.70 -4.87 2.31
C GLN K 67 29.82 -5.27 3.25
N GLY K 68 30.35 -6.48 3.05
CA GLY K 68 31.43 -6.95 3.89
C GLY K 68 32.64 -6.04 3.77
N MSE K 69 32.94 -5.61 2.55
CA MSE K 69 34.06 -4.73 2.32
C MSE K 69 33.87 -3.40 3.04
O MSE K 69 34.84 -2.76 3.46
CB MSE K 69 34.27 -4.48 0.83
CG MSE K 69 34.98 -5.62 0.10
SE MSE K 69 36.69 -6.03 0.89
CE MSE K 69 37.71 -4.52 0.30
N LEU K 70 32.61 -2.98 3.19
CA LEU K 70 32.31 -1.74 3.89
C LEU K 70 32.64 -1.89 5.37
N VAL K 71 32.16 -2.97 5.98
CA VAL K 71 32.41 -3.21 7.39
C VAL K 71 33.92 -3.32 7.66
N LEU K 72 34.63 -3.99 6.77
CA LEU K 72 36.07 -4.13 6.92
C LEU K 72 36.75 -2.77 6.85
N SER K 73 36.37 -1.97 5.85
CA SER K 73 36.95 -0.64 5.67
C SER K 73 36.69 0.28 6.88
N ILE K 74 35.44 0.32 7.34
CA ILE K 74 35.11 1.16 8.48
C ILE K 74 35.87 0.67 9.71
N ALA K 75 36.02 -0.64 9.84
CA ALA K 75 36.74 -1.24 10.98
C ALA K 75 38.20 -0.79 11.00
N LEU K 76 38.93 -1.08 9.92
CA LEU K 76 40.32 -0.69 9.85
C LEU K 76 40.44 0.81 10.06
N GLY K 77 39.45 1.54 9.54
CA GLY K 77 39.43 2.99 9.66
C GLY K 77 39.34 3.50 11.08
N MSE K 78 38.40 2.99 11.87
CA MSE K 78 38.29 3.48 13.24
C MSE K 78 39.45 3.03 14.13
O MSE K 78 39.72 3.64 15.16
CB MSE K 78 36.92 3.07 13.85
CG MSE K 78 36.59 1.58 13.83
SE MSE K 78 34.77 1.27 14.49
CE MSE K 78 34.03 0.40 12.92
N VAL K 79 40.16 1.99 13.70
CA VAL K 79 41.32 1.52 14.46
C VAL K 79 42.50 2.44 14.17
N ASP K 80 42.67 2.80 12.89
CA ASP K 80 43.75 3.66 12.48
C ASP K 80 43.57 5.06 13.06
N GLN K 81 42.32 5.47 13.23
CA GLN K 81 42.02 6.78 13.79
C GLN K 81 42.66 6.94 15.17
N VAL K 82 42.69 5.87 15.94
CA VAL K 82 43.28 5.90 17.28
C VAL K 82 44.80 6.05 17.19
N ILE K 83 45.42 5.30 16.30
CA ILE K 83 46.87 5.36 16.13
C ILE K 83 47.25 6.74 15.63
N LEU K 84 46.49 7.22 14.64
CA LEU K 84 46.71 8.53 14.04
C LEU K 84 46.74 9.69 15.03
N SER K 85 45.93 9.61 16.07
CA SER K 85 45.88 10.69 17.04
C SER K 85 46.74 10.47 18.29
N ASN K 86 47.57 9.43 18.27
CA ASN K 86 48.43 9.15 19.42
C ASN K 86 49.90 8.95 19.05
N TYR K 87 50.20 8.75 17.76
CA TYR K 87 51.57 8.52 17.34
C TYR K 87 51.93 9.21 16.04
N ASP K 88 53.23 9.39 15.83
CA ASP K 88 53.73 9.98 14.61
C ASP K 88 53.87 8.75 13.72
N VAL K 89 52.98 8.63 12.74
CA VAL K 89 52.98 7.46 11.87
C VAL K 89 53.98 7.49 10.71
N SER K 90 54.99 8.34 10.80
CA SER K 90 56.00 8.41 9.74
C SER K 90 56.77 7.09 9.67
N SER K 91 56.73 6.32 10.75
CA SER K 91 57.42 5.03 10.81
C SER K 91 56.60 3.91 10.17
N VAL K 92 55.31 4.17 9.95
CA VAL K 92 54.44 3.19 9.31
C VAL K 92 54.68 3.33 7.80
N ILE K 93 55.52 2.45 7.28
CA ILE K 93 55.91 2.48 5.86
C ILE K 93 54.85 2.05 4.85
N ALA K 94 54.26 0.88 5.06
CA ALA K 94 53.26 0.40 4.12
C ALA K 94 52.30 -0.64 4.68
N PHE K 95 51.18 -0.80 3.97
CA PHE K 95 50.17 -1.77 4.32
C PHE K 95 50.65 -3.01 3.59
N PHE K 96 51.16 -3.98 4.34
CA PHE K 96 51.70 -5.19 3.73
C PHE K 96 50.63 -6.07 3.09
N GLY K 97 49.67 -6.52 3.88
CA GLY K 97 48.61 -7.36 3.33
C GLY K 97 47.58 -7.78 4.35
N ILE K 98 46.67 -8.65 3.93
CA ILE K 98 45.63 -9.18 4.80
C ILE K 98 45.70 -10.71 4.70
N LYS K 99 45.84 -11.37 5.84
CA LYS K 99 45.95 -12.83 5.86
C LYS K 99 44.64 -13.61 5.90
N ASP K 100 43.57 -13.01 6.41
CA ASP K 100 42.28 -13.70 6.47
C ASP K 100 41.13 -12.79 6.89
N VAL K 101 39.95 -13.07 6.34
CA VAL K 101 38.76 -12.29 6.66
C VAL K 101 37.57 -13.23 6.67
N ARG K 102 36.86 -13.26 7.79
CA ARG K 102 35.68 -14.10 7.92
C ARG K 102 34.47 -13.28 8.25
N PHE K 103 33.45 -13.37 7.41
CA PHE K 103 32.21 -12.64 7.62
C PHE K 103 31.29 -13.59 8.39
N LEU K 104 31.24 -13.40 9.70
CA LEU K 104 30.47 -14.26 10.58
C LEU K 104 28.98 -13.97 10.67
N ARG K 105 28.63 -12.74 11.03
CA ARG K 105 27.24 -12.36 11.18
C ARG K 105 26.94 -11.13 10.31
N PRO K 106 25.68 -10.98 9.89
CA PRO K 106 25.33 -9.83 9.06
C PRO K 106 25.14 -8.57 9.89
N VAL K 107 25.41 -7.42 9.29
CA VAL K 107 25.24 -6.14 9.97
C VAL K 107 24.05 -5.44 9.33
N PHE K 108 23.03 -5.15 10.13
CA PHE K 108 21.83 -4.49 9.63
C PHE K 108 21.90 -2.98 9.72
N ILE K 109 21.07 -2.31 8.92
CA ILE K 109 21.05 -0.85 8.86
C ILE K 109 21.03 -0.05 10.16
N GLY K 110 20.62 -0.66 11.27
CA GLY K 110 20.60 0.08 12.52
C GLY K 110 21.64 -0.38 13.53
N ASP K 111 22.45 -1.35 13.15
CA ASP K 111 23.47 -1.89 14.05
C ASP K 111 24.62 -0.94 14.31
N THR K 112 25.21 -1.07 15.49
CA THR K 112 26.33 -0.24 15.90
C THR K 112 27.53 -1.17 16.07
N ILE K 113 28.49 -1.07 15.16
CA ILE K 113 29.66 -1.94 15.21
C ILE K 113 30.86 -1.29 15.90
N ALA K 114 31.67 -2.13 16.53
CA ALA K 114 32.87 -1.70 17.23
C ALA K 114 33.98 -2.66 16.87
N ALA K 115 35.14 -2.11 16.52
CA ALA K 115 36.28 -2.95 16.13
C ALA K 115 37.44 -2.83 17.10
N SER K 116 38.23 -3.89 17.17
CA SER K 116 39.39 -3.93 18.03
C SER K 116 40.49 -4.67 17.28
N ALA K 117 41.73 -4.24 17.51
CA ALA K 117 42.86 -4.88 16.85
C ALA K 117 43.86 -5.27 17.93
N GLU K 118 44.45 -6.46 17.78
CA GLU K 118 45.43 -6.95 18.74
C GLU K 118 46.67 -7.46 18.03
N VAL K 119 47.84 -7.08 18.52
CA VAL K 119 49.09 -7.54 17.92
C VAL K 119 49.25 -9.01 18.26
N VAL K 120 49.35 -9.85 17.23
CA VAL K 120 49.48 -11.28 17.43
C VAL K 120 50.77 -11.87 16.87
N GLU K 121 51.49 -11.08 16.07
CA GLU K 121 52.72 -11.59 15.49
C GLU K 121 53.70 -10.52 15.02
N LYS K 122 54.98 -10.86 15.05
CA LYS K 122 56.05 -9.97 14.61
C LYS K 122 57.12 -10.81 13.94
N GLN K 123 57.63 -10.34 12.80
CA GLN K 123 58.65 -11.07 12.06
C GLN K 123 59.60 -10.06 11.42
N ASP K 124 60.90 -10.24 11.65
CA ASP K 124 61.89 -9.34 11.07
C ASP K 124 61.71 -9.40 9.56
N PHE K 125 62.03 -8.30 8.88
CA PHE K 125 61.89 -8.25 7.43
C PHE K 125 63.23 -7.96 6.77
N ASP K 126 63.86 -6.89 7.20
CA ASP K 126 65.16 -6.47 6.70
C ASP K 126 65.84 -5.67 7.81
N GLU K 127 66.98 -5.07 7.50
CA GLU K 127 67.72 -4.30 8.49
C GLU K 127 67.04 -2.98 8.88
N LYS K 128 66.03 -2.57 8.11
CA LYS K 128 65.34 -1.32 8.40
C LYS K 128 63.89 -1.43 8.82
N SER K 129 63.33 -2.64 8.79
CA SER K 129 61.93 -2.82 9.18
C SER K 129 61.51 -4.26 9.45
N GLY K 130 60.34 -4.39 10.07
CA GLY K 130 59.79 -5.70 10.38
C GLY K 130 58.29 -5.64 10.17
N VAL K 131 57.65 -6.79 10.00
CA VAL K 131 56.20 -6.81 9.81
C VAL K 131 55.47 -7.18 11.09
N VAL K 132 54.41 -6.43 11.38
CA VAL K 132 53.61 -6.66 12.56
C VAL K 132 52.25 -7.16 12.09
N THR K 133 51.76 -8.22 12.73
CA THR K 133 50.46 -8.78 12.36
C THR K 133 49.44 -8.51 13.45
N TYR K 134 48.26 -8.05 13.04
CA TYR K 134 47.20 -7.73 13.97
C TYR K 134 45.99 -8.63 13.79
N LYS K 135 45.30 -8.89 14.88
CA LYS K 135 44.09 -9.69 14.84
C LYS K 135 42.95 -8.69 15.00
N LEU K 136 42.08 -8.63 13.99
CA LEU K 136 40.97 -7.69 14.02
C LEU K 136 39.68 -8.37 14.44
N GLU K 137 38.94 -7.72 15.34
CA GLU K 137 37.68 -8.24 15.83
C GLU K 137 36.61 -7.15 15.82
N VAL K 138 35.48 -7.45 15.21
CA VAL K 138 34.38 -6.50 15.12
C VAL K 138 33.14 -7.10 15.78
N LYS K 139 32.56 -6.35 16.71
CA LYS K 139 31.35 -6.80 17.40
C LYS K 139 30.27 -5.73 17.37
N ASN K 140 29.05 -6.14 17.02
CA ASN K 140 27.92 -5.22 16.92
C ASN K 140 27.44 -4.75 18.30
N GLN K 141 26.37 -3.96 18.31
CA GLN K 141 25.85 -3.40 19.55
C GLN K 141 25.53 -4.42 20.65
N ARG K 142 25.23 -5.66 20.30
CA ARG K 142 24.94 -6.65 21.33
C ARG K 142 26.07 -7.65 21.56
N GLY K 143 27.31 -7.19 21.38
CA GLY K 143 28.48 -8.01 21.61
C GLY K 143 28.84 -9.10 20.62
N GLU K 144 27.94 -9.41 19.70
CA GLU K 144 28.19 -10.47 18.71
C GLU K 144 29.37 -10.12 17.79
N LEU K 145 30.16 -11.14 17.46
CA LEU K 145 31.32 -10.98 16.58
C LEU K 145 30.86 -11.09 15.13
N VAL K 146 30.87 -9.96 14.41
CA VAL K 146 30.42 -9.96 13.02
C VAL K 146 31.51 -10.20 11.99
N LEU K 147 32.72 -9.79 12.29
CA LEU K 147 33.82 -9.98 11.35
C LEU K 147 35.15 -10.14 12.08
N THR K 148 36.03 -10.94 11.49
CA THR K 148 37.33 -11.16 12.08
C THR K 148 38.36 -11.18 10.95
N ALA K 149 39.56 -10.68 11.22
CA ALA K 149 40.59 -10.65 10.20
C ALA K 149 42.01 -10.54 10.75
N LEU K 150 42.95 -10.86 9.87
CA LEU K 150 44.38 -10.82 10.20
C LEU K 150 45.04 -9.95 9.13
N TYR K 151 45.67 -8.86 9.55
CA TYR K 151 46.34 -7.98 8.61
C TYR K 151 47.71 -7.58 9.14
N SER K 152 48.60 -7.18 8.25
CA SER K 152 49.94 -6.82 8.67
C SER K 152 50.49 -5.56 7.98
N ALA K 153 51.30 -4.82 8.73
CA ALA K 153 51.90 -3.59 8.23
C ALA K 153 53.41 -3.66 8.37
N LEU K 154 54.11 -3.02 7.44
CA LEU K 154 55.57 -3.00 7.48
C LEU K 154 55.95 -1.70 8.16
N ILE K 155 56.58 -1.79 9.34
CA ILE K 155 56.96 -0.58 10.05
C ILE K 155 58.47 -0.45 10.28
N ARG K 156 58.95 0.79 10.19
CA ARG K 156 60.36 1.13 10.36
C ARG K 156 60.95 0.82 11.72
N LYS K 157 62.22 0.43 11.73
CA LYS K 157 62.94 0.13 12.96
C LYS K 157 63.67 1.38 13.44
N THR K 158 63.88 1.48 14.74
CA THR K 158 64.57 2.64 15.32
C THR K 158 65.94 2.86 14.67
N PRO K 159 66.30 4.12 14.39
CA PRO K 159 67.59 4.44 13.77
C PRO K 159 68.78 3.80 14.48
N ASN L 11 19.07 -16.03 -15.56
CA ASN L 11 20.06 -17.03 -15.93
C ASN L 11 21.01 -17.27 -14.75
N PRO L 12 20.47 -17.50 -13.54
CA PRO L 12 21.34 -17.73 -12.38
C PRO L 12 22.42 -18.76 -12.62
N ILE L 13 23.53 -18.62 -11.92
CA ILE L 13 24.65 -19.55 -12.03
C ILE L 13 24.78 -20.32 -10.73
N TYR L 14 24.76 -21.64 -10.83
CA TYR L 14 24.89 -22.46 -9.64
C TYR L 14 26.30 -22.99 -9.50
N PHE L 15 26.60 -23.55 -8.34
CA PHE L 15 27.93 -24.08 -8.04
C PHE L 15 28.51 -24.95 -9.16
N GLU L 16 27.70 -25.86 -9.67
CA GLU L 16 28.13 -26.77 -10.73
C GLU L 16 28.43 -26.07 -12.06
N SER L 17 27.85 -24.90 -12.28
CA SER L 17 28.07 -24.16 -13.52
C SER L 17 29.45 -23.50 -13.53
N ILE L 18 29.95 -23.15 -12.35
CA ILE L 18 31.26 -22.51 -12.23
C ILE L 18 32.38 -23.52 -12.42
N GLN L 19 33.25 -23.26 -13.38
CA GLN L 19 34.37 -24.16 -13.63
C GLN L 19 35.71 -23.46 -13.51
N ILE L 20 36.63 -24.10 -12.81
CA ILE L 20 37.96 -23.55 -12.60
C ILE L 20 38.60 -23.10 -13.91
N GLY L 21 39.16 -21.91 -13.91
CA GLY L 21 39.80 -21.38 -15.11
C GLY L 21 39.05 -20.20 -15.72
N GLU L 22 37.76 -20.09 -15.43
CA GLU L 22 36.97 -18.97 -15.96
C GLU L 22 37.53 -17.68 -15.38
N LYS L 23 37.67 -16.67 -16.23
CA LYS L 23 38.19 -15.38 -15.78
C LYS L 23 37.24 -14.24 -16.11
N ILE L 24 37.15 -13.28 -15.19
CA ILE L 24 36.28 -12.12 -15.36
C ILE L 24 37.17 -10.88 -15.53
N GLU L 25 36.89 -10.10 -16.57
CA GLU L 25 37.67 -8.89 -16.84
C GLU L 25 36.86 -7.65 -16.48
N GLY L 26 37.34 -6.91 -15.47
CA GLY L 26 36.66 -5.70 -15.05
C GLY L 26 36.95 -4.51 -15.94
N LEU L 27 36.06 -3.52 -15.90
CA LEU L 27 36.22 -2.31 -16.70
C LEU L 27 37.17 -1.34 -15.98
N PRO L 28 38.25 -0.92 -16.66
CA PRO L 28 39.24 0.00 -16.11
C PRO L 28 38.74 1.39 -15.74
N ARG L 29 39.32 1.97 -14.69
CA ARG L 29 38.99 3.33 -14.27
C ARG L 29 40.18 3.97 -13.59
N THR L 30 40.31 5.29 -13.80
CA THR L 30 41.41 6.05 -13.25
C THR L 30 41.16 6.44 -11.79
N VAL L 31 42.04 5.99 -10.90
CA VAL L 31 41.89 6.32 -9.49
C VAL L 31 42.14 7.82 -9.38
N THR L 32 41.26 8.51 -8.65
CA THR L 32 41.35 9.95 -8.54
C THR L 32 41.40 10.48 -7.11
N GLU L 33 41.67 11.78 -7.00
CA GLU L 33 41.73 12.45 -5.70
C GLU L 33 40.38 12.26 -5.02
N THR L 34 39.31 12.53 -5.76
CA THR L 34 37.96 12.38 -5.25
C THR L 34 37.79 10.97 -4.67
N ASP L 35 38.34 9.97 -5.36
CA ASP L 35 38.28 8.59 -4.91
C ASP L 35 38.95 8.45 -3.56
N ILE L 36 40.18 8.93 -3.46
CA ILE L 36 40.95 8.87 -2.22
C ILE L 36 40.21 9.53 -1.09
N TRP L 37 39.79 10.78 -1.31
CA TRP L 37 39.08 11.53 -0.28
C TRP L 37 37.76 10.89 0.14
N THR L 38 37.03 10.35 -0.82
CA THR L 38 35.77 9.71 -0.50
C THR L 38 36.03 8.54 0.45
N PHE L 39 37.04 7.75 0.14
CA PHE L 39 37.36 6.61 0.99
C PHE L 39 37.79 7.10 2.37
N ALA L 40 38.57 8.17 2.41
CA ALA L 40 39.02 8.74 3.67
C ALA L 40 37.82 9.22 4.49
N TYR L 41 36.87 9.88 3.84
CA TYR L 41 35.68 10.38 4.53
C TYR L 41 34.92 9.20 5.15
N LEU L 42 34.57 8.24 4.29
CA LEU L 42 33.82 7.06 4.69
C LEU L 42 34.40 6.29 5.87
N THR L 43 35.73 6.15 5.88
CA THR L 43 36.39 5.42 6.95
C THR L 43 36.91 6.33 8.05
N ALA L 44 36.66 7.63 7.92
CA ALA L 44 37.11 8.61 8.91
C ALA L 44 38.58 8.36 9.23
N ASP L 45 39.32 7.93 8.22
CA ASP L 45 40.73 7.62 8.37
C ASP L 45 41.57 8.49 7.46
N PHE L 46 42.20 9.51 8.03
CA PHE L 46 43.04 10.41 7.24
C PHE L 46 44.53 10.17 7.43
N PHE L 47 45.00 9.00 7.04
CA PHE L 47 46.42 8.67 7.15
C PHE L 47 47.16 9.64 6.22
N PRO L 48 48.10 10.41 6.77
CA PRO L 48 48.89 11.40 6.02
C PRO L 48 49.51 11.00 4.69
N LEU L 49 49.85 9.72 4.52
CA LEU L 49 50.44 9.27 3.26
C LEU L 49 49.42 9.44 2.14
N HIS L 50 48.13 9.41 2.50
CA HIS L 50 47.09 9.55 1.50
C HIS L 50 46.49 10.94 1.42
N THR L 51 46.42 11.64 2.55
CA THR L 51 45.80 12.97 2.55
C THR L 51 46.60 14.16 3.06
N ASP L 52 47.92 14.03 3.14
CA ASP L 52 48.76 15.13 3.59
C ASP L 52 49.89 15.31 2.58
N VAL L 53 49.72 16.27 1.67
CA VAL L 53 50.72 16.54 0.65
C VAL L 53 52.13 16.74 1.21
N GLU L 54 52.25 17.50 2.29
CA GLU L 54 53.55 17.75 2.89
C GLU L 54 54.20 16.48 3.45
N PHE L 55 53.41 15.65 4.10
CA PHE L 55 53.91 14.41 4.70
C PHE L 55 54.40 13.44 3.63
N ALA L 56 53.61 13.27 2.58
CA ALA L 56 53.96 12.36 1.49
C ALA L 56 55.34 12.65 0.88
N LYS L 57 55.69 13.92 0.78
CA LYS L 57 56.98 14.31 0.21
C LYS L 57 58.17 13.65 0.89
N LYS L 58 58.08 13.49 2.21
CA LYS L 58 59.15 12.89 2.99
C LYS L 58 59.12 11.36 3.04
N THR L 59 58.21 10.75 2.29
CA THR L 59 58.11 9.30 2.29
C THR L 59 58.83 8.67 1.10
N ILE L 60 58.94 7.34 1.12
CA ILE L 60 59.60 6.62 0.05
C ILE L 60 58.82 6.73 -1.27
N PHE L 61 57.59 7.25 -1.20
CA PHE L 61 56.78 7.40 -2.41
C PHE L 61 56.86 8.79 -3.02
N GLY L 62 57.20 9.78 -2.19
CA GLY L 62 57.32 11.15 -2.69
C GLY L 62 56.00 11.86 -2.92
N LYS L 63 55.06 11.17 -3.57
CA LYS L 63 53.74 11.72 -3.85
C LYS L 63 52.74 10.95 -3.01
N PRO L 64 51.50 11.46 -2.90
CA PRO L 64 50.52 10.73 -2.10
C PRO L 64 50.02 9.54 -2.93
N ILE L 65 49.57 8.47 -2.26
CA ILE L 65 49.07 7.29 -2.95
C ILE L 65 47.71 6.83 -2.45
N ALA L 66 47.03 6.01 -3.25
CA ALA L 66 45.71 5.50 -2.89
C ALA L 66 45.82 4.51 -1.74
N GLN L 67 44.73 4.36 -0.99
CA GLN L 67 44.70 3.43 0.12
C GLN L 67 44.58 2.03 -0.45
N GLY L 68 45.28 1.07 0.16
CA GLY L 68 45.21 -0.29 -0.32
C GLY L 68 43.79 -0.82 -0.28
N MSE L 69 43.08 -0.52 0.79
CA MSE L 69 41.70 -0.95 0.93
C MSE L 69 40.83 -0.36 -0.16
O MSE L 69 39.85 -0.99 -0.59
CB MSE L 69 41.14 -0.58 2.30
CG MSE L 69 41.59 -1.50 3.41
SE MSE L 69 41.15 -3.33 3.00
CE MSE L 69 39.25 -3.28 3.35
N LEU L 70 41.18 0.83 -0.64
CA LEU L 70 40.42 1.48 -1.69
C LEU L 70 40.60 0.72 -3.00
N VAL L 71 41.85 0.42 -3.34
CA VAL L 71 42.16 -0.31 -4.57
C VAL L 71 41.48 -1.68 -4.54
N LEU L 72 41.50 -2.34 -3.39
CA LEU L 72 40.88 -3.65 -3.26
C LEU L 72 39.37 -3.53 -3.48
N SER L 73 38.76 -2.54 -2.83
CA SER L 73 37.32 -2.33 -2.96
C SER L 73 36.91 -2.02 -4.39
N ILE L 74 37.62 -1.10 -5.03
CA ILE L 74 37.28 -0.74 -6.41
C ILE L 74 37.46 -1.96 -7.31
N ALA L 75 38.49 -2.76 -7.03
CA ALA L 75 38.77 -3.96 -7.81
C ALA L 75 37.62 -4.95 -7.73
N LEU L 76 37.31 -5.40 -6.52
CA LEU L 76 36.22 -6.34 -6.34
C LEU L 76 34.95 -5.77 -6.95
N GLY L 77 34.80 -4.46 -6.83
CA GLY L 77 33.63 -3.79 -7.37
C GLY L 77 33.48 -3.87 -8.87
N MSE L 78 34.54 -3.57 -9.62
CA MSE L 78 34.43 -3.62 -11.07
C MSE L 78 34.29 -5.05 -11.59
O MSE L 78 33.83 -5.28 -12.71
CB MSE L 78 35.59 -2.88 -11.74
CG MSE L 78 36.99 -3.30 -11.34
SE MSE L 78 38.32 -2.12 -12.14
CE MSE L 78 39.19 -1.48 -10.55
N VAL L 79 34.70 -6.02 -10.78
CA VAL L 79 34.59 -7.43 -11.17
C VAL L 79 33.15 -7.89 -10.96
N ASP L 80 32.57 -7.49 -9.84
CA ASP L 80 31.19 -7.85 -9.53
C ASP L 80 30.22 -7.20 -10.51
N GLN L 81 30.60 -6.01 -10.99
CA GLN L 81 29.76 -5.29 -11.94
C GLN L 81 29.50 -6.13 -13.19
N VAL L 82 30.50 -6.90 -13.60
CA VAL L 82 30.37 -7.75 -14.78
C VAL L 82 29.42 -8.92 -14.50
N ILE L 83 29.57 -9.54 -13.34
CA ILE L 83 28.72 -10.66 -12.96
C ILE L 83 27.28 -10.15 -12.83
N LEU L 84 27.13 -9.03 -12.17
CA LEU L 84 25.84 -8.40 -11.94
C LEU L 84 25.02 -8.15 -13.20
N SER L 85 25.69 -7.81 -14.29
CA SER L 85 24.98 -7.53 -15.52
C SER L 85 24.90 -8.70 -16.50
N ASN L 86 25.31 -9.89 -16.05
CA ASN L 86 25.26 -11.07 -16.91
C ASN L 86 24.59 -12.28 -16.27
N TYR L 87 24.38 -12.25 -14.96
CA TYR L 87 23.76 -13.37 -14.27
C TYR L 87 22.79 -12.97 -13.18
N ASP L 88 21.91 -13.89 -12.84
CA ASP L 88 20.95 -13.67 -11.76
C ASP L 88 21.75 -14.13 -10.55
N VAL L 89 22.17 -13.18 -9.73
CA VAL L 89 23.00 -13.49 -8.58
C VAL L 89 22.26 -13.97 -7.33
N SER L 90 21.01 -14.42 -7.50
CA SER L 90 20.25 -14.93 -6.36
C SER L 90 20.91 -16.19 -5.79
N SER L 91 21.75 -16.83 -6.60
CA SER L 91 22.45 -18.04 -6.16
C SER L 91 23.72 -17.70 -5.37
N VAL L 92 24.16 -16.45 -5.43
CA VAL L 92 25.34 -16.01 -4.69
C VAL L 92 24.85 -15.72 -3.29
N ILE L 93 25.04 -16.69 -2.39
CA ILE L 93 24.59 -16.59 -1.01
C ILE L 93 25.34 -15.62 -0.10
N ALA L 94 26.66 -15.75 -0.04
CA ALA L 94 27.44 -14.88 0.83
C ALA L 94 28.91 -14.75 0.44
N PHE L 95 29.52 -13.70 0.99
CA PHE L 95 30.93 -13.43 0.77
C PHE L 95 31.58 -14.22 1.89
N PHE L 96 32.23 -15.33 1.55
CA PHE L 96 32.85 -16.18 2.55
C PHE L 96 34.04 -15.54 3.25
N GLY L 97 35.06 -15.19 2.48
CA GLY L 97 36.24 -14.58 3.07
C GLY L 97 37.26 -14.13 2.07
N ILE L 98 38.32 -13.49 2.59
CA ILE L 98 39.41 -12.99 1.77
C ILE L 98 40.72 -13.62 2.24
N LYS L 99 41.12 -14.68 1.53
CA LYS L 99 42.34 -15.41 1.86
C LYS L 99 43.53 -14.48 2.08
N ASP L 100 44.27 -14.18 1.03
CA ASP L 100 45.45 -13.32 1.13
C ASP L 100 45.37 -12.09 0.25
N VAL L 101 46.08 -11.03 0.67
CA VAL L 101 46.13 -9.78 -0.07
C VAL L 101 47.55 -9.26 0.00
N ARG L 102 48.14 -8.99 -1.17
CA ARG L 102 49.49 -8.49 -1.24
C ARG L 102 49.51 -7.16 -1.98
N PHE L 103 50.03 -6.14 -1.33
CA PHE L 103 50.13 -4.82 -1.93
C PHE L 103 51.52 -4.75 -2.53
N LEU L 104 51.59 -4.98 -3.83
CA LEU L 104 52.85 -5.02 -4.55
C LEU L 104 53.44 -3.67 -4.96
N ARG L 105 52.66 -2.88 -5.69
CA ARG L 105 53.12 -1.59 -6.17
C ARG L 105 52.14 -0.50 -5.73
N PRO L 106 52.64 0.74 -5.57
CA PRO L 106 51.76 1.83 -5.16
C PRO L 106 50.94 2.37 -6.34
N VAL L 107 49.75 2.87 -6.04
CA VAL L 107 48.89 3.44 -7.07
C VAL L 107 48.87 4.95 -6.85
N PHE L 108 49.32 5.70 -7.86
CA PHE L 108 49.35 7.16 -7.76
C PHE L 108 48.07 7.82 -8.27
N ILE L 109 47.84 9.06 -7.84
CA ILE L 109 46.65 9.81 -8.18
C ILE L 109 46.19 9.85 -9.64
N GLY L 110 47.09 9.57 -10.58
CA GLY L 110 46.67 9.60 -11.97
C GLY L 110 46.63 8.23 -12.63
N ASP L 111 46.96 7.19 -11.87
CA ASP L 111 46.98 5.83 -12.40
C ASP L 111 45.60 5.28 -12.74
N THR L 112 45.57 4.40 -13.73
CA THR L 112 44.34 3.75 -14.16
C THR L 112 44.48 2.27 -13.87
N ILE L 113 43.74 1.79 -12.87
CA ILE L 113 43.82 0.39 -12.50
C ILE L 113 42.75 -0.48 -13.14
N ALA L 114 43.10 -1.74 -13.37
CA ALA L 114 42.19 -2.71 -13.96
C ALA L 114 42.32 -4.01 -13.18
N ALA L 115 41.19 -4.59 -12.81
CA ALA L 115 41.21 -5.83 -12.04
C ALA L 115 40.62 -7.00 -12.80
N SER L 116 41.07 -8.19 -12.44
CA SER L 116 40.60 -9.41 -13.06
C SER L 116 40.49 -10.47 -11.97
N ALA L 117 39.51 -11.34 -12.10
CA ALA L 117 39.31 -12.41 -11.12
C ALA L 117 39.25 -13.74 -11.87
N GLU L 118 39.90 -14.74 -11.31
CA GLU L 118 39.92 -16.06 -11.94
C GLU L 118 39.56 -17.14 -10.92
N VAL L 119 38.69 -18.06 -11.30
CA VAL L 119 38.30 -19.14 -10.39
C VAL L 119 39.47 -20.09 -10.28
N VAL L 120 39.95 -20.30 -9.06
CA VAL L 120 41.09 -21.17 -8.83
C VAL L 120 40.79 -22.35 -7.92
N GLU L 121 39.63 -22.34 -7.27
CA GLU L 121 39.29 -23.43 -6.38
C GLU L 121 37.81 -23.57 -6.07
N LYS L 122 37.40 -24.80 -5.78
CA LYS L 122 36.02 -25.12 -5.45
C LYS L 122 36.03 -26.23 -4.42
N GLN L 123 35.22 -26.11 -3.37
CA GLN L 123 35.15 -27.17 -2.37
C GLN L 123 33.75 -27.18 -1.74
N ASP L 124 33.08 -28.31 -1.89
CA ASP L 124 31.73 -28.52 -1.39
C ASP L 124 31.64 -27.98 0.03
N PHE L 125 30.46 -27.50 0.41
CA PHE L 125 30.28 -26.96 1.75
C PHE L 125 29.19 -27.73 2.50
N ASP L 126 28.03 -27.84 1.88
CA ASP L 126 26.90 -28.56 2.43
C ASP L 126 26.04 -29.03 1.26
N GLU L 127 24.87 -29.57 1.56
CA GLU L 127 23.99 -30.07 0.51
C GLU L 127 23.35 -28.96 -0.33
N LYS L 128 23.43 -27.72 0.13
CA LYS L 128 22.83 -26.61 -0.61
C LYS L 128 23.79 -25.59 -1.19
N SER L 129 25.09 -25.73 -0.91
CA SER L 129 26.06 -24.77 -1.44
C SER L 129 27.51 -25.22 -1.34
N GLY L 130 28.35 -24.50 -2.08
CA GLY L 130 29.78 -24.78 -2.08
C GLY L 130 30.53 -23.45 -2.12
N VAL L 131 31.80 -23.45 -1.75
CA VAL L 131 32.58 -22.22 -1.78
C VAL L 131 33.49 -22.16 -2.99
N VAL L 132 33.49 -21.01 -3.65
CA VAL L 132 34.32 -20.78 -4.83
C VAL L 132 35.40 -19.78 -4.46
N THR L 133 36.63 -20.09 -4.83
CA THR L 133 37.75 -19.20 -4.52
C THR L 133 38.25 -18.52 -5.78
N TYR L 134 38.45 -17.22 -5.69
CA TYR L 134 38.92 -16.45 -6.83
C TYR L 134 40.29 -15.84 -6.58
N LYS L 135 41.06 -15.70 -7.66
CA LYS L 135 42.37 -15.09 -7.57
C LYS L 135 42.19 -13.70 -8.17
N LEU L 136 42.46 -12.69 -7.37
CA LEU L 136 42.32 -11.31 -7.83
C LEU L 136 43.66 -10.70 -8.23
N GLU L 137 43.66 -10.03 -9.38
CA GLU L 137 44.86 -9.38 -9.88
C GLU L 137 44.54 -7.97 -10.35
N VAL L 138 45.33 -7.01 -9.86
CA VAL L 138 45.14 -5.61 -10.20
C VAL L 138 46.41 -5.05 -10.84
N LYS L 139 46.27 -4.37 -11.98
CA LYS L 139 47.42 -3.80 -12.67
C LYS L 139 47.14 -2.34 -13.04
N ASN L 140 48.19 -1.60 -13.41
CA ASN L 140 48.03 -0.20 -13.79
C ASN L 140 48.11 0.01 -15.30
N GLN L 141 48.04 1.27 -15.73
CA GLN L 141 48.06 1.60 -17.15
C GLN L 141 49.25 1.04 -17.94
N ARG L 142 50.38 0.81 -17.28
CA ARG L 142 51.52 0.27 -18.01
C ARG L 142 51.78 -1.21 -17.74
N GLY L 143 50.69 -1.95 -17.50
CA GLY L 143 50.78 -3.39 -17.27
C GLY L 143 51.34 -3.91 -15.96
N GLU L 144 51.93 -3.04 -15.15
CA GLU L 144 52.50 -3.46 -13.87
C GLU L 144 51.44 -3.99 -12.91
N LEU L 145 51.82 -5.03 -12.16
CA LEU L 145 50.91 -5.65 -11.20
C LEU L 145 51.01 -4.88 -9.87
N VAL L 146 49.97 -4.14 -9.52
CA VAL L 146 49.98 -3.35 -8.29
C VAL L 146 49.44 -4.06 -7.06
N LEU L 147 48.47 -4.96 -7.25
CA LEU L 147 47.90 -5.67 -6.13
C LEU L 147 47.43 -7.06 -6.54
N THR L 148 47.52 -7.99 -5.60
CA THR L 148 47.10 -9.36 -5.86
C THR L 148 46.38 -9.87 -4.63
N ALA L 149 45.37 -10.70 -4.83
CA ALA L 149 44.63 -11.23 -3.70
C ALA L 149 43.86 -12.51 -4.01
N LEU L 150 43.48 -13.19 -2.93
CA LEU L 150 42.74 -14.45 -3.01
C LEU L 150 41.49 -14.26 -2.15
N TYR L 151 40.31 -14.39 -2.75
CA TYR L 151 39.07 -14.24 -2.00
C TYR L 151 38.09 -15.33 -2.40
N SER L 152 37.14 -15.62 -1.52
CA SER L 152 36.18 -16.68 -1.79
C SER L 152 34.75 -16.33 -1.43
N ALA L 153 33.82 -16.86 -2.21
CA ALA L 153 32.39 -16.62 -2.01
C ALA L 153 31.67 -17.95 -1.85
N LEU L 154 30.61 -17.95 -1.05
CA LEU L 154 29.82 -19.16 -0.84
C LEU L 154 28.64 -19.06 -1.80
N ILE L 155 28.57 -19.97 -2.78
CA ILE L 155 27.48 -19.92 -3.73
C ILE L 155 26.60 -21.17 -3.74
N ARG L 156 25.31 -20.96 -3.93
CA ARG L 156 24.29 -21.99 -3.95
C ARG L 156 24.45 -23.05 -5.04
N LYS L 157 24.10 -24.28 -4.71
CA LYS L 157 24.17 -25.39 -5.66
C LYS L 157 22.81 -25.53 -6.36
N THR L 158 22.82 -26.05 -7.58
CA THR L 158 21.58 -26.23 -8.33
C THR L 158 20.60 -27.02 -7.46
N PRO L 159 19.43 -26.44 -7.12
CA PRO L 159 18.48 -27.17 -6.28
C PRO L 159 17.76 -28.31 -6.99
#